data_8QPV
#
_entry.id   8QPV
#
_cell.length_a   1.00
_cell.length_b   1.00
_cell.length_c   1.00
_cell.angle_alpha   90.00
_cell.angle_beta   90.00
_cell.angle_gamma   90.00
#
_symmetry.space_group_name_H-M   'P 1'
#
loop_
_entity.id
_entity.type
_entity.pdbx_description
1 polymer 'Outer membrane protein assembly factor BamA'
2 polymer 'Outer membrane protein assembly factor BamB'
3 polymer 'Outer membrane protein assembly factor BamC'
4 polymer 'Outer membrane protein assembly factor BamD'
5 polymer 'Outer membrane protein assembly factor BamE'
6 polymer 'Chaperone SurA,Outer membrane protein X'
#
loop_
_entity_poly.entity_id
_entity_poly.type
_entity_poly.pdbx_seq_one_letter_code
_entity_poly.pdbx_strand_id
1 'polypeptide(L)'
;AEGFVVKDIHFEGLQRVAVGAALLSMPVRTGDTVNDEDISNTIRALFATGNFEDVRVLRDGDTLLVQVKERPTIASITFS
GNKSVKDDMLKQNLEASGVRVGESLDRTTIADIEKGLEDFYYSVGKYSASVKAVVTPLPRNRVDLKLVFQEGVSAEIQQI
NIVGNHAFTTDELISHFQLRDEVPWWNVVGDRKYQKQKLAGDLETLRSYYLDRGYARFNIDSTQVSLTPDKKGIYVTVNI
TEGDQYKLSGVEVSGNLAGHSAEIEQLTKIEPGELYNGTKVTKMEDDIKKLLGRYGYAYPRVQSMPEINDADKTVKLRVN
VDAGNRFYVRKIRFEGNDTSKDAVLRREMRQMEGAWLGSDLVDQGKERLNRLGFFETVDTDTQRVPGSPDQVDVVYKVKE
RNTGCFNFGIGYGTESGVSFQAGVQQDNWLGTGYAVGINGTKNDYQTYAELSVTNPYFTVDGVSLGGRLFYNDFQADDAD
LSDYTNKSYGTDVTLGFPINEYNSLRAGLGYVHNSLSNMQPQVAMWRYLYSMGEHPSTSDQDNSFKTDDFTFNYGWTYNK
LDRGYFPTDGSRVNLTGKVTIPGSDNEYYKVTLDTATYVPIDDDHKWVVLGRTRWGYGDGLGGKEMPFYENFYAGGSSTV
RGFQSNTIGPKAVYFPHQASNYDPDYDYECATQDGAKDLCKSDDAVGGNAMAVASLEFITPTPFISDKYANSVRTSFFWD
MGTVWDTNWDSSQYSGYPDYSDPSNIRMSAGIALQWMSPLGPLVFSYAQPFKKYDGDKAEQFQFNIGKTW
;
A
2 'polypeptide(L)'
;CSLFNSEEDVVKMSPLPTVENQFTPTTAWSTSVGSGIGNFYSNLHPALADNVVYAADRAGLVKALNADDGKEIWSVSLAE
KDGWFSKEPALLSGGVTVSGGHVYIGSEKAQVYALNTSDGTVAWQTKVAGEALSRPVVSDGLVLIHTSNGQLQALNEADG
AVKWTVNLDMPSLSLRGESAPTTAFGAAVVGGDNGRVSAVLMEQGQMIWQQRISQATGSTEIDRLSDVDTTPVVVNGVVF
ALAYNGNLTALDLRSGQIMWKRELGSVNDFIVDGNRIYLVDQNDRVMALTIDGGVTLWTQSDLLHRLLTSPVLYNGNLVV
GDSEGYLHWINVEDGRFVAQQKVDSSGFQTEPVAADGKLLIQAKDGTVYSITR
;
B
3 'polypeptide(L)'
;CSSDSRYKRQVSGDEAYLEAAPLAELHAPAGMILPVTSGDYAIPVTNGSGAVGKALDIRPPAQPLALVSGARTQFTGDTA
SLLVENGRGNTLWPQVVSVLQAKNYTITQRDDAGQTLTTDWVQWNRLDEDEQYRGRYQISVKPQGYQQAVTVKLLNLEQA
GKPVADAASMQRYSTEMMNVISAGLDKSATDAANAAQNRASTTMDVQSAADDTGLPMLVVRGPFNVVWQRLPAALEKVGM
KVTDSTRSQGNMAVTYKPLSDSDWQELGASDPGLASGDYKLQVGDLDNRSSLQFIDPKGHTLTQSQNDALVAVFQAAFSK
;
C
4 'polypeptide(L)'
;CSGSKEEVPDNPPNEIYATAQQKLQDGNWRQAITQLEALDNRYPFGPYSQQVQLDLIYAYYKNADLPLAQAAIDRFIRLN
PTHPNIDYVMYMRGLTNMALDDSALQGFFGVDRSDRDPQHARAAFSDFSKLVRGYPNSQYTTDATKRLVFLKDRLAKYEY
SVAEYYTERGAWVAVVNRVEGMLRDYPDTQATRDALPLMENAYRQMQMNAQAEKVAKIIAANSSNT
;
D
5 'polypeptide(L)'
;CSTLERVVYRPDINQGNYLTANDVSKIRVGMTQQQVAYALGTPLMSDPFGTNTWFYVFRQQPGHEGVTQQTLTLTFNSSG
VLTNIDNKPALSGNGGHHHHHHHH
;
E
6 'polypeptide(L)'
;GSSAWSHPQFEKGGGSGGGSGGSAWSHPQFEKSSGENLYFQGAPQVVDCVAAVVNNGVVLESDVDGLMQSVKLNAAQARQ
QLPDDATLRHQIMERLIMDQIILQMGQKMGVKISDEQLDQAIANIAKQNNMTLDQMRSRLAYDGLNYNTYRNQIRKEMII
SEVRNNEVRRRITILPQEVESLAQQVGNQNDASTELNLSHILIPLPENPTSDQVNEAESQARAIVDQARNGADFGKLAIA
HSADQQALNGGQMGWGRIQELPGIFAQALSTAKKGDIVGPIRSGVGFHILKVNDLRGESKNISVTEVHARHILLKPSPIM
TDEQARVKLEQIAADIKSGKTTFAAAAKEFSQDPGSANQGGDLGWATPDIFDPAFRDALTRLNKGQMSAPVHSSFGWHLI
ELLDTRNVDKTDAAQKDRAYRMLMNRKFSEEAASWMQEQRASAYVKILSN(UNK)(UNK)(UNK)(UNK)(UNK)(UNK)
(UNK)(UNK)(UNK)(UNK)(UNK)(UNK)(UNK)(UNK)(UNK)(UNK)(UNK)(UNK)(UNK)(UNK)(UNK)(UNK)
(UNK)(UNK)(UNK)(UNK)(UNK)ATSTVTGGYAQSDAQGQMNKMGGFNLKYRYEEDNSPLGVIGSFTYTEKSRTASSG
DYNKNQYYGITAGPAYRINDWASIYGVVGVGYGKFQTTEYPTYKHDTSDYGFSYGAGLQFNPMENVALDFSYEQSRIRSV
DVGTWIAGVGYCF
;
F
#
# COMPACT_ATOMS: atom_id res chain seq x y z
N PHE A 4 -31.56 -39.37 -29.47
CA PHE A 4 -31.17 -39.49 -30.87
C PHE A 4 -30.11 -38.46 -31.24
N VAL A 5 -30.11 -38.03 -32.50
CA VAL A 5 -29.09 -37.13 -33.03
C VAL A 5 -29.61 -35.69 -32.98
N VAL A 6 -28.78 -34.79 -32.46
CA VAL A 6 -29.11 -33.37 -32.39
C VAL A 6 -28.54 -32.66 -33.59
N LYS A 7 -29.35 -31.81 -34.23
CA LYS A 7 -28.94 -31.19 -35.48
C LYS A 7 -27.95 -30.04 -35.27
N ASP A 8 -28.16 -29.24 -34.22
CA ASP A 8 -27.36 -28.03 -34.01
C ASP A 8 -27.60 -27.54 -32.59
N ILE A 9 -27.04 -26.36 -32.30
CA ILE A 9 -27.14 -25.73 -30.98
C ILE A 9 -27.75 -24.36 -31.11
N HIS A 10 -28.34 -23.89 -30.01
CA HIS A 10 -28.80 -22.51 -29.88
C HIS A 10 -28.58 -22.06 -28.45
N PHE A 11 -28.13 -20.82 -28.28
CA PHE A 11 -27.79 -20.28 -26.97
C PHE A 11 -28.69 -19.07 -26.71
N GLU A 12 -28.55 -18.49 -25.52
CA GLU A 12 -29.38 -17.33 -25.14
C GLU A 12 -28.51 -16.14 -24.76
N GLY A 13 -27.42 -16.38 -24.04
CA GLY A 13 -26.56 -15.32 -23.56
C GLY A 13 -25.26 -15.26 -24.36
N LEU A 14 -24.91 -14.04 -24.77
CA LEU A 14 -23.73 -13.82 -25.61
C LEU A 14 -22.91 -12.63 -25.13
N GLN A 15 -22.90 -12.37 -23.82
CA GLN A 15 -22.22 -11.17 -23.32
C GLN A 15 -20.71 -11.37 -23.22
N ARG A 16 -20.28 -12.30 -22.38
CA ARG A 16 -18.85 -12.59 -22.24
C ARG A 16 -18.41 -13.81 -23.02
N VAL A 17 -19.34 -14.59 -23.57
CA VAL A 17 -19.04 -15.79 -24.32
C VAL A 17 -19.61 -15.63 -25.73
N ALA A 18 -18.76 -15.82 -26.74
CA ALA A 18 -19.18 -15.71 -28.13
C ALA A 18 -20.00 -16.92 -28.53
N VAL A 19 -20.41 -16.96 -29.80
CA VAL A 19 -21.21 -18.08 -30.29
C VAL A 19 -20.42 -19.39 -30.22
N GLY A 20 -19.21 -19.38 -30.76
CA GLY A 20 -18.38 -20.56 -30.75
C GLY A 20 -17.45 -20.70 -29.57
N ALA A 21 -17.38 -19.70 -28.71
CA ALA A 21 -16.49 -19.77 -27.55
C ALA A 21 -16.87 -20.92 -26.63
N ALA A 22 -18.17 -21.09 -26.37
CA ALA A 22 -18.61 -22.18 -25.51
C ALA A 22 -18.49 -23.53 -26.21
N LEU A 23 -18.55 -23.55 -27.54
CA LEU A 23 -18.47 -24.81 -28.27
C LEU A 23 -17.11 -25.47 -28.12
N LEU A 24 -16.05 -24.67 -28.00
CA LEU A 24 -14.71 -25.22 -27.85
C LEU A 24 -14.55 -26.04 -26.58
N SER A 25 -15.33 -25.75 -25.54
CA SER A 25 -15.19 -26.41 -24.25
C SER A 25 -16.10 -27.63 -24.11
N MET A 26 -17.38 -27.48 -24.49
CA MET A 26 -18.33 -28.56 -24.30
C MET A 26 -17.94 -29.77 -25.15
N PRO A 27 -17.89 -30.97 -24.58
CA PRO A 27 -17.42 -32.14 -25.34
C PRO A 27 -18.49 -32.77 -26.24
N VAL A 28 -19.71 -32.21 -26.27
CA VAL A 28 -20.76 -32.80 -27.10
C VAL A 28 -20.39 -32.67 -28.58
N ARG A 29 -19.73 -31.57 -28.96
CA ARG A 29 -19.27 -31.34 -30.32
C ARG A 29 -20.38 -31.51 -31.34
N THR A 30 -21.39 -30.64 -31.28
CA THR A 30 -22.54 -30.72 -32.18
C THR A 30 -22.09 -30.42 -33.61
N GLY A 31 -22.97 -30.66 -34.58
CA GLY A 31 -22.56 -30.75 -35.95
C GLY A 31 -21.80 -32.02 -36.26
N ASP A 32 -21.75 -32.95 -35.32
CA ASP A 32 -20.95 -34.17 -35.40
C ASP A 32 -21.66 -35.27 -34.63
N THR A 33 -20.91 -36.25 -34.11
CA THR A 33 -21.51 -37.33 -33.28
C THR A 33 -21.93 -36.77 -31.91
N VAL A 34 -23.03 -37.28 -31.33
CA VAL A 34 -23.53 -36.80 -29.99
C VAL A 34 -24.68 -37.70 -29.53
N ASN A 35 -24.72 -38.07 -28.23
CA ASN A 35 -25.86 -38.86 -27.68
C ASN A 35 -25.59 -39.30 -26.23
N ASP A 36 -26.60 -39.92 -25.57
CA ASP A 36 -26.44 -40.48 -24.19
C ASP A 36 -26.56 -39.40 -23.11
N GLU A 37 -26.95 -39.79 -21.88
CA GLU A 37 -27.14 -38.84 -20.74
C GLU A 37 -25.93 -37.91 -20.65
N ASP A 38 -24.81 -38.28 -21.28
CA ASP A 38 -23.63 -37.43 -21.34
C ASP A 38 -23.98 -35.95 -21.37
N ILE A 39 -25.20 -35.59 -21.76
CA ILE A 39 -25.64 -34.19 -21.73
C ILE A 39 -25.45 -33.60 -20.33
N SER A 40 -25.63 -34.42 -19.30
CA SER A 40 -25.32 -33.97 -17.94
C SER A 40 -23.84 -33.61 -17.80
N ASN A 41 -22.96 -34.43 -18.37
CA ASN A 41 -21.53 -34.11 -18.36
C ASN A 41 -21.25 -32.83 -19.15
N THR A 42 -22.00 -32.60 -20.23
CA THR A 42 -21.87 -31.36 -20.97
C THR A 42 -22.25 -30.17 -20.11
N ILE A 43 -23.34 -30.30 -19.35
CA ILE A 43 -23.74 -29.25 -18.41
C ILE A 43 -22.62 -28.98 -17.40
N ARG A 44 -22.06 -30.05 -16.83
CA ARG A 44 -20.99 -29.89 -15.85
C ARG A 44 -19.77 -29.22 -16.48
N ALA A 45 -19.42 -29.60 -17.71
CA ALA A 45 -18.29 -28.99 -18.37
C ALA A 45 -18.53 -27.51 -18.64
N LEU A 46 -19.76 -27.16 -19.05
CA LEU A 46 -20.08 -25.76 -19.29
C LEU A 46 -19.99 -24.95 -18.00
N PHE A 47 -20.48 -25.50 -16.89
CA PHE A 47 -20.43 -24.76 -15.64
C PHE A 47 -19.02 -24.71 -15.04
N ALA A 48 -18.17 -25.68 -15.37
CA ALA A 48 -16.81 -25.68 -14.84
C ALA A 48 -16.02 -24.46 -15.30
N THR A 49 -16.43 -23.82 -16.40
CA THR A 49 -15.76 -22.60 -16.84
C THR A 49 -15.93 -21.49 -15.83
N GLY A 50 -17.10 -21.40 -15.21
CA GLY A 50 -17.41 -20.34 -14.28
C GLY A 50 -17.99 -19.09 -14.92
N ASN A 51 -18.22 -19.09 -16.22
CA ASN A 51 -18.80 -17.96 -16.92
C ASN A 51 -20.31 -18.04 -17.00
N PHE A 52 -20.95 -18.74 -16.08
CA PHE A 52 -22.39 -18.90 -16.08
C PHE A 52 -22.92 -18.82 -14.65
N GLU A 53 -24.20 -18.46 -14.54
CA GLU A 53 -24.92 -18.51 -13.27
C GLU A 53 -26.02 -19.54 -13.24
N ASP A 54 -26.58 -19.91 -14.39
CA ASP A 54 -27.60 -20.94 -14.47
C ASP A 54 -27.65 -21.47 -15.89
N VAL A 55 -27.92 -22.76 -16.02
CA VAL A 55 -27.99 -23.43 -17.32
C VAL A 55 -29.19 -24.36 -17.33
N ARG A 56 -29.86 -24.45 -18.48
CA ARG A 56 -31.09 -25.22 -18.62
C ARG A 56 -31.12 -25.80 -20.03
N VAL A 57 -30.70 -27.04 -20.18
CA VAL A 57 -30.75 -27.70 -21.47
C VAL A 57 -32.18 -28.17 -21.74
N LEU A 58 -32.58 -28.11 -23.02
CA LEU A 58 -33.92 -28.51 -23.40
C LEU A 58 -33.87 -29.05 -24.84
N ARG A 59 -34.72 -30.05 -25.10
CA ARG A 59 -34.77 -30.70 -26.40
C ARG A 59 -36.19 -30.64 -26.95
N ASP A 60 -36.79 -29.44 -26.93
CA ASP A 60 -38.13 -29.27 -27.49
C ASP A 60 -38.19 -29.75 -28.93
N GLY A 61 -37.13 -29.54 -29.69
CA GLY A 61 -37.03 -30.09 -31.03
C GLY A 61 -35.87 -31.06 -31.14
N ASP A 62 -35.17 -31.04 -32.29
CA ASP A 62 -33.99 -31.85 -32.49
C ASP A 62 -32.70 -31.02 -32.41
N THR A 63 -32.79 -29.83 -31.84
CA THR A 63 -31.64 -28.95 -31.66
C THR A 63 -31.52 -28.58 -30.19
N LEU A 64 -30.29 -28.36 -29.75
CA LEU A 64 -30.01 -28.08 -28.34
C LEU A 64 -30.50 -26.67 -28.00
N LEU A 65 -31.59 -26.61 -27.23
CA LEU A 65 -32.11 -25.33 -26.73
C LEU A 65 -31.53 -25.12 -25.34
N VAL A 66 -30.45 -24.36 -25.25
CA VAL A 66 -29.71 -24.19 -24.01
C VAL A 66 -30.04 -22.80 -23.46
N GLN A 67 -30.95 -22.75 -22.50
CA GLN A 67 -31.20 -21.52 -21.74
C GLN A 67 -29.99 -21.24 -20.87
N VAL A 68 -29.47 -20.01 -20.94
CA VAL A 68 -28.28 -19.63 -20.20
C VAL A 68 -28.56 -18.32 -19.49
N LYS A 69 -28.33 -18.30 -18.17
CA LYS A 69 -28.40 -17.09 -17.37
C LYS A 69 -26.98 -16.80 -16.90
N GLU A 70 -26.33 -15.84 -17.54
CA GLU A 70 -24.93 -15.54 -17.27
C GLU A 70 -24.78 -14.74 -15.98
N ARG A 71 -23.61 -14.85 -15.38
CA ARG A 71 -23.34 -14.10 -14.15
C ARG A 71 -23.33 -12.60 -14.45
N PRO A 72 -23.93 -11.80 -13.58
CA PRO A 72 -24.01 -10.36 -13.86
C PRO A 72 -22.65 -9.68 -13.76
N THR A 73 -22.47 -8.66 -14.60
CA THR A 73 -21.32 -7.78 -14.51
C THR A 73 -21.70 -6.57 -13.68
N ILE A 74 -20.89 -6.27 -12.66
CA ILE A 74 -21.26 -5.21 -11.72
C ILE A 74 -21.24 -3.87 -12.44
N ALA A 75 -22.26 -3.05 -12.15
CA ALA A 75 -22.38 -1.74 -12.77
C ALA A 75 -21.65 -0.67 -12.00
N SER A 76 -21.74 -0.69 -10.66
CA SER A 76 -21.05 0.29 -9.84
C SER A 76 -20.87 -0.30 -8.45
N ILE A 77 -19.95 0.30 -7.70
CA ILE A 77 -19.67 -0.09 -6.32
C ILE A 77 -19.94 1.11 -5.43
N THR A 78 -20.70 0.89 -4.36
CA THR A 78 -21.02 1.95 -3.43
C THR A 78 -21.27 1.35 -2.06
N PHE A 79 -21.22 2.20 -1.04
CA PHE A 79 -21.16 1.74 0.34
C PHE A 79 -21.44 2.90 1.28
N SER A 80 -22.07 2.59 2.41
CA SER A 80 -22.49 3.58 3.38
C SER A 80 -22.15 3.12 4.79
N GLY A 81 -21.80 4.07 5.64
CA GLY A 81 -21.51 3.80 7.03
C GLY A 81 -20.03 3.73 7.37
N ASN A 82 -19.16 3.69 6.38
CA ASN A 82 -17.73 3.61 6.64
C ASN A 82 -17.24 4.90 7.27
N LYS A 83 -16.75 4.82 8.50
CA LYS A 83 -16.18 5.98 9.18
C LYS A 83 -14.71 5.79 9.51
N SER A 84 -14.35 4.71 10.20
CA SER A 84 -12.97 4.45 10.53
C SER A 84 -12.15 4.00 9.33
N VAL A 85 -12.81 3.56 8.25
CA VAL A 85 -12.14 3.10 7.05
C VAL A 85 -12.46 4.06 5.91
N LYS A 86 -11.43 4.45 5.17
CA LYS A 86 -11.61 5.38 4.07
C LYS A 86 -11.92 4.63 2.77
N ASP A 87 -12.59 5.34 1.87
CA ASP A 87 -13.00 4.75 0.59
C ASP A 87 -11.80 4.24 -0.21
N ASP A 88 -10.66 4.91 -0.11
CA ASP A 88 -9.48 4.51 -0.87
C ASP A 88 -9.04 3.10 -0.50
N MET A 89 -9.00 2.80 0.79
CA MET A 89 -8.59 1.46 1.23
C MET A 89 -9.58 0.41 0.74
N LEU A 90 -10.88 0.72 0.81
CA LEU A 90 -11.89 -0.24 0.36
C LEU A 90 -11.75 -0.53 -1.13
N LYS A 91 -11.57 0.52 -1.94
CA LYS A 91 -11.47 0.30 -3.38
C LYS A 91 -10.16 -0.39 -3.74
N GLN A 92 -9.08 -0.10 -3.01
CA GLN A 92 -7.83 -0.82 -3.24
C GLN A 92 -7.97 -2.29 -2.90
N ASN A 93 -8.64 -2.60 -1.78
CA ASN A 93 -8.86 -4.01 -1.43
C ASN A 93 -9.72 -4.70 -2.48
N LEU A 94 -10.75 -4.02 -2.97
CA LEU A 94 -11.61 -4.60 -4.00
C LEU A 94 -10.83 -4.87 -5.28
N GLU A 95 -9.95 -3.94 -5.67
CA GLU A 95 -9.08 -4.20 -6.81
C GLU A 95 -8.17 -5.39 -6.53
N ALA A 96 -7.71 -5.54 -5.29
CA ALA A 96 -6.92 -6.69 -4.89
C ALA A 96 -7.78 -7.91 -4.57
N SER A 97 -9.10 -7.76 -4.51
CA SER A 97 -10.01 -8.87 -4.29
C SER A 97 -10.58 -9.44 -5.58
N GLY A 98 -10.15 -8.92 -6.72
CA GLY A 98 -10.64 -9.43 -7.99
C GLY A 98 -12.03 -8.95 -8.36
N VAL A 99 -12.52 -7.87 -7.77
CA VAL A 99 -13.83 -7.31 -8.09
C VAL A 99 -13.67 -5.82 -8.40
N ARG A 100 -14.16 -5.42 -9.57
CA ARG A 100 -14.08 -4.03 -10.00
C ARG A 100 -15.17 -3.78 -11.03
N VAL A 101 -15.51 -2.51 -11.21
CA VAL A 101 -16.55 -2.15 -12.16
C VAL A 101 -16.17 -2.63 -13.55
N GLY A 102 -17.10 -3.31 -14.22
CA GLY A 102 -16.84 -3.92 -15.50
C GLY A 102 -16.35 -5.35 -15.43
N GLU A 103 -16.14 -5.89 -14.23
CA GLU A 103 -15.70 -7.26 -14.05
C GLU A 103 -16.86 -8.12 -13.57
N SER A 104 -16.77 -9.42 -13.85
CA SER A 104 -17.83 -10.34 -13.49
C SER A 104 -17.96 -10.46 -11.97
N LEU A 105 -19.17 -10.78 -11.53
CA LEU A 105 -19.45 -10.97 -10.11
C LEU A 105 -19.56 -12.45 -9.80
N ASP A 106 -18.88 -12.88 -8.75
CA ASP A 106 -18.99 -14.24 -8.23
C ASP A 106 -19.34 -14.20 -6.75
N ARG A 107 -20.35 -14.98 -6.37
CA ARG A 107 -20.89 -14.89 -5.01
C ARG A 107 -19.88 -15.33 -3.96
N THR A 108 -18.89 -16.14 -4.32
CA THR A 108 -17.87 -16.55 -3.35
C THR A 108 -17.07 -15.36 -2.84
N THR A 109 -16.73 -14.42 -3.74
CA THR A 109 -15.99 -13.25 -3.33
C THR A 109 -16.80 -12.36 -2.37
N ILE A 110 -18.13 -12.42 -2.43
CA ILE A 110 -18.94 -11.68 -1.47
C ILE A 110 -18.65 -12.15 -0.05
N ALA A 111 -18.70 -13.47 0.17
CA ALA A 111 -18.38 -14.00 1.50
C ALA A 111 -16.92 -13.77 1.83
N ASP A 112 -16.04 -13.86 0.84
CA ASP A 112 -14.62 -13.61 1.06
C ASP A 112 -14.39 -12.22 1.64
N ILE A 113 -14.94 -11.19 0.98
CA ILE A 113 -14.71 -9.82 1.42
C ILE A 113 -15.49 -9.52 2.69
N GLU A 114 -16.64 -10.16 2.89
CA GLU A 114 -17.35 -10.02 4.16
C GLU A 114 -16.49 -10.50 5.31
N LYS A 115 -15.87 -11.68 5.15
CA LYS A 115 -14.98 -12.19 6.18
C LYS A 115 -13.80 -11.27 6.38
N GLY A 116 -13.22 -10.77 5.29
CA GLY A 116 -12.06 -9.91 5.40
C GLY A 116 -12.37 -8.62 6.15
N LEU A 117 -13.48 -7.97 5.80
CA LEU A 117 -13.85 -6.72 6.46
C LEU A 117 -14.19 -6.95 7.93
N GLU A 118 -14.93 -8.02 8.23
CA GLU A 118 -15.25 -8.32 9.62
C GLU A 118 -13.98 -8.58 10.42
N ASP A 119 -13.02 -9.32 9.85
CA ASP A 119 -11.77 -9.55 10.54
C ASP A 119 -10.99 -8.25 10.74
N PHE A 120 -11.03 -7.35 9.75
CA PHE A 120 -10.33 -6.09 9.92
C PHE A 120 -10.94 -5.26 11.04
N TYR A 121 -12.26 -5.21 11.13
CA TYR A 121 -12.89 -4.48 12.24
C TYR A 121 -12.59 -5.15 13.58
N TYR A 122 -12.55 -6.49 13.61
CA TYR A 122 -12.20 -7.17 14.85
C TYR A 122 -10.76 -6.89 15.25
N SER A 123 -9.88 -6.67 14.26
CA SER A 123 -8.52 -6.28 14.58
C SER A 123 -8.45 -4.83 15.08
N VAL A 124 -9.29 -3.96 14.51
CA VAL A 124 -9.30 -2.56 14.95
C VAL A 124 -9.88 -2.45 16.36
N GLY A 125 -10.93 -3.22 16.65
CA GLY A 125 -11.50 -3.22 17.98
C GLY A 125 -13.01 -3.14 18.01
N LYS A 126 -13.63 -2.88 16.86
CA LYS A 126 -15.09 -2.78 16.77
C LYS A 126 -15.66 -4.19 16.70
N TYR A 127 -15.76 -4.83 17.86
CA TYR A 127 -16.17 -6.23 17.90
C TYR A 127 -17.66 -6.40 17.67
N SER A 128 -18.46 -5.37 17.88
CA SER A 128 -19.89 -5.41 17.56
C SER A 128 -20.13 -4.78 16.20
N ALA A 129 -19.47 -5.32 15.18
CA ALA A 129 -19.57 -4.81 13.82
C ALA A 129 -19.97 -5.93 12.87
N SER A 130 -20.73 -5.56 11.84
CA SER A 130 -21.16 -6.51 10.82
C SER A 130 -21.33 -5.77 9.51
N VAL A 131 -20.77 -6.34 8.43
CA VAL A 131 -20.87 -5.76 7.10
C VAL A 131 -21.83 -6.59 6.27
N LYS A 132 -22.77 -5.91 5.61
CA LYS A 132 -23.76 -6.56 4.77
C LYS A 132 -23.55 -6.15 3.32
N ALA A 133 -23.53 -7.12 2.42
CA ALA A 133 -23.39 -6.86 0.99
C ALA A 133 -24.74 -7.09 0.33
N VAL A 134 -25.26 -6.05 -0.33
CA VAL A 134 -26.53 -6.12 -1.03
C VAL A 134 -26.26 -5.95 -2.52
N VAL A 135 -26.84 -6.83 -3.33
CA VAL A 135 -26.73 -6.76 -4.78
C VAL A 135 -28.11 -6.40 -5.32
N THR A 136 -28.18 -5.29 -6.06
CA THR A 136 -29.43 -4.87 -6.66
C THR A 136 -29.37 -5.15 -8.16
N PRO A 137 -30.26 -5.98 -8.69
CA PRO A 137 -30.24 -6.26 -10.12
C PRO A 137 -30.72 -5.06 -10.94
N LEU A 138 -30.19 -4.96 -12.15
CA LEU A 138 -30.51 -3.93 -13.12
C LEU A 138 -30.77 -4.60 -14.45
N PRO A 139 -31.43 -3.92 -15.38
CA PRO A 139 -31.65 -4.51 -16.71
C PRO A 139 -30.34 -4.81 -17.42
N ARG A 140 -30.40 -5.80 -18.32
CA ARG A 140 -29.26 -6.28 -19.12
C ARG A 140 -28.27 -7.09 -18.28
N ASN A 141 -28.75 -7.78 -17.26
CA ASN A 141 -27.94 -8.71 -16.45
C ASN A 141 -26.71 -8.01 -15.88
N ARG A 142 -26.97 -7.04 -15.01
CA ARG A 142 -25.92 -6.31 -14.31
C ARG A 142 -26.41 -6.02 -12.90
N VAL A 143 -25.47 -5.71 -12.01
CA VAL A 143 -25.79 -5.51 -10.60
C VAL A 143 -25.12 -4.24 -10.08
N ASP A 144 -25.72 -3.68 -9.04
CA ASP A 144 -25.12 -2.59 -8.28
C ASP A 144 -24.86 -3.10 -6.87
N LEU A 145 -23.66 -2.85 -6.36
CA LEU A 145 -23.19 -3.43 -5.11
C LEU A 145 -23.21 -2.36 -4.03
N LYS A 146 -24.02 -2.58 -3.00
CA LYS A 146 -24.13 -1.70 -1.85
C LYS A 146 -23.55 -2.41 -0.63
N LEU A 147 -22.84 -1.66 0.21
CA LEU A 147 -22.25 -2.21 1.42
C LEU A 147 -22.74 -1.42 2.63
N VAL A 148 -23.32 -2.12 3.59
CA VAL A 148 -23.86 -1.52 4.80
C VAL A 148 -22.92 -1.88 5.95
N PHE A 149 -22.38 -0.86 6.61
CA PHE A 149 -21.41 -1.04 7.69
C PHE A 149 -22.08 -0.64 9.00
N GLN A 150 -22.30 -1.62 9.87
CA GLN A 150 -22.86 -1.36 11.19
C GLN A 150 -21.75 -1.30 12.24
N GLU A 151 -20.94 -0.24 12.13
CA GLU A 151 -19.83 -0.03 13.06
C GLU A 151 -20.42 0.36 14.42
N GLY A 152 -20.46 -0.59 15.35
CA GLY A 152 -21.09 -0.34 16.63
C GLY A 152 -20.34 0.59 17.55
N VAL A 153 -19.21 0.13 18.11
CA VAL A 153 -18.48 0.90 19.09
C VAL A 153 -17.09 0.28 19.27
N SER A 154 -16.09 1.13 19.49
CA SER A 154 -14.73 0.64 19.69
C SER A 154 -14.57 0.11 21.11
N ALA A 155 -13.98 -1.08 21.23
CA ALA A 155 -13.67 -1.62 22.54
C ALA A 155 -12.53 -0.85 23.18
N GLU A 156 -12.62 -0.66 24.49
CA GLU A 156 -11.64 0.12 25.24
C GLU A 156 -10.73 -0.82 26.01
N ILE A 157 -9.43 -0.57 25.96
CA ILE A 157 -8.48 -1.41 26.68
C ILE A 157 -8.45 -1.00 28.14
N GLN A 158 -8.32 -1.98 29.03
CA GLN A 158 -8.49 -1.77 30.46
C GLN A 158 -7.17 -1.82 31.22
N GLN A 159 -6.41 -2.90 31.11
CA GLN A 159 -5.16 -2.99 31.85
C GLN A 159 -4.16 -3.82 31.09
N ILE A 160 -2.88 -3.51 31.31
CA ILE A 160 -1.77 -4.32 30.85
C ILE A 160 -1.11 -4.91 32.10
N ASN A 161 -1.09 -6.23 32.18
CA ASN A 161 -0.58 -6.93 33.36
C ASN A 161 0.65 -7.72 32.95
N ILE A 162 1.74 -7.55 33.69
CA ILE A 162 3.03 -8.13 33.33
C ILE A 162 3.38 -9.18 34.38
N VAL A 163 2.36 -9.87 34.90
CA VAL A 163 2.52 -10.86 35.97
C VAL A 163 3.68 -11.79 35.67
N GLY A 164 4.55 -11.98 36.67
CA GLY A 164 5.74 -12.79 36.53
C GLY A 164 7.05 -12.02 36.63
N ASN A 165 7.02 -10.71 36.87
CA ASN A 165 8.23 -9.91 36.99
C ASN A 165 8.61 -9.72 38.45
N HIS A 166 9.92 -9.73 38.72
CA HIS A 166 10.39 -9.52 40.08
C HIS A 166 11.63 -8.62 40.12
N ALA A 167 11.93 -7.91 39.04
CA ALA A 167 13.10 -7.05 39.00
C ALA A 167 12.82 -5.62 38.58
N PHE A 168 11.66 -5.32 38.01
CA PHE A 168 11.34 -3.97 37.58
C PHE A 168 9.89 -3.66 37.91
N THR A 169 9.59 -2.37 37.98
CA THR A 169 8.21 -1.93 38.19
C THR A 169 7.37 -2.25 36.96
N THR A 170 6.16 -2.76 37.20
CA THR A 170 5.25 -3.02 36.09
C THR A 170 4.90 -1.73 35.35
N ASP A 171 4.69 -0.64 36.09
CA ASP A 171 4.41 0.64 35.47
C ASP A 171 5.54 1.10 34.56
N GLU A 172 6.79 0.91 35.03
CA GLU A 172 7.94 1.26 34.19
C GLU A 172 7.97 0.42 32.92
N LEU A 173 7.67 -0.88 33.05
CA LEU A 173 7.67 -1.76 31.89
C LEU A 173 6.61 -1.36 30.87
N ILE A 174 5.40 -1.03 31.35
CA ILE A 174 4.32 -0.70 30.42
C ILE A 174 4.33 0.76 29.98
N SER A 175 5.19 1.58 30.56
CA SER A 175 5.30 2.97 30.10
C SER A 175 5.81 3.01 28.66
N HIS A 176 6.80 2.17 28.33
CA HIS A 176 7.38 2.15 26.99
C HIS A 176 6.44 1.59 25.95
N PHE A 177 5.37 0.92 26.35
CA PHE A 177 4.49 0.26 25.38
C PHE A 177 3.73 1.27 24.54
N GLN A 178 3.52 0.93 23.27
CA GLN A 178 2.72 1.78 22.40
C GLN A 178 1.26 1.79 22.86
N LEU A 179 0.74 0.65 23.28
CA LEU A 179 -0.60 0.59 23.82
C LEU A 179 -0.67 1.31 25.18
N ARG A 180 -1.84 1.83 25.51
CA ARG A 180 -2.02 2.69 26.67
C ARG A 180 -2.93 2.03 27.69
N ASP A 181 -2.45 1.96 28.93
CA ASP A 181 -3.25 1.44 30.03
C ASP A 181 -4.24 2.50 30.52
N GLU A 182 -3.74 3.65 30.93
CA GLU A 182 -4.57 4.77 31.37
C GLU A 182 -4.01 6.04 30.75
N VAL A 183 -4.76 6.65 29.85
CA VAL A 183 -4.32 7.90 29.23
C VAL A 183 -4.33 9.02 30.26
N PRO A 184 -3.27 9.84 30.34
CA PRO A 184 -3.31 10.99 31.25
C PRO A 184 -4.49 11.90 30.96
N TRP A 185 -4.98 12.54 32.02
CA TRP A 185 -6.08 13.50 31.86
C TRP A 185 -5.65 14.68 31.00
N TRP A 186 -4.40 15.11 31.12
CA TRP A 186 -3.88 16.23 30.34
C TRP A 186 -3.24 15.78 29.05
N ASN A 187 -3.96 14.95 28.28
CA ASN A 187 -3.48 14.45 26.99
C ASN A 187 -4.70 14.03 26.18
N VAL A 188 -4.93 14.69 25.06
CA VAL A 188 -6.05 14.38 24.19
C VAL A 188 -5.61 13.75 22.87
N VAL A 189 -4.36 13.98 22.44
CA VAL A 189 -3.88 13.38 21.20
C VAL A 189 -3.84 11.86 21.30
N GLY A 190 -3.68 11.32 22.51
CA GLY A 190 -3.63 9.89 22.71
C GLY A 190 -4.95 9.34 23.23
N ASP A 191 -5.22 8.08 22.87
CA ASP A 191 -6.44 7.39 23.28
C ASP A 191 -6.08 5.95 23.61
N ARG A 192 -7.09 5.10 23.75
CA ARG A 192 -6.91 3.74 24.26
C ARG A 192 -7.53 2.71 23.32
N LYS A 193 -7.25 2.82 22.03
CA LYS A 193 -7.72 1.82 21.09
C LYS A 193 -6.75 0.64 21.04
N TYR A 194 -7.26 -0.52 20.67
CA TYR A 194 -6.49 -1.75 20.62
C TYR A 194 -6.26 -2.14 19.16
N GLN A 195 -5.03 -1.98 18.70
CA GLN A 195 -4.63 -2.37 17.35
C GLN A 195 -3.76 -3.63 17.46
N LYS A 196 -4.08 -4.64 16.65
CA LYS A 196 -3.47 -5.96 16.83
C LYS A 196 -1.95 -5.90 16.67
N GLN A 197 -1.47 -5.13 15.70
CA GLN A 197 -0.02 -5.05 15.47
C GLN A 197 0.70 -4.46 16.66
N LYS A 198 0.04 -3.56 17.40
CA LYS A 198 0.68 -2.90 18.53
C LYS A 198 1.03 -3.92 19.62
N LEU A 199 0.26 -5.00 19.73
CA LEU A 199 0.57 -6.02 20.72
C LEU A 199 1.88 -6.72 20.40
N ALA A 200 2.07 -7.12 19.14
CA ALA A 200 3.35 -7.71 18.75
C ALA A 200 4.47 -6.69 18.95
N GLY A 201 4.21 -5.43 18.59
CA GLY A 201 5.23 -4.40 18.72
C GLY A 201 5.72 -4.23 20.15
N ASP A 202 4.79 -4.11 21.09
CA ASP A 202 5.24 -3.86 22.46
C ASP A 202 5.69 -5.15 23.15
N LEU A 203 5.27 -6.32 22.65
CA LEU A 203 5.92 -7.54 23.13
C LEU A 203 7.40 -7.53 22.75
N GLU A 204 7.71 -7.16 21.51
CA GLU A 204 9.12 -7.06 21.12
C GLU A 204 9.82 -5.95 21.90
N THR A 205 9.09 -4.88 22.24
CA THR A 205 9.67 -3.81 23.05
C THR A 205 10.06 -4.32 24.43
N LEU A 206 9.18 -5.07 25.08
CA LEU A 206 9.50 -5.61 26.40
C LEU A 206 10.66 -6.60 26.32
N ARG A 207 10.65 -7.45 25.30
CA ARG A 207 11.77 -8.38 25.11
C ARG A 207 13.08 -7.63 24.95
N SER A 208 13.09 -6.57 24.15
CA SER A 208 14.27 -5.75 24.01
C SER A 208 14.66 -5.10 25.33
N TYR A 209 13.67 -4.71 26.12
CA TYR A 209 13.96 -4.07 27.42
C TYR A 209 14.72 -5.02 28.34
N TYR A 210 14.32 -6.29 28.37
CA TYR A 210 15.09 -7.21 29.21
C TYR A 210 16.41 -7.65 28.57
N LEU A 211 16.45 -7.82 27.24
CA LEU A 211 17.68 -8.28 26.62
C LEU A 211 18.82 -7.27 26.76
N ASP A 212 18.51 -5.97 26.77
CA ASP A 212 19.56 -4.97 26.86
C ASP A 212 19.85 -4.52 28.29
N ARG A 213 19.59 -5.38 29.28
CA ARG A 213 20.01 -5.10 30.65
C ARG A 213 20.59 -6.35 31.30
N GLY A 214 21.27 -7.17 30.52
CA GLY A 214 21.97 -8.32 31.04
C GLY A 214 21.15 -9.58 31.18
N TYR A 215 19.84 -9.54 30.92
CA TYR A 215 19.02 -10.74 31.02
C TYR A 215 19.04 -11.46 29.68
N ALA A 216 19.61 -12.66 29.65
CA ALA A 216 19.74 -13.44 28.42
C ALA A 216 18.83 -14.65 28.37
N ARG A 217 18.70 -15.39 29.47
CA ARG A 217 17.81 -16.55 29.52
C ARG A 217 16.38 -16.07 29.75
N PHE A 218 15.83 -15.45 28.72
CA PHE A 218 14.52 -14.81 28.80
C PHE A 218 13.63 -15.28 27.66
N ASN A 219 12.33 -15.40 27.94
CA ASN A 219 11.35 -15.75 26.94
C ASN A 219 9.97 -15.36 27.44
N ILE A 220 9.02 -15.28 26.51
CA ILE A 220 7.64 -14.96 26.82
C ILE A 220 6.86 -16.27 26.91
N ASP A 221 6.36 -16.58 28.10
CA ASP A 221 5.65 -17.84 28.29
C ASP A 221 4.35 -17.87 27.49
N SER A 222 3.52 -16.84 27.62
CA SER A 222 2.25 -16.81 26.92
C SER A 222 1.69 -15.39 26.96
N THR A 223 0.70 -15.16 26.09
CA THR A 223 -0.04 -13.91 26.07
C THR A 223 -1.52 -14.20 25.83
N GLN A 224 -2.36 -13.54 26.61
CA GLN A 224 -3.81 -13.71 26.53
C GLN A 224 -4.48 -12.37 26.31
N VAL A 225 -5.50 -12.36 25.46
CA VAL A 225 -6.28 -11.17 25.17
C VAL A 225 -7.72 -11.48 25.58
N SER A 226 -8.05 -11.16 26.82
CA SER A 226 -9.40 -11.38 27.33
C SER A 226 -10.32 -10.26 26.86
N LEU A 227 -11.61 -10.58 26.80
CA LEU A 227 -12.62 -9.65 26.29
C LEU A 227 -13.86 -9.80 27.16
N THR A 228 -14.38 -8.67 27.66
CA THR A 228 -15.53 -8.74 28.55
C THR A 228 -16.77 -9.18 27.77
N PRO A 229 -17.78 -9.75 28.44
CA PRO A 229 -19.00 -10.11 27.72
C PRO A 229 -19.87 -8.89 27.45
N ASP A 230 -19.22 -7.80 27.05
CA ASP A 230 -19.86 -6.57 26.62
C ASP A 230 -19.23 -6.00 25.36
N LYS A 231 -18.10 -6.54 24.92
CA LYS A 231 -17.34 -6.00 23.79
C LYS A 231 -16.92 -4.56 24.03
N LYS A 232 -16.69 -4.21 25.29
CA LYS A 232 -16.20 -2.89 25.67
C LYS A 232 -14.88 -2.91 26.42
N GLY A 233 -14.50 -4.03 27.02
CA GLY A 233 -13.25 -4.09 27.75
C GLY A 233 -12.28 -5.13 27.22
N ILE A 234 -11.09 -4.68 26.87
CA ILE A 234 -10.02 -5.54 26.36
C ILE A 234 -8.95 -5.63 27.43
N TYR A 235 -8.68 -6.83 27.91
CA TYR A 235 -7.66 -7.08 28.90
C TYR A 235 -6.49 -7.80 28.24
N VAL A 236 -5.27 -7.38 28.55
CA VAL A 236 -4.08 -8.00 27.99
C VAL A 236 -3.22 -8.52 29.14
N THR A 237 -2.81 -9.78 29.05
CA THR A 237 -1.95 -10.38 30.05
C THR A 237 -0.79 -11.06 29.36
N VAL A 238 0.41 -10.88 29.91
CA VAL A 238 1.62 -11.50 29.39
C VAL A 238 2.37 -12.16 30.53
N ASN A 239 2.87 -13.37 30.31
CA ASN A 239 3.62 -14.11 31.31
C ASN A 239 5.08 -14.17 30.89
N ILE A 240 5.97 -13.79 31.81
CA ILE A 240 7.39 -13.70 31.50
C ILE A 240 8.17 -14.59 32.46
N THR A 241 9.31 -15.08 31.98
CA THR A 241 10.29 -15.78 32.81
C THR A 241 11.45 -14.83 33.03
N GLU A 242 11.60 -14.37 34.27
CA GLU A 242 12.53 -13.28 34.55
C GLU A 242 13.97 -13.66 34.20
N GLY A 243 14.36 -14.89 34.49
CA GLY A 243 15.75 -15.24 34.27
C GLY A 243 16.65 -14.54 35.28
N ASP A 244 17.90 -14.32 34.88
CA ASP A 244 18.88 -13.70 35.75
C ASP A 244 19.86 -12.91 34.90
N GLN A 245 20.56 -11.98 35.54
CA GLN A 245 21.53 -11.16 34.84
C GLN A 245 22.74 -11.99 34.44
N TYR A 246 23.53 -11.46 33.51
CA TYR A 246 24.69 -12.17 33.01
C TYR A 246 25.81 -11.18 32.70
N LYS A 247 27.01 -11.71 32.49
CA LYS A 247 28.19 -10.91 32.21
C LYS A 247 28.90 -11.47 30.99
N LEU A 248 29.56 -10.57 30.26
CA LEU A 248 30.25 -10.95 29.03
C LEU A 248 31.53 -11.70 29.37
N SER A 249 31.54 -13.01 29.10
CA SER A 249 32.77 -13.77 29.23
C SER A 249 33.81 -13.31 28.21
N GLY A 250 33.38 -13.06 26.99
CA GLY A 250 34.27 -12.61 25.94
C GLY A 250 33.62 -12.74 24.59
N VAL A 251 34.32 -12.22 23.58
CA VAL A 251 33.83 -12.23 22.21
C VAL A 251 34.87 -12.93 21.33
N GLU A 252 34.37 -13.78 20.44
CA GLU A 252 35.21 -14.45 19.47
C GLU A 252 34.64 -14.24 18.08
N VAL A 253 35.46 -13.72 17.18
CA VAL A 253 35.06 -13.49 15.79
C VAL A 253 35.89 -14.43 14.92
N SER A 254 35.21 -15.31 14.20
CA SER A 254 35.85 -16.33 13.37
C SER A 254 35.03 -16.54 12.11
N GLY A 255 35.67 -17.12 11.11
CA GLY A 255 35.03 -17.38 9.84
C GLY A 255 35.96 -17.02 8.71
N ASN A 256 35.38 -16.92 7.50
CA ASN A 256 36.14 -16.57 6.31
C ASN A 256 36.24 -15.05 6.21
N LEU A 257 36.89 -14.47 7.22
CA LEU A 257 37.15 -13.03 7.21
C LEU A 257 38.14 -12.68 6.11
N ALA A 258 37.93 -11.51 5.51
CA ALA A 258 38.83 -11.02 4.48
C ALA A 258 40.07 -10.42 5.14
N GLY A 259 40.93 -9.79 4.35
CA GLY A 259 42.13 -9.17 4.89
C GLY A 259 41.89 -8.03 5.85
N HIS A 260 40.63 -7.71 6.16
CA HIS A 260 40.27 -6.64 7.08
C HIS A 260 40.07 -7.15 8.50
N SER A 261 40.77 -8.20 8.90
CA SER A 261 40.54 -8.80 10.21
C SER A 261 40.92 -7.88 11.35
N ALA A 262 41.96 -7.05 11.17
CA ALA A 262 42.47 -6.23 12.27
C ALA A 262 41.42 -5.23 12.77
N GLU A 263 40.82 -4.47 11.85
CA GLU A 263 39.81 -3.50 12.25
C GLU A 263 38.55 -4.18 12.76
N ILE A 264 38.24 -5.38 12.28
CA ILE A 264 37.12 -6.12 12.83
C ILE A 264 37.39 -6.49 14.28
N GLU A 265 38.62 -6.95 14.57
CA GLU A 265 38.99 -7.27 15.95
C GLU A 265 38.91 -6.03 16.82
N GLN A 266 39.36 -4.88 16.30
CA GLN A 266 39.27 -3.64 17.06
C GLN A 266 37.81 -3.27 17.32
N LEU A 267 36.95 -3.46 16.32
CA LEU A 267 35.53 -3.16 16.48
C LEU A 267 34.89 -4.05 17.53
N THR A 268 35.31 -5.32 17.60
CA THR A 268 34.73 -6.25 18.55
C THR A 268 35.33 -6.15 19.94
N LYS A 269 36.29 -5.25 20.16
CA LYS A 269 36.86 -5.07 21.48
C LYS A 269 35.79 -4.61 22.47
N ILE A 270 35.47 -5.46 23.43
CA ILE A 270 34.44 -5.17 24.42
C ILE A 270 35.10 -5.04 25.79
N GLU A 271 34.67 -4.03 26.54
CA GLU A 271 35.22 -3.81 27.87
C GLU A 271 34.82 -4.96 28.80
N PRO A 272 35.78 -5.60 29.46
CA PRO A 272 35.44 -6.72 30.35
C PRO A 272 34.65 -6.24 31.56
N GLY A 273 33.59 -6.98 31.89
CA GLY A 273 32.70 -6.60 32.96
C GLY A 273 31.45 -5.86 32.53
N GLU A 274 31.15 -5.83 31.24
CA GLU A 274 29.96 -5.15 30.75
C GLU A 274 28.74 -6.06 30.83
N LEU A 275 27.57 -5.45 30.74
CA LEU A 275 26.30 -6.17 30.79
C LEU A 275 25.84 -6.52 29.38
N TYR A 276 25.20 -7.68 29.25
CA TYR A 276 24.74 -8.16 27.96
C TYR A 276 23.65 -7.25 27.41
N ASN A 277 23.80 -6.84 26.15
CA ASN A 277 22.80 -6.02 25.46
C ASN A 277 22.57 -6.62 24.08
N GLY A 278 21.31 -6.95 23.79
CA GLY A 278 20.97 -7.40 22.45
C GLY A 278 21.15 -6.30 21.42
N THR A 279 20.82 -5.06 21.80
CA THR A 279 21.05 -3.94 20.90
C THR A 279 22.53 -3.78 20.59
N LYS A 280 23.38 -4.02 21.59
CA LYS A 280 24.83 -3.91 21.37
C LYS A 280 25.30 -4.93 20.35
N VAL A 281 24.85 -6.18 20.45
CA VAL A 281 25.30 -7.18 19.49
C VAL A 281 24.71 -6.93 18.11
N THR A 282 23.47 -6.42 18.05
CA THR A 282 22.91 -6.05 16.76
C THR A 282 23.71 -4.92 16.12
N LYS A 283 24.12 -3.93 16.92
CA LYS A 283 24.95 -2.86 16.42
C LYS A 283 26.32 -3.38 15.97
N MET A 284 26.87 -4.34 16.70
CA MET A 284 28.13 -4.96 16.29
C MET A 284 27.99 -5.63 14.93
N GLU A 285 26.90 -6.38 14.73
CA GLU A 285 26.69 -7.04 13.45
C GLU A 285 26.50 -6.03 12.32
N ASP A 286 25.71 -4.99 12.56
CA ASP A 286 25.51 -3.98 11.54
C ASP A 286 26.81 -3.27 11.20
N ASP A 287 27.63 -2.98 12.21
CA ASP A 287 28.90 -2.31 11.96
C ASP A 287 29.85 -3.21 11.16
N ILE A 288 29.90 -4.50 11.49
CA ILE A 288 30.73 -5.41 10.71
C ILE A 288 30.25 -5.48 9.27
N LYS A 289 28.92 -5.56 9.08
CA LYS A 289 28.39 -5.62 7.72
C LYS A 289 28.71 -4.35 6.94
N LYS A 290 28.60 -3.19 7.58
CA LYS A 290 28.91 -1.94 6.89
C LYS A 290 30.39 -1.84 6.57
N LEU A 291 31.26 -2.25 7.49
CA LEU A 291 32.69 -2.22 7.23
C LEU A 291 33.06 -3.14 6.07
N LEU A 292 32.45 -4.33 6.01
CA LEU A 292 32.71 -5.22 4.89
C LEU A 292 32.16 -4.64 3.59
N GLY A 293 30.96 -4.05 3.63
CA GLY A 293 30.36 -3.51 2.42
C GLY A 293 31.10 -2.30 1.88
N ARG A 294 31.81 -1.58 2.75
CA ARG A 294 32.61 -0.45 2.28
C ARG A 294 33.72 -0.91 1.34
N TYR A 295 34.33 -2.05 1.65
CA TYR A 295 35.48 -2.52 0.89
C TYR A 295 35.09 -3.38 -0.31
N GLY A 296 33.81 -3.60 -0.55
CA GLY A 296 33.39 -4.28 -1.76
C GLY A 296 32.41 -5.42 -1.56
N TYR A 297 32.56 -6.18 -0.47
CA TYR A 297 31.70 -7.33 -0.25
C TYR A 297 30.30 -6.88 0.15
N ALA A 298 29.40 -6.81 -0.83
CA ALA A 298 28.07 -6.27 -0.59
C ALA A 298 27.10 -7.26 0.02
N TYR A 299 27.42 -8.55 0.00
CA TYR A 299 26.51 -9.59 0.50
C TYR A 299 27.26 -10.53 1.43
N PRO A 300 27.59 -10.07 2.63
CA PRO A 300 28.26 -10.96 3.60
C PRO A 300 27.26 -11.79 4.37
N ARG A 301 27.74 -12.56 5.35
CA ARG A 301 26.87 -13.38 6.19
C ARG A 301 27.43 -13.35 7.60
N VAL A 302 26.73 -12.68 8.52
CA VAL A 302 27.19 -12.50 9.89
C VAL A 302 26.13 -13.07 10.83
N GLN A 303 26.56 -13.93 11.75
CA GLN A 303 25.66 -14.52 12.72
C GLN A 303 26.34 -14.60 14.07
N SER A 304 25.53 -14.69 15.13
CA SER A 304 26.04 -14.69 16.50
C SER A 304 25.26 -15.66 17.35
N MET A 305 25.96 -16.65 17.91
CA MET A 305 25.39 -17.57 18.88
C MET A 305 25.95 -17.27 20.27
N PRO A 306 25.16 -16.74 21.18
CA PRO A 306 25.66 -16.44 22.54
C PRO A 306 25.66 -17.66 23.45
N GLU A 307 26.73 -18.46 23.35
CA GLU A 307 26.83 -19.67 24.16
C GLU A 307 26.97 -19.29 25.64
N ILE A 308 26.05 -19.77 26.46
CA ILE A 308 25.84 -19.23 27.80
C ILE A 308 26.08 -20.33 28.82
N ASN A 309 26.87 -20.00 29.85
CA ASN A 309 27.18 -20.91 30.95
C ASN A 309 26.58 -20.33 32.23
N ASP A 310 25.66 -21.07 32.83
CA ASP A 310 24.97 -20.61 34.04
C ASP A 310 25.77 -20.85 35.31
N ALA A 311 26.84 -21.65 35.26
CA ALA A 311 27.63 -21.91 36.46
C ALA A 311 28.27 -20.64 36.99
N ASP A 312 28.86 -19.85 36.09
CA ASP A 312 29.45 -18.56 36.45
C ASP A 312 28.68 -17.39 35.87
N LYS A 313 27.51 -17.64 35.28
CA LYS A 313 26.67 -16.60 34.69
C LYS A 313 27.41 -15.81 33.62
N THR A 314 28.12 -16.53 32.75
CA THR A 314 28.95 -15.90 31.74
C THR A 314 28.50 -16.31 30.35
N VAL A 315 28.42 -15.34 29.44
CA VAL A 315 28.00 -15.58 28.07
C VAL A 315 29.16 -15.26 27.13
N LYS A 316 29.43 -16.18 26.22
CA LYS A 316 30.47 -16.04 25.21
C LYS A 316 29.81 -15.75 23.88
N LEU A 317 30.19 -14.64 23.25
CA LEU A 317 29.65 -14.25 21.96
C LEU A 317 30.51 -14.86 20.85
N ARG A 318 29.94 -15.79 20.11
CA ARG A 318 30.62 -16.44 19.00
C ARG A 318 30.06 -15.86 17.70
N VAL A 319 30.87 -15.04 17.02
CA VAL A 319 30.46 -14.38 15.79
C VAL A 319 31.05 -15.13 14.62
N ASN A 320 30.20 -15.63 13.74
CA ASN A 320 30.62 -16.30 12.52
C ASN A 320 30.39 -15.36 11.35
N VAL A 321 31.45 -15.06 10.60
CA VAL A 321 31.41 -14.12 9.50
C VAL A 321 31.94 -14.80 8.24
N ASP A 322 31.15 -14.74 7.16
CA ASP A 322 31.57 -15.19 5.84
C ASP A 322 31.51 -14.00 4.91
N ALA A 323 32.67 -13.58 4.41
CA ALA A 323 32.73 -12.38 3.58
C ALA A 323 31.96 -12.56 2.28
N GLY A 324 32.24 -13.64 1.55
CA GLY A 324 31.61 -13.84 0.26
C GLY A 324 32.48 -13.43 -0.90
N ASN A 325 31.86 -12.93 -1.97
CA ASN A 325 32.58 -12.52 -3.17
C ASN A 325 32.44 -11.02 -3.38
N ARG A 326 33.52 -10.38 -3.79
CA ARG A 326 33.48 -8.97 -4.11
C ARG A 326 32.62 -8.72 -5.34
N PHE A 327 31.90 -7.61 -5.35
CA PHE A 327 30.94 -7.31 -6.40
C PHE A 327 31.39 -6.11 -7.21
N TYR A 328 31.34 -6.24 -8.53
CA TYR A 328 31.71 -5.18 -9.45
C TYR A 328 30.47 -4.67 -10.18
N VAL A 329 30.39 -3.37 -10.37
CA VAL A 329 29.23 -2.78 -11.02
C VAL A 329 29.38 -2.93 -12.54
N ARG A 330 28.42 -3.61 -13.16
CA ARG A 330 28.43 -3.77 -14.60
C ARG A 330 28.08 -2.47 -15.31
N LYS A 331 27.03 -1.80 -14.85
CA LYS A 331 26.60 -0.55 -15.46
C LYS A 331 25.65 0.17 -14.52
N ILE A 332 25.56 1.48 -14.69
CA ILE A 332 24.68 2.34 -13.91
C ILE A 332 23.62 2.91 -14.85
N ARG A 333 22.36 2.81 -14.44
CA ARG A 333 21.25 3.29 -15.25
C ARG A 333 20.47 4.35 -14.47
N PHE A 334 19.82 5.24 -15.21
CA PHE A 334 19.05 6.34 -14.64
C PHE A 334 17.63 6.29 -15.21
N GLU A 335 16.64 6.41 -14.32
CA GLU A 335 15.25 6.36 -14.72
C GLU A 335 14.51 7.57 -14.19
N GLY A 336 13.61 8.11 -15.01
CA GLY A 336 12.73 9.17 -14.61
C GLY A 336 13.11 10.56 -15.12
N ASN A 337 14.34 10.75 -15.59
CA ASN A 337 14.80 12.06 -16.02
C ASN A 337 14.28 12.34 -17.43
N ASP A 338 13.00 12.68 -17.51
CA ASP A 338 12.41 13.00 -18.81
C ASP A 338 12.88 14.33 -19.36
N THR A 339 13.41 15.22 -18.51
CA THR A 339 13.87 16.52 -18.95
C THR A 339 15.38 16.69 -18.82
N SER A 340 15.92 16.50 -17.62
CA SER A 340 17.36 16.65 -17.44
C SER A 340 18.11 15.53 -18.16
N LYS A 341 19.18 15.87 -18.85
CA LYS A 341 19.90 14.91 -19.67
C LYS A 341 20.65 13.93 -18.78
N ASP A 342 21.38 13.01 -19.43
CA ASP A 342 22.09 11.98 -18.68
C ASP A 342 23.36 12.51 -18.04
N ALA A 343 24.06 13.44 -18.68
CA ALA A 343 25.32 13.92 -18.15
C ALA A 343 25.13 14.68 -16.84
N VAL A 344 24.05 15.48 -16.74
CA VAL A 344 23.83 16.26 -15.53
C VAL A 344 23.53 15.37 -14.33
N LEU A 345 23.11 14.13 -14.56
CA LEU A 345 22.99 13.16 -13.48
C LEU A 345 24.27 12.37 -13.27
N ARG A 346 24.87 11.88 -14.35
CA ARG A 346 26.04 11.03 -14.24
C ARG A 346 27.25 11.77 -13.67
N ARG A 347 27.28 13.09 -13.78
CA ARG A 347 28.44 13.84 -13.33
C ARG A 347 28.45 14.07 -11.83
N GLU A 348 27.33 13.87 -11.15
CA GLU A 348 27.27 13.99 -9.70
C GLU A 348 27.55 12.68 -8.99
N MET A 349 27.83 11.62 -9.75
CA MET A 349 28.11 10.32 -9.16
C MET A 349 29.49 10.31 -8.49
N ARG A 350 29.64 9.39 -7.53
CA ARG A 350 30.94 9.08 -6.97
C ARG A 350 31.34 7.63 -7.17
N GLN A 351 30.42 6.79 -7.68
CA GLN A 351 30.71 5.38 -7.96
C GLN A 351 30.93 5.25 -9.45
N MET A 352 32.21 5.22 -9.86
CA MET A 352 32.53 5.10 -11.27
C MET A 352 32.14 3.72 -11.79
N GLU A 353 31.66 3.68 -13.03
CA GLU A 353 31.29 2.42 -13.66
C GLU A 353 32.53 1.55 -13.87
N GLY A 354 32.32 0.24 -13.88
CA GLY A 354 33.41 -0.69 -14.06
C GLY A 354 34.42 -0.66 -12.94
N ALA A 355 33.94 -0.67 -11.70
CA ALA A 355 34.81 -0.65 -10.54
C ALA A 355 34.16 -1.46 -9.44
N TRP A 356 34.94 -1.84 -8.44
CA TRP A 356 34.41 -2.62 -7.33
C TRP A 356 33.40 -1.78 -6.54
N LEU A 357 32.31 -2.42 -6.14
CA LEU A 357 31.19 -1.70 -5.54
C LEU A 357 31.57 -1.16 -4.17
N GLY A 358 31.58 0.15 -4.04
CA GLY A 358 31.70 0.78 -2.73
C GLY A 358 30.33 1.18 -2.23
N SER A 359 29.77 0.40 -1.31
CA SER A 359 28.39 0.61 -0.88
C SER A 359 28.19 1.98 -0.22
N ASP A 360 29.25 2.61 0.25
CA ASP A 360 29.14 3.98 0.74
C ASP A 360 29.07 4.98 -0.40
N LEU A 361 29.77 4.72 -1.51
CA LEU A 361 29.80 5.66 -2.62
C LEU A 361 28.44 5.76 -3.30
N VAL A 362 27.69 4.65 -3.36
CA VAL A 362 26.36 4.69 -3.98
C VAL A 362 25.46 5.66 -3.22
N ASP A 363 25.42 5.53 -1.89
CA ASP A 363 24.59 6.42 -1.09
C ASP A 363 25.14 7.84 -1.10
N GLN A 364 26.46 8.01 -1.17
CA GLN A 364 27.01 9.36 -1.27
C GLN A 364 26.57 10.04 -2.55
N GLY A 365 26.60 9.31 -3.67
CA GLY A 365 26.09 9.87 -4.92
C GLY A 365 24.61 10.15 -4.87
N LYS A 366 23.85 9.28 -4.19
CA LYS A 366 22.41 9.54 -4.04
C LYS A 366 22.17 10.82 -3.26
N GLU A 367 22.92 11.04 -2.19
CA GLU A 367 22.81 12.28 -1.43
C GLU A 367 23.18 13.48 -2.29
N ARG A 368 24.27 13.38 -3.06
CA ARG A 368 24.68 14.50 -3.89
C ARG A 368 23.64 14.83 -4.94
N LEU A 369 23.02 13.82 -5.55
CA LEU A 369 21.93 14.08 -6.49
C LEU A 369 20.74 14.70 -5.78
N ASN A 370 20.48 14.28 -4.54
CA ASN A 370 19.35 14.82 -3.80
C ASN A 370 19.60 16.28 -3.41
N ARG A 371 20.86 16.68 -3.30
CA ARG A 371 21.20 18.04 -2.88
C ARG A 371 21.11 19.06 -4.01
N LEU A 372 20.91 18.63 -5.25
CA LEU A 372 20.87 19.59 -6.36
C LEU A 372 19.67 20.52 -6.23
N GLY A 373 18.56 20.02 -5.71
CA GLY A 373 17.39 20.84 -5.44
C GLY A 373 16.27 20.70 -6.45
N PHE A 374 16.50 20.04 -7.57
CA PHE A 374 15.48 19.86 -8.60
C PHE A 374 15.20 18.38 -8.84
N PHE A 375 15.05 17.61 -7.77
CA PHE A 375 14.57 16.24 -7.83
C PHE A 375 13.75 15.97 -6.58
N GLU A 376 12.46 15.65 -6.76
CA GLU A 376 11.58 15.43 -5.63
C GLU A 376 12.06 14.25 -4.79
N THR A 377 12.02 13.06 -5.37
CA THR A 377 12.43 11.84 -4.68
C THR A 377 13.50 11.12 -5.50
N VAL A 378 14.53 10.62 -4.83
CA VAL A 378 15.58 9.84 -5.45
C VAL A 378 15.68 8.50 -4.72
N ASP A 379 15.72 7.42 -5.49
CA ASP A 379 15.71 6.07 -4.95
C ASP A 379 16.82 5.26 -5.59
N THR A 380 17.65 4.63 -4.78
CA THR A 380 18.73 3.80 -5.30
C THR A 380 18.36 2.32 -5.16
N ASP A 381 18.88 1.51 -6.07
CA ASP A 381 18.59 0.08 -6.06
C ASP A 381 19.77 -0.65 -6.69
N THR A 382 20.50 -1.43 -5.91
CA THR A 382 21.64 -2.20 -6.39
C THR A 382 21.20 -3.64 -6.62
N GLN A 383 20.75 -3.94 -7.82
CA GLN A 383 20.11 -5.23 -8.13
C GLN A 383 21.09 -6.15 -8.83
N ARG A 384 21.11 -7.41 -8.40
CA ARG A 384 22.05 -8.37 -8.97
C ARG A 384 21.66 -8.74 -10.39
N VAL A 385 22.68 -8.93 -11.23
CA VAL A 385 22.49 -9.35 -12.62
C VAL A 385 21.94 -10.77 -12.61
N PRO A 386 21.06 -11.15 -13.55
CA PRO A 386 20.58 -12.53 -13.59
C PRO A 386 21.64 -13.54 -14.03
N GLY A 387 22.81 -13.09 -14.47
CA GLY A 387 23.83 -13.99 -14.98
C GLY A 387 24.94 -14.28 -14.01
N SER A 388 26.07 -13.59 -14.18
CA SER A 388 27.28 -13.88 -13.41
C SER A 388 27.03 -13.66 -11.91
N PRO A 389 27.75 -14.38 -11.05
CA PRO A 389 27.55 -14.20 -9.61
C PRO A 389 27.96 -12.82 -9.11
N ASP A 390 29.20 -12.41 -9.38
CA ASP A 390 29.74 -11.18 -8.82
C ASP A 390 29.63 -10.04 -9.83
N GLN A 391 28.39 -9.68 -10.12
CA GLN A 391 28.08 -8.51 -10.93
C GLN A 391 26.79 -7.91 -10.39
N VAL A 392 26.61 -6.61 -10.61
CA VAL A 392 25.44 -5.91 -10.09
C VAL A 392 25.20 -4.66 -10.92
N ASP A 393 23.93 -4.30 -11.09
CA ASP A 393 23.53 -3.09 -11.78
C ASP A 393 22.94 -2.12 -10.77
N VAL A 394 23.42 -0.88 -10.79
CA VAL A 394 22.95 0.15 -9.87
C VAL A 394 21.98 1.03 -10.62
N VAL A 395 20.77 1.18 -10.09
CA VAL A 395 19.69 1.92 -10.73
C VAL A 395 19.30 3.08 -9.82
N TYR A 396 19.23 4.27 -10.41
CA TYR A 396 18.73 5.45 -9.71
C TYR A 396 17.41 5.87 -10.34
N LYS A 397 16.37 6.00 -9.52
CA LYS A 397 15.05 6.40 -9.99
C LYS A 397 14.73 7.75 -9.38
N VAL A 398 14.48 8.74 -10.23
CA VAL A 398 14.23 10.10 -9.80
C VAL A 398 12.91 10.57 -10.39
N LYS A 399 12.22 11.42 -9.64
CA LYS A 399 10.97 12.03 -10.08
C LYS A 399 11.23 13.51 -10.33
N GLU A 400 11.05 13.95 -11.57
CA GLU A 400 11.39 15.32 -11.93
C GLU A 400 10.51 16.31 -11.18
N ARG A 401 11.03 17.52 -11.01
CA ARG A 401 10.32 18.59 -10.33
C ARG A 401 10.36 19.85 -11.19
N ASN A 402 9.22 20.54 -11.27
CA ASN A 402 9.19 21.82 -11.95
C ASN A 402 10.09 22.81 -11.24
N THR A 403 10.84 23.61 -12.00
CA THR A 403 11.90 24.42 -11.45
C THR A 403 11.57 25.91 -11.45
N GLY A 404 11.22 26.49 -12.59
CA GLY A 404 11.04 27.93 -12.70
C GLY A 404 9.73 28.30 -13.37
N CYS A 405 9.57 29.60 -13.58
CA CYS A 405 8.35 30.16 -14.13
C CYS A 405 8.67 31.25 -15.15
N PHE A 406 7.80 31.39 -16.14
CA PHE A 406 7.88 32.44 -17.14
C PHE A 406 6.72 33.40 -16.88
N ASN A 407 7.03 34.66 -16.57
CA ASN A 407 5.99 35.63 -16.29
C ASN A 407 6.10 36.83 -17.21
N PHE A 408 4.93 37.38 -17.57
CA PHE A 408 4.86 38.52 -18.48
C PHE A 408 3.53 39.21 -18.18
N GLY A 409 3.58 40.32 -17.44
CA GLY A 409 2.36 40.98 -17.03
C GLY A 409 2.41 42.49 -17.07
N ILE A 410 1.37 43.11 -17.62
CA ILE A 410 1.19 44.55 -17.59
C ILE A 410 0.19 44.89 -16.48
N GLY A 411 0.59 45.80 -15.59
CA GLY A 411 -0.22 46.11 -14.44
C GLY A 411 -0.50 47.61 -14.33
N TYR A 412 -1.25 47.95 -13.28
CA TYR A 412 -1.63 49.33 -12.96
C TYR A 412 -2.39 49.91 -14.15
N GLY A 413 -1.91 50.96 -14.79
CA GLY A 413 -2.66 51.58 -15.87
C GLY A 413 -3.87 52.34 -15.34
N THR A 414 -4.85 52.51 -16.23
CA THR A 414 -6.10 53.24 -15.92
C THR A 414 -5.79 54.64 -15.40
N GLU A 415 -5.00 55.38 -16.18
CA GLU A 415 -4.56 56.74 -15.95
C GLU A 415 -3.60 56.87 -14.76
N SER A 416 -3.15 55.75 -14.18
CA SER A 416 -2.20 55.80 -13.09
C SER A 416 -0.78 55.47 -13.51
N GLY A 417 -0.61 54.87 -14.70
CA GLY A 417 0.70 54.52 -15.21
C GLY A 417 0.82 53.07 -15.57
N VAL A 418 1.42 52.78 -16.73
CA VAL A 418 1.60 51.40 -17.16
C VAL A 418 2.70 50.74 -16.36
N SER A 419 2.39 49.59 -15.76
CA SER A 419 3.33 48.84 -14.94
C SER A 419 3.57 47.49 -15.63
N PHE A 420 4.59 47.45 -16.49
CA PHE A 420 4.93 46.25 -17.24
C PHE A 420 6.09 45.53 -16.59
N GLN A 421 6.07 44.20 -16.65
CA GLN A 421 7.18 43.41 -16.15
C GLN A 421 7.21 42.07 -16.87
N ALA A 422 8.40 41.49 -16.97
CA ALA A 422 8.56 40.20 -17.62
C ALA A 422 9.82 39.55 -17.07
N GLY A 423 9.88 38.22 -17.17
CA GLY A 423 11.03 37.52 -16.65
C GLY A 423 10.95 36.02 -16.85
N VAL A 424 12.13 35.42 -16.85
CA VAL A 424 12.33 33.97 -16.82
C VAL A 424 13.33 33.68 -15.71
N GLN A 425 13.07 32.63 -14.92
CA GLN A 425 13.94 32.28 -13.80
C GLN A 425 14.02 30.77 -13.77
N GLN A 426 15.11 30.21 -14.30
CA GLN A 426 15.33 28.76 -14.32
C GLN A 426 16.64 28.41 -13.64
N ASP A 427 16.59 27.40 -12.78
CA ASP A 427 17.79 26.78 -12.26
C ASP A 427 18.26 25.63 -13.14
N ASN A 428 17.40 25.11 -14.00
CA ASN A 428 17.72 24.02 -14.92
C ASN A 428 17.11 24.40 -16.27
N TRP A 429 17.88 25.10 -17.09
CA TRP A 429 17.39 25.59 -18.37
C TRP A 429 17.24 24.41 -19.34
N LEU A 430 16.01 23.93 -19.49
CA LEU A 430 15.66 22.86 -20.42
C LEU A 430 16.41 21.57 -20.12
N GLY A 431 16.83 21.37 -18.89
CA GLY A 431 17.58 20.20 -18.52
C GLY A 431 19.06 20.26 -18.85
N THR A 432 19.53 21.37 -19.43
CA THR A 432 20.93 21.50 -19.77
C THR A 432 21.82 21.61 -18.54
N GLY A 433 21.24 21.96 -17.39
CA GLY A 433 22.00 22.22 -16.19
C GLY A 433 22.39 23.66 -15.98
N TYR A 434 22.19 24.52 -16.99
CA TYR A 434 22.49 25.93 -16.84
C TYR A 434 21.52 26.58 -15.86
N ALA A 435 21.97 27.66 -15.25
CA ALA A 435 21.11 28.52 -14.42
C ALA A 435 21.00 29.85 -15.12
N VAL A 436 19.81 30.17 -15.64
CA VAL A 436 19.59 31.38 -16.40
C VAL A 436 18.51 32.20 -15.69
N GLY A 437 18.68 33.52 -15.72
CA GLY A 437 17.69 34.40 -15.16
C GLY A 437 17.67 35.76 -15.85
N ILE A 438 16.50 36.16 -16.35
CA ILE A 438 16.33 37.45 -17.00
C ILE A 438 15.10 38.11 -16.41
N ASN A 439 15.22 39.40 -16.10
CA ASN A 439 14.11 40.12 -15.47
C ASN A 439 14.13 41.56 -15.95
N GLY A 440 13.03 42.01 -16.55
CA GLY A 440 12.92 43.39 -16.97
C GLY A 440 11.58 44.00 -16.65
N THR A 441 11.58 45.13 -15.94
CA THR A 441 10.36 45.85 -15.61
C THR A 441 10.42 47.25 -16.21
N LYS A 442 9.31 47.69 -16.77
CA LYS A 442 9.20 48.96 -17.48
C LYS A 442 7.93 49.66 -17.00
N ASN A 443 8.11 50.76 -16.29
CA ASN A 443 7.01 51.63 -15.89
C ASN A 443 7.48 53.07 -15.96
N ASP A 444 6.52 54.00 -15.92
CA ASP A 444 6.86 55.41 -16.08
C ASP A 444 7.82 55.89 -14.99
N TYR A 445 7.59 55.46 -13.75
CA TYR A 445 8.43 55.92 -12.65
C TYR A 445 9.86 55.38 -12.77
N GLN A 446 10.01 54.10 -13.07
CA GLN A 446 11.36 53.54 -13.09
C GLN A 446 11.43 52.38 -14.08
N THR A 447 12.64 52.13 -14.57
CA THR A 447 12.93 51.05 -15.51
C THR A 447 14.10 50.23 -14.97
N TYR A 448 14.00 48.91 -15.05
CA TYR A 448 15.01 48.01 -14.50
C TYR A 448 15.19 46.82 -15.44
N ALA A 449 16.45 46.43 -15.64
CA ALA A 449 16.72 45.24 -16.44
C ALA A 449 17.92 44.50 -15.86
N GLU A 450 17.88 43.17 -15.92
CA GLU A 450 19.05 42.39 -15.53
C GLU A 450 19.00 41.02 -16.19
N LEU A 451 20.20 40.46 -16.38
CA LEU A 451 20.38 39.17 -17.03
C LEU A 451 21.55 38.47 -16.36
N SER A 452 21.46 37.15 -16.24
CA SER A 452 22.50 36.37 -15.59
C SER A 452 22.50 34.95 -16.11
N VAL A 453 23.69 34.42 -16.39
CA VAL A 453 23.84 33.05 -16.87
C VAL A 453 25.00 32.40 -16.13
N THR A 454 24.77 31.19 -15.63
CA THR A 454 25.78 30.47 -14.86
C THR A 454 25.81 29.01 -15.29
N ASN A 455 27.01 28.52 -15.64
CA ASN A 455 27.24 27.12 -15.94
C ASN A 455 27.96 26.49 -14.75
N PRO A 456 27.33 25.55 -14.03
CA PRO A 456 27.99 24.96 -12.87
C PRO A 456 29.15 24.04 -13.20
N TYR A 457 29.28 23.59 -14.44
CA TYR A 457 30.28 22.59 -14.81
C TYR A 457 31.00 23.01 -16.09
N PHE A 458 31.52 24.23 -16.10
CA PHE A 458 32.27 24.73 -17.26
C PHE A 458 33.36 23.77 -17.67
N THR A 459 34.05 23.15 -16.71
CA THR A 459 34.91 22.01 -16.96
C THR A 459 34.46 20.87 -16.07
N VAL A 460 34.86 19.65 -16.42
CA VAL A 460 34.41 18.47 -15.66
C VAL A 460 35.41 18.28 -14.52
N ASP A 461 35.28 19.15 -13.53
CA ASP A 461 35.79 18.92 -12.18
C ASP A 461 34.86 19.47 -11.12
N GLY A 462 33.90 20.31 -11.49
CA GLY A 462 33.13 21.11 -10.56
C GLY A 462 33.28 22.60 -10.78
N VAL A 463 34.14 23.04 -11.69
CA VAL A 463 34.34 24.46 -11.92
C VAL A 463 33.09 25.08 -12.51
N SER A 464 32.69 26.23 -11.99
CA SER A 464 31.50 26.94 -12.44
C SER A 464 31.89 28.33 -12.92
N LEU A 465 31.24 28.79 -13.99
CA LEU A 465 31.49 30.11 -14.53
C LEU A 465 30.16 30.84 -14.70
N GLY A 466 30.09 32.07 -14.22
CA GLY A 466 28.84 32.81 -14.25
C GLY A 466 29.07 34.26 -14.53
N GLY A 467 28.05 34.91 -15.11
CA GLY A 467 28.13 36.31 -15.44
C GLY A 467 26.76 36.98 -15.34
N ARG A 468 26.80 38.29 -15.15
CA ARG A 468 25.58 39.07 -14.97
C ARG A 468 25.76 40.49 -15.49
N LEU A 469 24.67 41.02 -16.04
CA LEU A 469 24.55 42.42 -16.44
C LEU A 469 23.32 43.01 -15.75
N PHE A 470 23.40 44.28 -15.36
CA PHE A 470 22.27 44.94 -14.74
C PHE A 470 22.23 46.40 -15.13
N TYR A 471 21.02 46.97 -15.14
CA TYR A 471 20.79 48.34 -15.58
C TYR A 471 19.65 48.96 -14.79
N ASN A 472 19.94 50.06 -14.10
CA ASN A 472 18.96 50.87 -13.38
C ASN A 472 19.08 52.30 -13.87
N ASP A 473 17.94 52.92 -14.17
CA ASP A 473 17.88 54.35 -14.46
C ASP A 473 16.46 54.83 -14.22
N PHE A 474 16.31 55.88 -13.42
CA PHE A 474 15.00 56.48 -13.20
C PHE A 474 15.18 57.81 -12.48
N GLN A 475 14.05 58.45 -12.18
CA GLN A 475 14.05 59.72 -11.47
C GLN A 475 14.10 59.49 -9.97
N TYR A 484 15.33 64.95 -8.87
CA TYR A 484 16.02 63.75 -8.41
C TYR A 484 16.05 62.70 -9.51
N THR A 485 17.24 62.18 -9.81
CA THR A 485 17.36 61.12 -10.81
C THR A 485 18.51 60.19 -10.41
N ASN A 486 18.38 58.92 -10.81
CA ASN A 486 19.33 57.89 -10.46
C ASN A 486 19.53 56.90 -11.60
N LYS A 487 20.77 56.78 -12.08
CA LYS A 487 21.14 55.82 -13.10
C LYS A 487 22.27 54.95 -12.59
N SER A 488 22.20 53.65 -12.88
CA SER A 488 23.26 52.74 -12.46
C SER A 488 23.23 51.48 -13.29
N TYR A 489 24.38 51.10 -13.85
CA TYR A 489 24.44 49.88 -14.64
C TYR A 489 25.84 49.31 -14.55
N GLY A 490 25.94 48.00 -14.74
CA GLY A 490 27.21 47.34 -14.56
C GLY A 490 27.18 45.89 -14.95
N THR A 491 28.35 45.26 -14.80
CA THR A 491 28.62 43.92 -15.28
C THR A 491 29.55 43.21 -14.29
N ASP A 492 29.40 41.90 -14.17
CA ASP A 492 30.22 41.12 -13.27
C ASP A 492 30.39 39.70 -13.80
N VAL A 493 31.57 39.13 -13.57
CA VAL A 493 31.88 37.77 -14.02
C VAL A 493 32.66 37.08 -12.90
N THR A 494 32.23 35.87 -12.54
CA THR A 494 32.84 35.10 -11.46
C THR A 494 33.04 33.65 -11.87
N LEU A 495 33.93 32.95 -11.17
CA LEU A 495 34.11 31.53 -11.33
C LEU A 495 34.42 30.90 -9.98
N GLY A 496 34.00 29.64 -9.82
CA GLY A 496 34.16 28.93 -8.58
C GLY A 496 34.66 27.50 -8.76
N PHE A 497 35.33 26.96 -7.74
CA PHE A 497 35.86 25.62 -7.79
C PHE A 497 35.73 24.94 -6.43
N PRO A 498 35.64 23.61 -6.41
CA PRO A 498 35.49 22.88 -5.14
C PRO A 498 36.85 22.63 -4.49
N ILE A 499 36.93 22.90 -3.19
CA ILE A 499 38.13 22.55 -2.43
C ILE A 499 38.11 21.07 -2.07
N ASN A 500 36.96 20.58 -1.61
CA ASN A 500 36.84 19.18 -1.21
C ASN A 500 35.41 18.73 -1.53
N GLU A 501 34.98 17.63 -0.90
CA GLU A 501 33.66 17.08 -1.18
C GLU A 501 32.56 18.12 -1.00
N TYR A 502 32.72 19.03 -0.04
CA TYR A 502 31.62 19.88 0.39
C TYR A 502 31.88 21.35 0.11
N ASN A 503 33.09 21.84 0.36
CA ASN A 503 33.37 23.27 0.28
C ASN A 503 33.48 23.74 -1.17
N SER A 504 33.13 25.00 -1.40
CA SER A 504 33.31 25.63 -2.70
C SER A 504 33.84 27.05 -2.48
N LEU A 505 34.71 27.48 -3.39
CA LEU A 505 35.41 28.75 -3.27
C LEU A 505 35.29 29.51 -4.59
N ARG A 506 34.87 30.77 -4.53
CA ARG A 506 34.58 31.55 -5.72
C ARG A 506 35.38 32.84 -5.73
N ALA A 507 35.76 33.30 -6.92
CA ALA A 507 36.40 34.59 -7.10
C ALA A 507 35.97 35.16 -8.45
N GLY A 508 35.94 36.49 -8.52
CA GLY A 508 35.53 37.13 -9.75
C GLY A 508 35.72 38.63 -9.65
N LEU A 509 35.32 39.32 -10.71
CA LEU A 509 35.52 40.76 -10.80
C LEU A 509 34.40 41.38 -11.62
N GLY A 510 34.19 42.68 -11.40
CA GLY A 510 33.17 43.39 -12.16
C GLY A 510 33.24 44.89 -11.94
N TYR A 511 32.58 45.62 -12.83
CA TYR A 511 32.56 47.07 -12.73
C TYR A 511 31.13 47.59 -12.81
N VAL A 512 30.90 48.69 -12.09
CA VAL A 512 29.60 49.35 -12.04
C VAL A 512 29.82 50.83 -12.31
N HIS A 513 28.77 51.49 -12.77
CA HIS A 513 28.80 52.94 -12.98
C HIS A 513 27.48 53.51 -12.48
N ASN A 514 27.57 54.61 -11.73
CA ASN A 514 26.41 55.25 -11.14
C ASN A 514 26.46 56.74 -11.44
N SER A 515 25.28 57.36 -11.50
CA SER A 515 25.17 58.79 -11.73
C SER A 515 23.81 59.25 -11.22
N LEU A 516 23.83 60.11 -10.20
CA LEU A 516 22.59 60.55 -9.58
C LEU A 516 22.65 62.06 -9.37
N SER A 517 21.48 62.69 -9.49
CA SER A 517 21.41 64.15 -9.52
C SER A 517 20.19 64.63 -8.76
N ASN A 518 20.24 65.90 -8.35
CA ASN A 518 19.13 66.55 -7.64
C ASN A 518 18.72 65.76 -6.40
N MET A 519 19.70 65.27 -5.67
CA MET A 519 19.45 64.40 -4.52
C MET A 519 18.80 65.18 -3.38
N GLN A 520 17.99 64.48 -2.60
CA GLN A 520 17.41 65.09 -1.41
C GLN A 520 18.53 65.42 -0.42
N PRO A 521 18.37 66.47 0.39
CA PRO A 521 19.41 66.81 1.37
C PRO A 521 19.23 66.02 2.65
N GLN A 522 20.24 65.23 3.00
CA GLN A 522 20.23 64.48 4.26
C GLN A 522 21.65 64.21 4.69
N VAL A 523 21.81 64.01 6.00
CA VAL A 523 23.14 64.04 6.62
C VAL A 523 24.05 62.96 6.03
N ALA A 524 23.53 61.76 5.83
CA ALA A 524 24.38 60.62 5.46
C ALA A 524 25.04 60.84 4.10
N MET A 525 24.24 61.21 3.09
CA MET A 525 24.80 61.39 1.75
C MET A 525 25.77 62.57 1.70
N TRP A 526 25.44 63.66 2.40
CA TRP A 526 26.39 64.77 2.46
C TRP A 526 27.69 64.34 3.12
N ARG A 527 27.60 63.52 4.17
CA ARG A 527 28.81 63.01 4.82
C ARG A 527 29.64 62.19 3.84
N TYR A 528 28.98 61.33 3.06
CA TYR A 528 29.71 60.54 2.07
C TYR A 528 30.37 61.43 1.03
N LEU A 529 29.67 62.47 0.56
CA LEU A 529 30.26 63.39 -0.42
C LEU A 529 31.44 64.15 0.17
N TYR A 530 31.34 64.63 1.41
CA TYR A 530 32.46 65.33 2.02
C TYR A 530 33.65 64.40 2.20
N SER A 531 33.38 63.12 2.50
CA SER A 531 34.47 62.15 2.51
C SER A 531 35.08 61.99 1.13
N MET A 532 34.25 61.97 0.09
CA MET A 532 34.74 61.85 -1.28
C MET A 532 35.39 63.12 -1.79
N GLY A 533 35.11 64.27 -1.19
CA GLY A 533 35.71 65.52 -1.59
C GLY A 533 34.81 66.48 -2.33
N GLU A 534 33.51 66.48 -2.06
CA GLU A 534 32.60 67.45 -2.63
C GLU A 534 31.66 67.94 -1.54
N HIS A 535 31.59 69.26 -1.37
CA HIS A 535 30.81 69.89 -0.31
C HIS A 535 29.90 70.97 -0.89
N PRO A 536 28.79 70.57 -1.51
CA PRO A 536 27.85 71.56 -2.05
C PRO A 536 26.96 72.17 -0.98
N SER A 537 26.00 72.98 -1.40
CA SER A 537 25.02 73.56 -0.49
C SER A 537 24.17 72.46 0.14
N THR A 538 23.51 72.81 1.24
CA THR A 538 22.73 71.83 1.98
C THR A 538 21.25 72.15 2.01
N SER A 539 20.87 73.42 2.16
CA SER A 539 19.46 73.76 2.27
C SER A 539 18.74 73.56 0.94
N ASP A 540 19.39 73.93 -0.16
CA ASP A 540 18.84 73.80 -1.51
C ASP A 540 19.70 72.85 -2.31
N GLN A 541 19.07 71.98 -3.10
CA GLN A 541 19.76 70.94 -3.83
C GLN A 541 19.50 71.08 -5.33
N ASP A 542 20.56 71.38 -6.09
CA ASP A 542 20.49 71.32 -7.54
C ASP A 542 21.78 70.74 -8.10
N ASN A 543 22.30 69.69 -7.48
CA ASN A 543 23.61 69.16 -7.80
C ASN A 543 23.50 67.80 -8.48
N SER A 544 24.64 67.34 -8.99
CA SER A 544 24.76 66.06 -9.66
C SER A 544 26.07 65.40 -9.25
N PHE A 545 26.16 64.08 -9.49
CA PHE A 545 27.39 63.36 -9.16
C PHE A 545 27.44 62.09 -9.99
N LYS A 546 28.67 61.70 -10.35
CA LYS A 546 28.95 60.50 -11.13
C LYS A 546 30.07 59.72 -10.47
N THR A 547 30.03 58.40 -10.62
CA THR A 547 31.04 57.54 -10.03
C THR A 547 31.12 56.25 -10.83
N ASP A 548 32.28 55.60 -10.72
CA ASP A 548 32.50 54.31 -11.38
C ASP A 548 33.37 53.49 -10.44
N ASP A 549 33.06 52.20 -10.32
CA ASP A 549 33.74 51.33 -9.37
C ASP A 549 34.14 50.04 -10.06
N PHE A 550 35.43 49.71 -10.02
CA PHE A 550 35.94 48.42 -10.44
C PHE A 550 36.28 47.63 -9.18
N THR A 551 35.69 46.45 -9.03
CA THR A 551 35.80 45.71 -7.79
C THR A 551 36.11 44.24 -8.05
N PHE A 552 36.75 43.63 -7.05
CA PHE A 552 37.07 42.21 -7.02
C PHE A 552 36.29 41.58 -5.86
N ASN A 553 35.57 40.51 -6.14
CA ASN A 553 34.76 39.87 -5.11
C ASN A 553 35.11 38.39 -5.01
N TYR A 554 34.88 37.85 -3.81
CA TYR A 554 35.26 36.50 -3.46
C TYR A 554 34.17 35.91 -2.57
N GLY A 555 34.20 34.60 -2.41
CA GLY A 555 33.20 33.95 -1.60
C GLY A 555 33.56 32.52 -1.30
N TRP A 556 32.85 31.95 -0.32
CA TRP A 556 33.09 30.59 0.12
C TRP A 556 31.81 30.03 0.69
N THR A 557 31.40 28.85 0.22
CA THR A 557 30.17 28.21 0.68
C THR A 557 30.45 26.80 1.13
N TYR A 558 29.98 26.46 2.31
CA TYR A 558 30.00 25.09 2.82
C TYR A 558 28.56 24.62 2.90
N ASN A 559 28.25 23.55 2.18
CA ASN A 559 26.89 23.05 2.05
C ASN A 559 26.85 21.59 2.43
N LYS A 560 25.95 21.23 3.36
CA LYS A 560 25.71 19.83 3.67
C LYS A 560 24.24 19.75 4.09
N LEU A 561 23.38 19.43 3.14
CA LEU A 561 21.95 19.45 3.36
C LEU A 561 21.32 18.16 2.87
N ASP A 562 20.23 17.76 3.53
CA ASP A 562 19.52 16.55 3.12
C ASP A 562 18.93 16.72 1.73
N ARG A 563 18.34 17.89 1.44
CA ARG A 563 17.73 18.15 0.15
C ARG A 563 18.09 19.58 -0.26
N GLY A 564 17.42 20.07 -1.29
CA GLY A 564 17.70 21.40 -1.80
C GLY A 564 16.57 22.38 -1.56
N TYR A 565 15.35 21.88 -1.47
CA TYR A 565 14.17 22.69 -1.21
C TYR A 565 13.61 22.32 0.16
N PHE A 566 13.65 23.29 1.08
CA PHE A 566 13.44 23.16 2.53
C PHE A 566 14.02 21.85 3.05
N PRO A 567 15.35 21.74 3.14
CA PRO A 567 15.96 20.52 3.68
C PRO A 567 15.57 20.31 5.13
N THR A 568 15.98 19.15 5.66
CA THR A 568 15.63 18.75 7.02
C THR A 568 16.83 18.19 7.76
N ASP A 569 18.02 18.70 7.50
CA ASP A 569 19.24 18.21 8.14
C ASP A 569 20.38 19.17 7.81
N GLY A 570 21.50 18.96 8.49
CA GLY A 570 22.74 19.60 8.11
C GLY A 570 22.80 21.10 8.33
N SER A 571 23.65 21.74 7.52
CA SER A 571 23.92 23.16 7.67
C SER A 571 24.53 23.71 6.39
N ARG A 572 24.37 25.02 6.20
CA ARG A 572 24.90 25.73 5.05
C ARG A 572 25.39 27.09 5.51
N VAL A 573 26.66 27.38 5.22
CA VAL A 573 27.25 28.69 5.51
C VAL A 573 27.73 29.29 4.19
N ASN A 574 27.55 30.59 4.05
CA ASN A 574 27.82 31.28 2.79
C ASN A 574 28.42 32.64 3.10
N LEU A 575 29.66 32.86 2.68
CA LEU A 575 30.38 34.10 2.93
C LEU A 575 30.69 34.75 1.61
N THR A 576 30.44 36.05 1.51
CA THR A 576 30.66 36.81 0.28
C THR A 576 31.27 38.16 0.62
N GLY A 577 32.41 38.46 0.01
CA GLY A 577 33.07 39.73 0.29
C GLY A 577 33.61 40.40 -0.95
N LYS A 578 33.29 41.67 -1.13
CA LYS A 578 33.72 42.44 -2.30
C LYS A 578 34.56 43.63 -1.86
N VAL A 579 35.70 43.83 -2.51
CA VAL A 579 36.61 44.92 -2.19
C VAL A 579 36.98 45.64 -3.49
N THR A 580 37.02 46.96 -3.43
CA THR A 580 37.34 47.74 -4.60
C THR A 580 38.82 47.61 -4.95
N ILE A 581 39.12 47.74 -6.24
CA ILE A 581 40.49 47.75 -6.73
C ILE A 581 40.92 49.21 -6.89
N PRO A 582 42.19 49.55 -6.65
CA PRO A 582 42.63 50.93 -6.89
C PRO A 582 42.44 51.33 -8.35
N GLY A 583 42.06 52.59 -8.55
CA GLY A 583 41.73 53.12 -9.85
C GLY A 583 40.28 53.50 -10.02
N SER A 584 39.41 53.00 -9.16
CA SER A 584 38.00 53.35 -9.21
C SER A 584 37.76 54.67 -8.48
N ASP A 585 36.53 55.18 -8.60
CA ASP A 585 36.18 56.43 -7.93
C ASP A 585 35.99 56.25 -6.43
N ASN A 586 35.45 55.11 -5.99
CA ASN A 586 35.23 54.83 -4.59
C ASN A 586 36.14 53.69 -4.15
N GLU A 587 36.38 53.62 -2.84
CA GLU A 587 37.19 52.56 -2.24
C GLU A 587 36.47 52.05 -1.00
N TYR A 588 36.13 50.77 -1.00
CA TYR A 588 35.40 50.18 0.11
C TYR A 588 35.55 48.67 0.10
N TYR A 589 35.04 48.05 1.16
CA TYR A 589 35.01 46.60 1.30
C TYR A 589 33.77 46.18 2.10
N LYS A 590 33.12 45.13 1.63
CA LYS A 590 31.93 44.55 2.24
C LYS A 590 32.17 43.07 2.51
N VAL A 591 31.73 42.60 3.67
CA VAL A 591 31.81 41.19 4.04
C VAL A 591 30.45 40.78 4.62
N THR A 592 29.81 39.79 4.00
CA THR A 592 28.52 39.29 4.46
C THR A 592 28.61 37.79 4.72
N LEU A 593 27.89 37.33 5.73
CA LEU A 593 27.88 35.94 6.13
C LEU A 593 26.45 35.49 6.37
N ASP A 594 26.15 34.25 5.98
CA ASP A 594 24.85 33.64 6.21
C ASP A 594 25.08 32.23 6.73
N THR A 595 24.20 31.77 7.61
CA THR A 595 24.33 30.44 8.19
C THR A 595 22.96 29.90 8.56
N ALA A 596 22.54 28.84 7.88
CA ALA A 596 21.28 28.17 8.18
C ALA A 596 21.59 26.75 8.64
N THR A 597 21.10 26.37 9.80
CA THR A 597 21.35 25.06 10.38
C THR A 597 20.03 24.40 10.74
N TYR A 598 19.92 23.11 10.47
CA TYR A 598 18.72 22.34 10.78
C TYR A 598 19.12 21.21 11.72
N VAL A 599 18.31 20.99 12.76
CA VAL A 599 18.54 19.86 13.65
C VAL A 599 17.25 19.06 13.76
N PRO A 600 17.30 17.75 13.52
CA PRO A 600 16.09 16.94 13.64
C PRO A 600 15.95 16.35 15.04
N ILE A 601 14.71 16.33 15.52
CA ILE A 601 14.39 15.74 16.81
C ILE A 601 13.56 14.47 16.67
N ASP A 602 12.57 14.49 15.78
CA ASP A 602 11.84 13.28 15.46
C ASP A 602 12.72 12.32 14.67
N ASP A 603 12.49 11.02 14.86
CA ASP A 603 13.29 10.02 14.16
C ASP A 603 13.07 10.10 12.65
N ASP A 604 11.81 10.25 12.22
CA ASP A 604 11.47 10.31 10.81
C ASP A 604 11.79 11.65 10.17
N HIS A 605 12.52 12.53 10.87
CA HIS A 605 12.87 13.85 10.36
C HIS A 605 11.64 14.65 9.97
N LYS A 606 10.60 14.56 10.79
CA LYS A 606 9.38 15.34 10.59
C LYS A 606 9.34 16.62 11.41
N TRP A 607 9.90 16.60 12.62
CA TRP A 607 9.97 17.78 13.47
C TRP A 607 11.41 18.27 13.47
N VAL A 608 11.59 19.54 13.11
CA VAL A 608 12.92 20.12 12.92
C VAL A 608 13.00 21.45 13.66
N VAL A 609 14.17 21.73 14.23
CA VAL A 609 14.47 23.04 14.79
C VAL A 609 15.46 23.73 13.86
N LEU A 610 15.12 24.95 13.46
CA LEU A 610 15.87 25.70 12.46
C LEU A 610 16.52 26.90 13.11
N GLY A 611 17.83 27.04 12.93
CA GLY A 611 18.54 28.22 13.38
C GLY A 611 19.14 28.98 12.21
N ARG A 612 18.66 30.19 11.97
CA ARG A 612 19.12 30.99 10.85
C ARG A 612 19.81 32.25 11.39
N THR A 613 20.90 32.64 10.74
CA THR A 613 21.59 33.86 11.15
C THR A 613 22.23 34.51 9.94
N ARG A 614 22.34 35.83 9.99
CA ARG A 614 22.95 36.61 8.94
C ARG A 614 23.71 37.77 9.56
N TRP A 615 24.93 37.99 9.08
CA TRP A 615 25.80 39.04 9.59
C TRP A 615 26.33 39.84 8.41
N GLY A 616 26.63 41.10 8.65
CA GLY A 616 27.14 41.93 7.58
C GLY A 616 27.90 43.15 8.05
N TYR A 617 29.08 43.38 7.48
CA TYR A 617 29.89 44.54 7.77
C TYR A 617 30.32 45.17 6.46
N GLY A 618 30.49 46.49 6.48
CA GLY A 618 30.93 47.20 5.30
C GLY A 618 31.52 48.55 5.67
N ASP A 619 32.63 48.91 5.04
CA ASP A 619 33.29 50.17 5.37
C ASP A 619 34.10 50.62 4.17
N GLY A 620 34.76 51.78 4.32
CA GLY A 620 35.58 52.34 3.28
C GLY A 620 37.06 52.08 3.50
N LEU A 621 37.85 52.47 2.50
CA LEU A 621 39.28 52.31 2.51
C LEU A 621 39.95 53.64 2.21
N GLY A 622 41.02 53.94 2.94
CA GLY A 622 41.75 55.17 2.71
C GLY A 622 41.00 56.44 3.06
N GLY A 623 40.17 56.40 4.09
CA GLY A 623 39.50 57.59 4.58
C GLY A 623 38.25 57.99 3.83
N LYS A 624 37.83 57.23 2.83
CA LYS A 624 36.61 57.52 2.08
C LYS A 624 35.48 56.66 2.63
N GLU A 625 34.32 57.27 2.81
CA GLU A 625 33.19 56.55 3.41
C GLU A 625 32.62 55.53 2.44
N MET A 626 31.94 54.54 3.00
CA MET A 626 31.23 53.57 2.18
C MET A 626 30.08 54.25 1.45
N PRO A 627 29.92 53.98 0.15
CA PRO A 627 28.81 54.59 -0.60
C PRO A 627 27.46 54.19 -0.01
N PHE A 628 26.52 55.12 -0.08
CA PHE A 628 25.21 54.93 0.54
C PHE A 628 24.23 54.15 -0.33
N TYR A 629 24.57 53.89 -1.59
CA TYR A 629 23.67 53.15 -2.47
C TYR A 629 23.84 51.65 -2.35
N GLU A 630 24.63 51.17 -1.40
CA GLU A 630 24.87 49.75 -1.20
C GLU A 630 24.85 49.39 0.28
N ASN A 631 24.09 50.15 1.07
CA ASN A 631 24.02 49.88 2.50
C ASN A 631 23.21 48.62 2.78
N PHE A 632 23.37 48.09 3.98
CA PHE A 632 22.58 46.95 4.41
C PHE A 632 21.16 47.38 4.78
N TYR A 633 20.25 46.41 4.77
CA TYR A 633 18.86 46.67 5.11
C TYR A 633 18.33 45.50 5.92
N ALA A 634 17.07 45.57 6.30
CA ALA A 634 16.44 44.53 7.10
C ALA A 634 14.93 44.60 6.88
N GLY A 635 14.19 43.89 7.72
CA GLY A 635 12.74 43.87 7.59
C GLY A 635 12.28 43.04 6.41
N GLY A 636 10.98 43.14 6.14
CA GLY A 636 10.42 42.36 5.06
C GLY A 636 10.51 40.88 5.36
N SER A 637 10.44 40.08 4.31
CA SER A 637 10.65 38.65 4.43
C SER A 637 12.14 38.36 4.34
N SER A 638 12.50 37.08 4.47
CA SER A 638 13.89 36.61 4.48
C SER A 638 14.69 37.15 5.67
N THR A 639 14.05 37.90 6.54
CA THR A 639 14.66 38.53 7.72
C THR A 639 13.59 38.55 8.81
N VAL A 640 13.78 39.39 9.81
CA VAL A 640 12.72 39.62 10.78
C VAL A 640 11.48 40.09 10.02
N ARG A 641 10.44 39.28 10.03
CA ARG A 641 9.28 39.51 9.19
C ARG A 641 8.15 40.14 9.99
N GLY A 642 7.49 41.12 9.38
CA GLY A 642 6.39 41.82 9.99
C GLY A 642 6.62 43.29 10.25
N PHE A 643 7.70 43.91 9.75
CA PHE A 643 7.92 45.33 10.00
C PHE A 643 7.71 46.14 8.72
N GLN A 644 8.53 45.93 7.69
CA GLN A 644 8.41 46.53 6.37
C GLN A 644 9.55 46.07 5.48
N SER A 645 9.51 46.44 4.20
CA SER A 645 10.61 46.14 3.29
C SER A 645 11.66 47.24 3.40
N ASN A 646 12.82 46.90 3.98
CA ASN A 646 13.97 47.79 4.05
C ASN A 646 13.63 49.10 4.78
N THR A 647 13.30 48.96 6.07
CA THR A 647 13.05 50.13 6.91
C THR A 647 13.75 50.08 8.26
N ILE A 648 14.24 48.94 8.72
CA ILE A 648 14.82 48.85 10.05
C ILE A 648 16.17 49.56 10.08
N GLY A 649 16.39 50.35 11.13
CA GLY A 649 17.68 50.91 11.38
C GLY A 649 17.72 52.42 11.33
N PRO A 650 18.85 52.97 10.89
CA PRO A 650 19.00 54.43 10.84
C PRO A 650 17.93 55.07 9.96
N LYS A 651 17.43 56.22 10.39
CA LYS A 651 16.43 56.97 9.65
C LYS A 651 17.07 58.23 9.09
N ALA A 652 16.74 58.54 7.83
CA ALA A 652 17.27 59.75 7.21
C ALA A 652 16.73 60.99 7.90
N VAL A 653 17.61 61.95 8.16
CA VAL A 653 17.23 63.25 8.70
C VAL A 653 17.68 64.33 7.72
N TYR A 654 16.74 65.18 7.35
CA TYR A 654 16.94 66.13 6.27
C TYR A 654 17.35 67.49 6.82
N PHE A 655 18.26 68.16 6.11
CA PHE A 655 18.61 69.54 6.40
C PHE A 655 17.42 70.41 6.01
N PRO A 656 17.29 71.62 6.56
CA PRO A 656 16.11 72.44 6.24
C PRO A 656 15.97 72.68 4.75
N HIS A 657 14.74 72.63 4.27
CA HIS A 657 14.43 72.66 2.85
C HIS A 657 14.41 74.09 2.34
N GLN A 658 14.72 74.25 1.05
CA GLN A 658 14.85 75.55 0.42
C GLN A 658 14.24 75.51 -0.97
N ALA A 659 14.60 76.47 -1.82
CA ALA A 659 14.11 76.49 -3.20
C ALA A 659 14.27 75.13 -3.86
N SER A 660 15.46 74.54 -3.75
CA SER A 660 15.69 73.13 -4.07
C SER A 660 15.17 72.76 -5.46
N ASN A 661 14.21 71.84 -5.50
CA ASN A 661 13.58 71.37 -6.72
C ASN A 661 12.18 71.97 -6.82
N TYR A 662 11.44 71.54 -7.83
CA TYR A 662 10.08 72.04 -8.01
C TYR A 662 9.15 71.46 -6.95
N ASP A 663 8.54 72.34 -6.17
CA ASP A 663 7.72 71.96 -5.02
C ASP A 663 6.27 72.35 -5.26
N PRO A 664 5.44 71.42 -5.73
CA PRO A 664 4.03 71.74 -5.96
C PRO A 664 3.29 71.92 -4.64
N ASP A 665 2.19 72.66 -4.71
CA ASP A 665 1.29 72.77 -3.56
C ASP A 665 0.47 71.49 -3.42
N TYR A 666 0.15 71.15 -2.17
CA TYR A 666 -0.53 69.92 -1.77
C TYR A 666 0.29 68.68 -2.06
N ASP A 667 1.52 68.82 -2.55
CA ASP A 667 2.44 67.72 -2.79
C ASP A 667 3.82 68.12 -2.29
N TYR A 668 4.79 67.21 -2.45
CA TYR A 668 6.17 67.43 -2.05
C TYR A 668 6.25 67.85 -0.58
N GLU A 669 5.45 67.20 0.25
CA GLU A 669 5.47 67.47 1.70
C GLU A 669 6.51 66.59 2.40
N CYS A 670 7.78 66.88 2.14
CA CYS A 670 8.87 66.11 2.73
C CYS A 670 9.59 66.92 3.80
N LEU A 679 16.76 70.47 11.21
CA LEU A 679 16.82 69.07 10.79
C LEU A 679 15.64 68.29 11.34
N CYS A 680 14.64 68.08 10.50
CA CYS A 680 13.43 67.38 10.92
C CYS A 680 13.61 65.87 10.81
N LYS A 681 13.09 65.15 11.79
CA LYS A 681 13.14 63.69 11.77
C LYS A 681 12.03 63.13 10.90
N SER A 682 12.38 62.18 10.04
CA SER A 682 11.42 61.50 9.18
C SER A 682 11.48 60.00 9.43
N ASP A 683 10.37 59.30 9.17
CA ASP A 683 10.34 57.87 9.37
C ASP A 683 11.05 57.10 8.26
N ASP A 684 11.45 57.80 7.20
CA ASP A 684 12.16 57.17 6.10
C ASP A 684 13.50 56.61 6.58
N ALA A 685 13.89 55.47 6.02
CA ALA A 685 15.11 54.78 6.42
C ALA A 685 16.11 54.77 5.28
N VAL A 686 17.39 54.68 5.64
CA VAL A 686 18.46 54.67 4.66
C VAL A 686 19.38 53.46 4.78
N GLY A 687 19.44 52.81 5.94
CA GLY A 687 20.26 51.61 6.09
C GLY A 687 21.70 51.90 6.45
N GLY A 688 22.20 51.23 7.48
CA GLY A 688 23.56 51.43 7.95
C GLY A 688 24.55 50.56 7.22
N ASN A 689 25.70 50.35 7.86
CA ASN A 689 26.74 49.50 7.30
C ASN A 689 27.20 48.47 8.33
N ALA A 690 26.25 47.95 9.10
CA ALA A 690 26.54 46.85 10.03
C ALA A 690 25.20 46.23 10.43
N MET A 691 25.02 44.95 10.11
CA MET A 691 23.75 44.27 10.24
C MET A 691 23.93 42.93 10.93
N ALA A 692 22.97 42.56 11.75
CA ALA A 692 22.98 41.24 12.38
C ALA A 692 21.55 40.82 12.68
N VAL A 693 21.12 39.69 12.10
CA VAL A 693 19.81 39.14 12.35
C VAL A 693 19.93 37.65 12.64
N ALA A 694 18.94 37.13 13.35
CA ALA A 694 18.91 35.72 13.71
C ALA A 694 17.47 35.32 13.92
N SER A 695 17.24 34.00 13.93
CA SER A 695 15.88 33.49 14.00
C SER A 695 15.92 32.02 14.37
N LEU A 696 14.90 31.58 15.12
CA LEU A 696 14.71 30.19 15.46
C LEU A 696 13.29 29.77 15.08
N GLU A 697 13.18 28.58 14.50
CA GLU A 697 11.90 28.08 14.02
C GLU A 697 11.70 26.65 14.48
N PHE A 698 10.45 26.30 14.74
CA PHE A 698 10.03 24.94 15.02
C PHE A 698 9.09 24.49 13.91
N ILE A 699 9.34 23.30 13.36
CA ILE A 699 8.61 22.81 12.19
C ILE A 699 7.64 21.72 12.63
N THR A 700 6.39 21.85 12.20
CA THR A 700 5.38 20.83 12.45
C THR A 700 4.66 20.48 11.16
N PRO A 701 4.21 19.24 11.02
CA PRO A 701 3.42 18.87 9.84
C PRO A 701 2.07 19.56 9.85
N THR A 702 1.53 19.75 8.66
CA THR A 702 0.20 20.34 8.54
C THR A 702 -0.84 19.41 9.14
N PRO A 703 -1.65 19.86 10.08
CA PRO A 703 -2.59 18.95 10.74
C PRO A 703 -3.90 18.78 9.99
N PHE A 704 -3.93 19.20 8.73
CA PHE A 704 -5.16 19.14 7.93
C PHE A 704 -5.01 18.33 6.65
N ILE A 705 -3.85 17.72 6.40
CA ILE A 705 -3.61 16.95 5.19
C ILE A 705 -2.92 15.64 5.58
N SER A 706 -2.60 14.83 4.57
CA SER A 706 -1.93 13.56 4.74
C SER A 706 -0.61 13.54 3.99
N ASP A 707 0.03 12.38 3.95
CA ASP A 707 1.33 12.23 3.31
C ASP A 707 1.29 12.43 1.80
N LYS A 708 0.11 12.35 1.18
CA LYS A 708 0.01 12.58 -0.26
C LYS A 708 0.47 13.98 -0.64
N TYR A 709 0.38 14.94 0.28
CA TYR A 709 0.84 16.30 0.04
C TYR A 709 1.86 16.77 1.07
N ALA A 710 2.19 15.95 2.06
CA ALA A 710 3.01 16.39 3.19
C ALA A 710 4.45 16.68 2.81
N ASN A 711 4.88 16.31 1.61
CA ASN A 711 6.24 16.60 1.16
C ASN A 711 6.35 17.99 0.53
N SER A 712 5.26 18.74 0.45
CA SER A 712 5.26 20.04 -0.20
C SER A 712 4.82 21.19 0.69
N VAL A 713 4.28 20.93 1.88
CA VAL A 713 3.75 21.97 2.76
C VAL A 713 4.53 21.93 4.07
N ARG A 714 4.99 23.10 4.51
CA ARG A 714 5.73 23.22 5.75
C ARG A 714 5.10 24.29 6.61
N THR A 715 4.87 23.98 7.89
CA THR A 715 4.32 24.91 8.86
C THR A 715 5.32 25.12 9.98
N SER A 716 5.53 26.38 10.37
CA SER A 716 6.57 26.69 11.33
C SER A 716 6.11 27.78 12.29
N PHE A 717 6.62 27.70 13.51
CA PHE A 717 6.50 28.76 14.51
C PHE A 717 7.87 29.40 14.67
N PHE A 718 7.95 30.72 14.50
CA PHE A 718 9.24 31.38 14.45
C PHE A 718 9.34 32.53 15.45
N TRP A 719 10.57 32.74 15.92
CA TRP A 719 10.97 33.91 16.69
C TRP A 719 12.16 34.54 15.98
N ASP A 720 12.12 35.85 15.78
CA ASP A 720 13.09 36.56 14.97
C ASP A 720 13.62 37.77 15.73
N MET A 721 14.92 38.02 15.60
CA MET A 721 15.54 39.22 16.14
C MET A 721 16.45 39.81 15.09
N GLY A 722 16.54 41.14 15.07
CA GLY A 722 17.34 41.80 14.06
C GLY A 722 17.75 43.18 14.48
N THR A 723 18.90 43.61 13.96
CA THR A 723 19.39 44.95 14.23
C THR A 723 20.34 45.38 13.13
N VAL A 724 20.47 46.69 12.98
CA VAL A 724 21.36 47.30 12.00
C VAL A 724 21.67 48.71 12.46
N TRP A 725 22.90 49.16 12.23
CA TRP A 725 23.34 50.45 12.73
C TRP A 725 24.38 51.04 11.81
N ASP A 726 24.61 52.34 11.96
CA ASP A 726 25.59 53.08 11.18
C ASP A 726 26.85 53.30 12.00
N THR A 727 28.00 52.94 11.44
CA THR A 727 29.24 53.01 12.17
C THR A 727 29.83 54.42 12.23
N ASN A 728 29.27 55.37 11.50
CA ASN A 728 29.73 56.76 11.53
C ASN A 728 28.86 57.55 12.50
N TRP A 729 29.48 58.08 13.54
CA TRP A 729 28.76 58.77 14.59
C TRP A 729 29.31 60.17 14.80
N ASP A 730 28.41 61.13 15.01
CA ASP A 730 28.77 62.52 15.25
C ASP A 730 28.33 62.90 16.65
N SER A 731 29.28 63.44 17.44
CA SER A 731 28.92 63.99 18.74
C SER A 731 28.16 65.29 18.60
N SER A 732 28.40 66.03 17.52
CA SER A 732 27.77 67.33 17.32
C SER A 732 26.42 67.19 16.63
N GLN A 733 26.41 66.60 15.43
CA GLN A 733 25.18 66.52 14.65
C GLN A 733 24.14 65.66 15.35
N TYR A 734 24.56 64.55 15.95
CA TYR A 734 23.66 63.63 16.63
C TYR A 734 23.50 63.96 18.12
N SER A 735 23.70 65.23 18.50
CA SER A 735 23.61 65.59 19.92
C SER A 735 22.20 65.38 20.46
N GLY A 736 21.19 65.74 19.69
CA GLY A 736 19.82 65.64 20.16
C GLY A 736 18.96 64.70 19.35
N TYR A 737 19.55 63.60 18.88
CA TYR A 737 18.89 62.61 18.06
C TYR A 737 19.22 61.21 18.58
N PRO A 738 18.38 60.23 18.27
CA PRO A 738 18.61 58.88 18.80
C PRO A 738 19.95 58.31 18.36
N ASP A 739 20.52 57.46 19.21
CA ASP A 739 21.85 56.90 18.99
C ASP A 739 21.75 55.78 17.96
N TYR A 740 21.84 56.16 16.69
CA TYR A 740 21.88 55.15 15.62
C TYR A 740 23.11 54.27 15.74
N SER A 741 24.26 54.85 16.04
CA SER A 741 25.49 54.08 16.12
C SER A 741 25.49 53.09 17.28
N ASP A 742 24.54 53.20 18.20
CA ASP A 742 24.46 52.27 19.32
C ASP A 742 23.79 50.98 18.86
N PRO A 743 24.48 49.83 18.91
CA PRO A 743 23.87 48.57 18.51
C PRO A 743 23.02 47.90 19.57
N SER A 744 23.10 48.36 20.83
CA SER A 744 22.48 47.63 21.93
C SER A 744 20.96 47.55 21.83
N ASN A 745 20.35 48.39 21.01
CA ASN A 745 18.91 48.34 20.80
C ASN A 745 18.57 47.44 19.62
N ILE A 746 17.59 46.56 19.81
CA ILE A 746 17.27 45.49 18.88
C ILE A 746 15.78 45.52 18.56
N ARG A 747 15.42 44.92 17.43
CA ARG A 747 14.03 44.74 17.04
C ARG A 747 13.69 43.26 17.09
N MET A 748 12.48 42.94 17.54
CA MET A 748 12.10 41.56 17.75
C MET A 748 10.69 41.30 17.23
N SER A 749 10.46 40.06 16.79
CA SER A 749 9.16 39.67 16.26
C SER A 749 8.99 38.17 16.47
N ALA A 750 7.75 37.71 16.30
CA ALA A 750 7.44 36.28 16.38
C ALA A 750 6.13 36.05 15.66
N GLY A 751 5.93 34.80 15.22
CA GLY A 751 4.69 34.48 14.53
C GLY A 751 4.70 33.08 13.95
N ILE A 752 3.80 32.88 12.98
CA ILE A 752 3.60 31.61 12.31
C ILE A 752 3.84 31.79 10.82
N ALA A 753 4.41 30.77 10.17
CA ALA A 753 4.73 30.81 8.76
C ALA A 753 4.28 29.52 8.08
N LEU A 754 3.82 29.66 6.83
CA LEU A 754 3.38 28.54 6.02
C LEU A 754 4.05 28.65 4.66
N GLN A 755 4.68 27.55 4.22
CA GLN A 755 5.35 27.49 2.93
C GLN A 755 4.79 26.32 2.13
N TRP A 756 4.71 26.50 0.82
CA TRP A 756 4.13 25.48 -0.05
C TRP A 756 4.78 25.55 -1.42
N MET A 757 5.25 24.41 -1.92
CA MET A 757 5.78 24.29 -3.27
C MET A 757 4.62 24.31 -4.24
N SER A 758 4.09 25.51 -4.46
CA SER A 758 2.94 25.66 -5.33
C SER A 758 3.34 25.41 -6.78
N PRO A 759 2.38 25.05 -7.63
CA PRO A 759 2.68 24.87 -9.06
C PRO A 759 3.20 26.13 -9.74
N LEU A 760 3.22 27.27 -9.04
CA LEU A 760 3.81 28.49 -9.55
C LEU A 760 5.12 28.83 -8.85
N GLY A 761 5.76 27.85 -8.23
CA GLY A 761 6.97 28.07 -7.48
C GLY A 761 6.73 28.08 -5.99
N PRO A 762 7.76 28.42 -5.21
CA PRO A 762 7.61 28.46 -3.75
C PRO A 762 6.92 29.74 -3.31
N LEU A 763 5.89 29.59 -2.47
CA LEU A 763 5.09 30.70 -1.98
C LEU A 763 5.14 30.65 -0.45
N VAL A 764 5.42 31.78 0.17
CA VAL A 764 5.47 31.82 1.63
C VAL A 764 4.45 32.83 2.17
N PHE A 765 3.65 32.37 3.12
CA PHE A 765 2.68 33.17 3.86
C PHE A 765 3.22 33.34 5.27
N SER A 766 2.98 34.50 5.88
CA SER A 766 3.39 34.69 7.25
C SER A 766 2.48 35.69 7.95
N TYR A 767 2.13 35.36 9.19
CA TYR A 767 1.51 36.29 10.13
C TYR A 767 2.44 36.47 11.31
N ALA A 768 2.79 37.72 11.60
CA ALA A 768 3.77 38.01 12.65
C ALA A 768 3.34 39.27 13.38
N GLN A 769 2.90 39.12 14.62
CA GLN A 769 2.58 40.27 15.44
C GLN A 769 3.87 40.99 15.82
N PRO A 770 3.98 42.30 15.55
CA PRO A 770 5.18 43.04 15.93
C PRO A 770 5.44 42.96 17.42
N PHE A 771 6.54 42.34 17.82
CA PHE A 771 6.82 42.13 19.24
C PHE A 771 7.45 43.36 19.86
N LYS A 772 8.58 43.80 19.32
CA LYS A 772 9.28 44.97 19.84
C LYS A 772 9.83 45.77 18.67
N LYS A 773 9.31 46.98 18.50
CA LYS A 773 9.64 47.88 17.39
C LYS A 773 9.95 49.25 17.96
N TYR A 774 10.45 50.14 17.11
CA TYR A 774 10.82 51.49 17.51
C TYR A 774 10.07 52.49 16.63
N ASP A 775 10.45 53.75 16.73
CA ASP A 775 9.80 54.80 15.95
C ASP A 775 10.08 54.63 14.46
N GLY A 776 9.07 54.96 13.65
CA GLY A 776 9.22 54.93 12.21
C GLY A 776 9.40 53.54 11.62
N ASP A 777 8.62 52.57 12.10
CA ASP A 777 8.72 51.20 11.62
C ASP A 777 7.56 50.76 10.73
N LYS A 778 6.35 51.23 11.01
CA LYS A 778 5.17 50.91 10.21
C LYS A 778 5.00 49.40 10.07
N ALA A 779 5.09 48.71 11.21
CA ALA A 779 5.09 47.26 11.22
C ALA A 779 3.77 46.69 10.72
N GLU A 780 3.85 45.63 9.93
CA GLU A 780 2.69 45.02 9.29
C GLU A 780 2.46 43.61 9.85
N GLN A 781 1.33 42.99 9.49
CA GLN A 781 0.94 41.71 10.06
C GLN A 781 1.02 40.60 9.02
N PHE A 782 0.31 40.72 7.90
CA PHE A 782 0.31 39.70 6.86
C PHE A 782 1.45 39.98 5.89
N GLN A 783 2.15 38.92 5.49
CA GLN A 783 3.25 39.05 4.55
C GLN A 783 3.26 37.87 3.59
N PHE A 784 3.31 38.17 2.31
CA PHE A 784 3.33 37.19 1.24
C PHE A 784 4.57 37.39 0.40
N ASN A 785 5.23 36.30 0.01
CA ASN A 785 6.43 36.43 -0.79
C ASN A 785 6.60 35.24 -1.72
N ILE A 786 7.29 35.48 -2.83
CA ILE A 786 7.63 34.48 -3.84
C ILE A 786 9.13 34.48 -4.01
N GLY A 787 9.75 33.30 -3.92
CA GLY A 787 11.17 33.17 -4.16
C GLY A 787 11.81 32.28 -3.11
N LYS A 788 13.10 32.05 -3.28
CA LYS A 788 13.86 31.17 -2.39
C LYS A 788 14.82 31.95 -1.50
N ASN B 5 -15.49 9.55 18.83
CA ASN B 5 -16.18 10.77 18.43
C ASN B 5 -17.35 10.46 17.50
N SER B 6 -17.05 10.16 16.25
CA SER B 6 -18.08 9.83 15.26
C SER B 6 -18.42 8.35 15.23
N GLU B 7 -17.70 7.52 15.98
CA GLU B 7 -17.91 6.08 15.97
C GLU B 7 -18.76 5.58 17.14
N GLU B 8 -19.36 6.49 17.91
CA GLU B 8 -20.26 6.11 18.99
C GLU B 8 -21.67 5.89 18.43
N ASP B 9 -21.78 4.86 17.60
CA ASP B 9 -23.01 4.49 16.93
C ASP B 9 -23.48 3.11 17.36
N VAL B 10 -23.35 2.84 18.66
CA VAL B 10 -23.64 1.50 19.18
C VAL B 10 -25.10 1.15 18.97
N VAL B 11 -25.36 -0.12 18.67
CA VAL B 11 -26.74 -0.60 18.53
C VAL B 11 -27.18 -1.02 19.94
N LYS B 12 -27.65 -0.03 20.69
CA LYS B 12 -27.94 -0.18 22.11
C LYS B 12 -29.41 0.11 22.33
N MET B 13 -30.18 -0.92 22.66
CA MET B 13 -31.62 -0.80 22.91
C MET B 13 -31.90 -1.54 24.22
N SER B 14 -31.85 -0.81 25.33
CA SER B 14 -32.19 -1.34 26.65
C SER B 14 -33.33 -0.50 27.20
N PRO B 15 -34.58 -0.91 26.98
CA PRO B 15 -35.70 -0.10 27.45
C PRO B 15 -35.73 -0.01 28.97
N LEU B 16 -36.17 1.14 29.46
CA LEU B 16 -36.30 1.32 30.90
C LEU B 16 -37.36 0.36 31.41
N PRO B 17 -37.13 -0.33 32.53
CA PRO B 17 -38.08 -1.37 32.96
C PRO B 17 -39.45 -0.79 33.22
N THR B 18 -40.48 -1.56 32.86
CA THR B 18 -41.84 -1.11 33.03
C THR B 18 -42.12 -0.85 34.50
N VAL B 19 -42.74 0.30 34.79
CA VAL B 19 -42.98 0.70 36.16
C VAL B 19 -44.12 -0.14 36.73
N GLU B 20 -43.76 -1.20 37.44
CA GLU B 20 -44.74 -2.09 38.07
C GLU B 20 -44.20 -2.44 39.46
N ASN B 21 -44.56 -1.63 40.44
CA ASN B 21 -44.14 -1.81 41.83
C ASN B 21 -45.33 -2.32 42.63
N GLN B 22 -45.21 -3.54 43.16
CA GLN B 22 -46.30 -4.15 43.92
C GLN B 22 -46.01 -4.15 45.41
N PHE B 23 -44.87 -4.70 45.82
CA PHE B 23 -44.55 -4.86 47.23
C PHE B 23 -43.44 -3.88 47.64
N THR B 24 -43.08 -3.94 48.91
CA THR B 24 -42.15 -2.97 49.51
C THR B 24 -41.01 -3.66 50.24
N PRO B 25 -40.00 -4.15 49.51
CA PRO B 25 -38.74 -4.54 50.14
C PRO B 25 -37.82 -3.35 50.31
N THR B 26 -36.98 -3.43 51.33
CA THR B 26 -36.09 -2.32 51.69
C THR B 26 -34.68 -2.84 51.94
N THR B 27 -33.82 -1.94 52.41
CA THR B 27 -32.43 -2.26 52.71
C THR B 27 -32.21 -2.29 54.22
N ALA B 28 -31.11 -2.92 54.62
CA ALA B 28 -30.75 -3.08 56.02
C ALA B 28 -29.62 -2.15 56.44
N TRP B 29 -28.53 -2.13 55.68
CA TRP B 29 -27.41 -1.24 55.98
C TRP B 29 -26.49 -1.18 54.77
N SER B 30 -25.63 -0.17 54.76
CA SER B 30 -24.50 -0.10 53.86
C SER B 30 -23.23 -0.08 54.71
N THR B 31 -22.09 -0.32 54.05
CA THR B 31 -20.84 -0.49 54.78
C THR B 31 -19.69 0.33 54.22
N SER B 32 -19.68 0.64 52.92
CA SER B 32 -18.64 1.46 52.32
C SER B 32 -17.27 0.84 52.52
N VAL B 33 -17.06 -0.35 51.95
CA VAL B 33 -15.77 -1.04 52.01
C VAL B 33 -14.69 -0.19 51.34
N GLY B 34 -15.10 0.62 50.36
CA GLY B 34 -14.20 1.54 49.71
C GLY B 34 -14.27 1.38 48.20
N SER B 35 -13.25 1.91 47.52
CA SER B 35 -13.16 1.79 46.07
C SER B 35 -12.92 0.32 45.74
N GLY B 36 -13.96 -0.36 45.27
CA GLY B 36 -13.88 -1.79 45.06
C GLY B 36 -13.74 -2.21 43.61
N ILE B 37 -14.75 -2.93 43.11
CA ILE B 37 -14.67 -3.50 41.77
C ILE B 37 -14.56 -2.40 40.73
N GLY B 38 -15.39 -1.38 40.84
CA GLY B 38 -15.33 -0.28 39.90
C GLY B 38 -15.63 -0.72 38.48
N ASN B 39 -14.99 -0.06 37.52
CA ASN B 39 -15.15 -0.42 36.11
C ASN B 39 -14.45 -1.71 35.74
N PHE B 40 -13.55 -2.22 36.58
CA PHE B 40 -12.77 -3.40 36.26
C PHE B 40 -13.60 -4.65 36.48
N TYR B 41 -13.79 -5.42 35.41
CA TYR B 41 -14.53 -6.68 35.52
C TYR B 41 -13.80 -7.63 36.46
N SER B 42 -14.54 -8.24 37.38
CA SER B 42 -13.96 -9.18 38.33
C SER B 42 -15.09 -10.03 38.92
N ASN B 43 -14.72 -10.90 39.84
CA ASN B 43 -15.66 -11.86 40.43
C ASN B 43 -15.80 -11.71 41.94
N LEU B 44 -15.34 -10.58 42.50
CA LEU B 44 -15.47 -10.36 43.93
C LEU B 44 -16.93 -10.34 44.34
N HIS B 45 -17.25 -11.07 45.42
CA HIS B 45 -18.61 -11.10 45.94
C HIS B 45 -18.56 -11.53 47.39
N PRO B 46 -19.41 -10.95 48.24
CA PRO B 46 -19.36 -11.32 49.66
C PRO B 46 -19.83 -12.74 49.90
N ALA B 47 -19.33 -13.32 50.98
CA ALA B 47 -19.69 -14.67 51.39
C ALA B 47 -20.13 -14.65 52.84
N LEU B 48 -21.16 -15.44 53.15
CA LEU B 48 -21.74 -15.50 54.48
C LEU B 48 -21.48 -16.86 55.11
N ALA B 49 -21.02 -16.85 56.36
CA ALA B 49 -20.78 -18.09 57.10
C ALA B 49 -21.02 -17.81 58.58
N ASP B 50 -22.13 -18.33 59.10
CA ASP B 50 -22.47 -18.24 60.52
C ASP B 50 -22.52 -16.80 61.00
N ASN B 51 -23.46 -16.05 60.41
CA ASN B 51 -23.77 -14.68 60.80
C ASN B 51 -22.59 -13.73 60.64
N VAL B 52 -21.57 -14.13 59.89
CA VAL B 52 -20.42 -13.28 59.60
C VAL B 52 -20.23 -13.25 58.10
N VAL B 53 -20.14 -12.06 57.53
CA VAL B 53 -19.91 -11.90 56.10
C VAL B 53 -18.57 -11.22 55.89
N TYR B 54 -18.07 -11.31 54.67
CA TYR B 54 -16.75 -10.78 54.34
C TYR B 54 -16.84 -10.03 53.02
N ALA B 55 -15.92 -9.09 52.83
CA ALA B 55 -15.89 -8.30 51.61
C ALA B 55 -14.47 -7.81 51.37
N ALA B 56 -14.22 -7.37 50.14
CA ALA B 56 -12.89 -6.93 49.76
C ALA B 56 -13.02 -5.96 48.58
N ASP B 57 -11.90 -5.31 48.27
CA ASP B 57 -11.84 -4.35 47.18
C ASP B 57 -10.67 -4.68 46.28
N ARG B 58 -10.63 -4.01 45.12
CA ARG B 58 -9.52 -4.17 44.21
C ARG B 58 -8.21 -3.66 44.81
N ALA B 59 -8.29 -2.69 45.73
CA ALA B 59 -7.08 -2.16 46.35
C ALA B 59 -6.38 -3.23 47.18
N GLY B 60 -7.13 -4.00 47.95
CA GLY B 60 -6.55 -5.09 48.71
C GLY B 60 -7.12 -5.26 50.10
N LEU B 61 -7.78 -4.22 50.62
CA LEU B 61 -8.29 -4.28 51.98
C LEU B 61 -9.46 -5.25 52.07
N VAL B 62 -9.48 -6.03 53.15
CA VAL B 62 -10.52 -7.03 53.39
C VAL B 62 -11.21 -6.70 54.70
N LYS B 63 -12.54 -6.64 54.67
CA LYS B 63 -13.33 -6.28 55.84
C LYS B 63 -14.25 -7.44 56.21
N ALA B 64 -14.46 -7.61 57.52
CA ALA B 64 -15.39 -8.59 58.05
C ALA B 64 -16.53 -7.87 58.75
N LEU B 65 -17.74 -8.41 58.62
CA LEU B 65 -18.94 -7.76 59.10
C LEU B 65 -19.79 -8.74 59.89
N ASN B 66 -20.36 -8.26 60.99
CA ASN B 66 -21.36 -9.02 61.73
C ASN B 66 -22.72 -8.86 61.09
N ALA B 67 -23.51 -9.93 61.14
CA ALA B 67 -24.83 -9.89 60.55
C ALA B 67 -25.78 -9.05 61.39
N ASP B 68 -26.83 -8.54 60.73
CA ASP B 68 -27.97 -7.89 61.38
C ASP B 68 -27.65 -6.50 61.90
N ASP B 69 -26.38 -6.09 61.88
CA ASP B 69 -26.02 -4.76 62.34
C ASP B 69 -25.05 -4.07 61.39
N GLY B 70 -24.32 -4.84 60.60
CA GLY B 70 -23.33 -4.27 59.72
C GLY B 70 -22.17 -3.60 60.43
N LYS B 71 -21.71 -4.18 61.53
CA LYS B 71 -20.61 -3.61 62.30
C LYS B 71 -19.31 -4.31 61.93
N GLU B 72 -18.25 -3.52 61.83
CA GLU B 72 -16.93 -4.05 61.49
C GLU B 72 -16.42 -4.96 62.61
N ILE B 73 -15.76 -6.05 62.22
CA ILE B 73 -15.14 -7.00 63.16
C ILE B 73 -13.63 -6.88 63.11
N TRP B 74 -13.04 -7.02 61.93
CA TRP B 74 -11.60 -6.84 61.75
C TRP B 74 -11.34 -6.47 60.30
N SER B 75 -10.49 -5.46 60.10
CA SER B 75 -10.14 -5.00 58.76
C SER B 75 -8.63 -5.03 58.59
N VAL B 76 -8.17 -5.60 57.48
CA VAL B 76 -6.76 -5.67 57.16
C VAL B 76 -6.55 -5.19 55.74
N SER B 77 -5.30 -4.88 55.42
CA SER B 77 -4.90 -4.49 54.07
C SER B 77 -3.83 -5.46 53.59
N LEU B 78 -4.06 -6.06 52.43
CA LEU B 78 -3.16 -7.04 51.85
C LEU B 78 -2.30 -6.42 50.74
N ALA B 79 -2.04 -5.12 50.85
CA ALA B 79 -1.27 -4.40 49.80
C ALA B 79 -0.01 -5.19 49.44
N SER B 86 2.38 -1.28 51.13
CA SER B 86 3.59 -2.11 50.88
C SER B 86 4.31 -1.60 49.63
N LYS B 87 3.57 -1.40 48.53
CA LYS B 87 4.17 -0.93 47.25
C LYS B 87 3.05 -0.59 46.27
N GLU B 88 2.02 -1.44 46.18
CA GLU B 88 0.96 -1.20 45.17
C GLU B 88 -0.25 -2.10 45.42
N PRO B 89 -1.43 -1.82 44.80
CA PRO B 89 -2.61 -2.67 44.92
C PRO B 89 -2.31 -4.13 44.65
N ALA B 90 -2.90 -5.02 45.44
CA ALA B 90 -2.72 -6.45 45.22
C ALA B 90 -3.60 -6.99 44.11
N LEU B 91 -4.55 -6.19 43.61
CA LEU B 91 -5.43 -6.58 42.51
C LEU B 91 -6.19 -7.87 42.84
N LEU B 92 -7.02 -7.77 43.88
CA LEU B 92 -7.81 -8.92 44.30
C LEU B 92 -8.82 -9.28 43.22
N SER B 93 -8.75 -10.52 42.73
CA SER B 93 -9.62 -10.98 41.66
C SER B 93 -10.48 -12.16 42.06
N GLY B 94 -9.90 -13.16 42.73
CA GLY B 94 -10.64 -14.33 43.13
C GLY B 94 -11.79 -14.00 44.07
N GLY B 95 -12.97 -14.56 43.79
CA GLY B 95 -14.10 -14.33 44.66
C GLY B 95 -13.81 -14.80 46.07
N VAL B 96 -14.23 -13.99 47.06
CA VAL B 96 -13.97 -14.33 48.45
C VAL B 96 -14.75 -15.58 48.82
N THR B 97 -14.04 -16.59 49.31
CA THR B 97 -14.70 -17.80 49.76
C THR B 97 -14.26 -18.09 51.19
N VAL B 98 -15.07 -18.85 51.92
CA VAL B 98 -14.83 -19.14 53.33
C VAL B 98 -15.12 -20.60 53.58
N SER B 99 -14.28 -21.23 54.41
CA SER B 99 -14.52 -22.61 54.81
C SER B 99 -13.71 -22.91 56.07
N GLY B 100 -14.35 -23.57 57.02
CA GLY B 100 -13.69 -23.94 58.27
C GLY B 100 -13.10 -22.73 58.97
N GLY B 101 -11.79 -22.77 59.21
CA GLY B 101 -11.10 -21.64 59.78
C GLY B 101 -10.23 -20.91 58.78
N HIS B 102 -10.72 -20.74 57.56
CA HIS B 102 -9.95 -20.08 56.53
C HIS B 102 -10.85 -19.26 55.61
N VAL B 103 -10.29 -18.19 55.07
CA VAL B 103 -10.93 -17.37 54.05
C VAL B 103 -9.94 -17.22 52.89
N TYR B 104 -10.36 -17.61 51.69
CA TYR B 104 -9.49 -17.68 50.54
C TYR B 104 -9.86 -16.60 49.53
N ILE B 105 -8.83 -15.94 49.00
CA ILE B 105 -8.99 -14.88 48.00
C ILE B 105 -7.89 -15.04 46.96
N GLY B 106 -8.22 -14.77 45.70
CA GLY B 106 -7.25 -14.77 44.63
C GLY B 106 -6.72 -13.39 44.34
N SER B 107 -5.93 -13.28 43.27
CA SER B 107 -5.40 -12.00 42.83
C SER B 107 -4.90 -12.13 41.40
N GLU B 108 -4.76 -10.98 40.74
CA GLU B 108 -4.20 -10.96 39.39
C GLU B 108 -2.69 -11.15 39.38
N LYS B 109 -2.03 -10.98 40.52
CA LYS B 109 -0.59 -11.18 40.61
C LYS B 109 -0.21 -12.63 40.86
N ALA B 110 -1.08 -13.56 40.49
CA ALA B 110 -0.82 -14.99 40.64
C ALA B 110 -0.58 -15.38 42.10
N GLN B 111 -1.19 -14.65 43.02
CA GLN B 111 -1.05 -14.91 44.45
C GLN B 111 -2.40 -15.30 45.02
N VAL B 112 -2.43 -16.38 45.77
CA VAL B 112 -3.62 -16.82 46.49
C VAL B 112 -3.37 -16.61 47.98
N TYR B 113 -4.22 -15.84 48.63
CA TYR B 113 -4.13 -15.57 50.06
C TYR B 113 -5.15 -16.40 50.81
N ALA B 114 -4.72 -16.95 51.94
CA ALA B 114 -5.61 -17.64 52.88
C ALA B 114 -5.43 -16.97 54.23
N LEU B 115 -6.50 -16.36 54.73
CA LEU B 115 -6.54 -15.68 56.02
C LEU B 115 -7.22 -16.56 57.06
N ASN B 116 -6.95 -16.26 58.32
CA ASN B 116 -7.35 -17.11 59.45
C ASN B 116 -8.62 -16.62 60.12
N THR B 117 -9.56 -16.06 59.35
CA THR B 117 -10.88 -15.65 59.83
C THR B 117 -10.81 -14.70 61.02
N SER B 118 -11.12 -15.22 62.21
CA SER B 118 -11.33 -14.36 63.38
C SER B 118 -10.09 -13.54 63.71
N ASP B 119 -8.92 -14.17 63.70
CA ASP B 119 -7.70 -13.45 64.03
C ASP B 119 -7.34 -12.41 62.98
N GLY B 120 -7.87 -12.54 61.76
CA GLY B 120 -7.54 -11.60 60.70
C GLY B 120 -6.10 -11.67 60.25
N THR B 121 -5.44 -12.80 60.46
CA THR B 121 -4.02 -12.95 60.14
C THR B 121 -3.86 -13.81 58.89
N VAL B 122 -2.77 -13.55 58.17
CA VAL B 122 -2.49 -14.27 56.94
C VAL B 122 -2.04 -15.69 57.27
N ALA B 123 -2.94 -16.66 57.07
CA ALA B 123 -2.57 -18.05 57.28
C ALA B 123 -1.46 -18.46 56.33
N TRP B 124 -1.57 -18.08 55.06
CA TRP B 124 -0.47 -18.24 54.11
C TRP B 124 -0.83 -17.52 52.82
N GLN B 125 0.14 -17.50 51.90
CA GLN B 125 -0.08 -17.06 50.53
C GLN B 125 0.86 -17.85 49.63
N THR B 126 0.41 -18.13 48.42
CA THR B 126 1.21 -18.92 47.50
C THR B 126 1.10 -18.38 46.08
N LYS B 127 2.13 -18.68 45.30
CA LYS B 127 2.24 -18.24 43.91
C LYS B 127 1.77 -19.34 42.97
N VAL B 128 0.94 -18.96 42.01
CA VAL B 128 0.41 -19.89 41.02
C VAL B 128 0.88 -19.43 39.64
N ALA B 129 0.51 -20.20 38.62
CA ALA B 129 0.88 -19.87 37.25
C ALA B 129 -0.25 -19.05 36.62
N GLY B 130 -0.03 -17.74 36.51
CA GLY B 130 -0.99 -16.87 35.88
C GLY B 130 -2.01 -16.29 36.85
N GLU B 131 -2.82 -15.37 36.32
CA GLU B 131 -3.81 -14.70 37.13
C GLU B 131 -4.86 -15.68 37.62
N ALA B 132 -5.24 -15.56 38.90
CA ALA B 132 -6.21 -16.46 39.51
C ALA B 132 -7.60 -15.82 39.55
N LEU B 133 -8.30 -15.80 38.41
CA LEU B 133 -9.59 -15.13 38.36
C LEU B 133 -10.69 -15.94 39.03
N SER B 134 -10.69 -17.25 38.82
CA SER B 134 -11.80 -18.07 39.26
C SER B 134 -11.90 -18.12 40.78
N ARG B 135 -13.12 -18.32 41.27
CA ARG B 135 -13.30 -18.46 42.71
C ARG B 135 -12.64 -19.73 43.20
N PRO B 136 -11.84 -19.65 44.25
CA PRO B 136 -11.20 -20.86 44.79
C PRO B 136 -12.21 -21.80 45.41
N VAL B 137 -12.26 -23.05 44.94
CA VAL B 137 -13.28 -23.97 45.47
C VAL B 137 -12.62 -24.98 46.39
N VAL B 138 -13.20 -25.18 47.57
CA VAL B 138 -12.59 -25.97 48.63
C VAL B 138 -13.33 -27.29 48.76
N SER B 139 -12.57 -28.38 48.78
CA SER B 139 -13.13 -29.71 49.01
C SER B 139 -11.99 -30.71 49.17
N ASP B 140 -12.23 -31.73 50.01
CA ASP B 140 -11.31 -32.85 50.19
C ASP B 140 -9.93 -32.39 50.65
N GLY B 141 -9.86 -31.32 51.43
CA GLY B 141 -8.58 -30.80 51.86
C GLY B 141 -7.75 -30.17 50.76
N LEU B 142 -8.37 -29.82 49.64
CA LEU B 142 -7.68 -29.15 48.54
C LEU B 142 -8.53 -27.97 48.10
N VAL B 143 -7.87 -26.86 47.76
CA VAL B 143 -8.54 -25.71 47.18
C VAL B 143 -8.08 -25.57 45.73
N LEU B 144 -9.05 -25.51 44.82
CA LEU B 144 -8.80 -25.52 43.39
C LEU B 144 -8.87 -24.10 42.84
N ILE B 145 -7.90 -23.76 42.01
CA ILE B 145 -7.78 -22.48 41.33
C ILE B 145 -7.77 -22.75 39.83
N HIS B 146 -8.65 -22.07 39.10
CA HIS B 146 -8.66 -22.13 37.64
C HIS B 146 -8.06 -20.81 37.14
N THR B 147 -6.75 -20.79 36.95
CA THR B 147 -6.05 -19.59 36.55
C THR B 147 -6.41 -19.21 35.12
N SER B 148 -5.93 -18.04 34.69
CA SER B 148 -6.19 -17.55 33.34
C SER B 148 -5.12 -18.01 32.36
N ASN B 149 -4.84 -19.31 32.38
CA ASN B 149 -3.97 -19.93 31.39
C ASN B 149 -4.48 -21.30 30.97
N GLY B 150 -5.66 -21.69 31.43
CA GLY B 150 -6.10 -23.06 31.34
C GLY B 150 -5.54 -23.95 32.43
N GLN B 151 -4.59 -23.45 33.23
CA GLN B 151 -4.05 -24.23 34.32
C GLN B 151 -5.09 -24.41 35.41
N LEU B 152 -5.22 -25.63 35.90
CA LEU B 152 -6.07 -25.93 37.04
C LEU B 152 -5.15 -26.48 38.14
N GLN B 153 -4.98 -25.71 39.20
CA GLN B 153 -4.01 -26.00 40.24
C GLN B 153 -4.70 -26.30 41.56
N ALA B 154 -4.26 -27.36 42.23
CA ALA B 154 -4.78 -27.76 43.52
C ALA B 154 -3.78 -27.37 44.60
N LEU B 155 -4.23 -26.63 45.60
CA LEU B 155 -3.41 -26.20 46.72
C LEU B 155 -3.79 -27.02 47.94
N ASN B 156 -2.79 -27.56 48.62
CA ASN B 156 -3.01 -28.33 49.84
C ASN B 156 -3.57 -27.43 50.93
N GLU B 157 -4.57 -27.95 51.65
CA GLU B 157 -5.28 -27.11 52.62
C GLU B 157 -4.39 -26.72 53.80
N ALA B 158 -3.39 -27.54 54.12
CA ALA B 158 -2.51 -27.23 55.24
C ALA B 158 -1.77 -25.94 55.00
N ASP B 159 -0.87 -25.92 54.02
CA ASP B 159 -0.15 -24.70 53.66
C ASP B 159 0.38 -24.77 52.22
N GLY B 160 -0.35 -24.15 51.30
CA GLY B 160 0.11 -24.06 49.92
C GLY B 160 0.36 -25.42 49.32
N ALA B 161 1.59 -25.64 48.84
CA ALA B 161 2.05 -26.96 48.40
C ALA B 161 1.18 -27.51 47.27
N VAL B 162 1.30 -26.84 46.12
CA VAL B 162 0.62 -27.26 44.89
C VAL B 162 0.74 -28.76 44.70
N LYS B 163 -0.38 -29.42 44.43
CA LYS B 163 -0.40 -30.87 44.29
C LYS B 163 -0.25 -31.29 42.82
N TRP B 164 -1.17 -30.85 41.97
CA TRP B 164 -1.11 -31.16 40.55
C TRP B 164 -1.64 -29.97 39.76
N THR B 165 -1.09 -29.79 38.57
CA THR B 165 -1.46 -28.68 37.69
C THR B 165 -1.93 -29.26 36.36
N VAL B 166 -3.24 -29.47 36.23
CA VAL B 166 -3.79 -29.94 34.97
C VAL B 166 -3.72 -28.82 33.95
N ASN B 167 -3.39 -29.17 32.70
CA ASN B 167 -3.22 -28.19 31.64
C ASN B 167 -4.38 -28.27 30.67
N LEU B 168 -4.96 -27.12 30.37
CA LEU B 168 -6.06 -27.01 29.40
C LEU B 168 -5.69 -25.98 28.33
N ASP B 169 -6.37 -26.08 27.19
CA ASP B 169 -6.05 -25.23 26.05
C ASP B 169 -6.51 -23.80 26.28
N MET B 170 -6.10 -22.92 25.36
CA MET B 170 -6.38 -21.49 25.47
C MET B 170 -6.36 -20.86 24.09
N PRO B 171 -7.52 -20.74 23.45
CA PRO B 171 -7.60 -19.91 22.25
C PRO B 171 -7.36 -18.46 22.63
N SER B 172 -6.75 -17.71 21.71
CA SER B 172 -6.32 -16.36 22.06
C SER B 172 -7.35 -15.30 21.71
N LEU B 173 -8.62 -15.54 22.08
CA LEU B 173 -9.57 -14.44 22.21
C LEU B 173 -10.61 -14.73 23.30
N SER B 174 -10.23 -15.52 24.31
CA SER B 174 -11.20 -16.01 25.28
C SER B 174 -11.83 -14.86 26.06
N LEU B 175 -13.03 -15.11 26.59
CA LEU B 175 -13.71 -14.19 27.48
C LEU B 175 -13.10 -14.27 28.87
N ARG B 176 -13.12 -13.14 29.58
CA ARG B 176 -12.62 -13.09 30.94
C ARG B 176 -13.60 -13.78 31.89
N GLY B 177 -13.09 -14.13 33.07
CA GLY B 177 -13.94 -14.71 34.10
C GLY B 177 -14.01 -16.22 34.09
N GLU B 178 -12.86 -16.89 34.20
CA GLU B 178 -12.81 -18.33 34.04
C GLU B 178 -13.65 -19.05 35.09
N SER B 179 -14.08 -20.26 34.75
CA SER B 179 -15.09 -20.99 35.49
C SER B 179 -14.49 -21.79 36.63
N ALA B 180 -15.03 -21.62 37.82
CA ALA B 180 -14.64 -22.44 38.96
C ALA B 180 -15.25 -23.83 38.84
N PRO B 181 -14.54 -24.86 39.28
CA PRO B 181 -15.06 -26.23 39.17
C PRO B 181 -15.97 -26.58 40.34
N THR B 182 -16.57 -27.76 40.23
CA THR B 182 -17.45 -28.30 41.26
C THR B 182 -17.00 -29.69 41.63
N THR B 183 -17.35 -30.11 42.84
CA THR B 183 -16.93 -31.39 43.38
C THR B 183 -18.12 -32.35 43.47
N ALA B 184 -17.90 -33.59 43.03
CA ALA B 184 -18.94 -34.61 43.11
C ALA B 184 -18.28 -35.98 43.14
N PHE B 185 -18.48 -36.71 44.25
CA PHE B 185 -18.04 -38.10 44.38
C PHE B 185 -16.57 -38.27 44.03
N GLY B 186 -15.73 -37.36 44.55
CA GLY B 186 -14.30 -37.45 44.34
C GLY B 186 -13.84 -37.01 42.97
N ALA B 187 -14.68 -36.36 42.18
CA ALA B 187 -14.31 -35.89 40.86
C ALA B 187 -14.65 -34.42 40.73
N ALA B 188 -13.73 -33.65 40.13
CA ALA B 188 -13.95 -32.22 39.91
C ALA B 188 -14.37 -32.01 38.46
N VAL B 189 -15.54 -31.43 38.27
CA VAL B 189 -16.06 -31.06 36.96
C VAL B 189 -15.71 -29.59 36.73
N VAL B 190 -15.00 -29.32 35.64
CA VAL B 190 -14.48 -27.98 35.37
C VAL B 190 -14.80 -27.62 33.92
N GLY B 191 -14.86 -26.32 33.66
CA GLY B 191 -15.09 -25.81 32.33
C GLY B 191 -13.79 -25.66 31.56
N GLY B 192 -13.86 -24.86 30.50
CA GLY B 192 -12.70 -24.61 29.67
C GLY B 192 -12.94 -23.39 28.81
N ASP B 193 -11.85 -22.89 28.24
CA ASP B 193 -11.90 -21.71 27.39
C ASP B 193 -12.08 -22.04 25.92
N ASN B 194 -12.24 -23.33 25.58
CA ASN B 194 -12.45 -23.75 24.20
C ASN B 194 -13.73 -24.55 24.03
N GLY B 195 -14.69 -24.38 24.93
CA GLY B 195 -15.98 -25.04 24.80
C GLY B 195 -16.02 -26.48 25.27
N ARG B 196 -14.99 -26.96 25.96
CA ARG B 196 -14.91 -28.34 26.38
C ARG B 196 -15.01 -28.43 27.89
N VAL B 197 -15.98 -29.23 28.37
CA VAL B 197 -16.14 -29.50 29.79
C VAL B 197 -15.31 -30.73 30.14
N SER B 198 -14.46 -30.61 31.16
CA SER B 198 -13.57 -31.69 31.55
C SER B 198 -13.93 -32.18 32.94
N ALA B 199 -13.55 -33.42 33.21
CA ALA B 199 -13.64 -34.00 34.55
C ALA B 199 -12.27 -34.51 34.95
N VAL B 200 -11.90 -34.30 36.21
CA VAL B 200 -10.57 -34.64 36.69
C VAL B 200 -10.68 -35.37 38.03
N LEU B 201 -9.84 -36.39 38.20
CA LEU B 201 -9.74 -37.09 39.48
C LEU B 201 -8.90 -36.27 40.43
N MET B 202 -9.54 -35.67 41.43
CA MET B 202 -8.89 -34.69 42.29
C MET B 202 -8.13 -35.33 43.44
N GLU B 203 -7.31 -36.33 43.13
CA GLU B 203 -6.42 -36.89 44.14
C GLU B 203 -5.01 -37.07 43.59
N GLN B 204 -4.85 -37.15 42.27
CA GLN B 204 -3.52 -37.07 41.68
C GLN B 204 -3.43 -36.17 40.47
N GLY B 205 -4.55 -35.73 39.90
CA GLY B 205 -4.50 -34.92 38.69
C GLY B 205 -4.60 -35.73 37.41
N GLN B 206 -5.65 -36.55 37.32
CA GLN B 206 -5.88 -37.39 36.14
C GLN B 206 -7.27 -37.12 35.60
N MET B 207 -7.38 -37.06 34.28
CA MET B 207 -8.65 -36.78 33.63
C MET B 207 -9.53 -38.03 33.58
N ILE B 208 -10.83 -37.81 33.47
CA ILE B 208 -11.81 -38.87 33.32
C ILE B 208 -12.51 -38.80 31.97
N TRP B 209 -13.02 -37.62 31.62
CA TRP B 209 -13.65 -37.42 30.32
C TRP B 209 -13.65 -35.94 29.99
N GLN B 210 -13.32 -35.62 28.74
CA GLN B 210 -13.27 -34.26 28.24
C GLN B 210 -14.18 -34.18 27.02
N GLN B 211 -15.34 -33.57 27.19
CA GLN B 211 -16.39 -33.56 26.17
C GLN B 211 -16.62 -32.14 25.68
N ARG B 212 -16.57 -31.95 24.36
CA ARG B 212 -16.78 -30.64 23.77
C ARG B 212 -18.27 -30.41 23.55
N ILE B 213 -18.75 -29.24 23.94
CA ILE B 213 -20.16 -28.91 23.84
C ILE B 213 -20.44 -27.73 22.93
N SER B 214 -19.44 -26.97 22.50
CA SER B 214 -19.69 -25.80 21.67
C SER B 214 -20.03 -26.20 20.25
N GLN B 215 -20.64 -25.25 19.53
CA GLN B 215 -21.05 -25.46 18.15
C GLN B 215 -20.65 -24.25 17.30
N ALA B 216 -19.38 -23.86 17.35
CA ALA B 216 -18.94 -22.65 16.69
C ALA B 216 -18.78 -22.86 15.19
N THR B 217 -18.87 -21.76 14.45
CA THR B 217 -18.65 -21.73 13.01
C THR B 217 -17.17 -21.41 12.75
N GLY B 218 -16.76 -20.99 11.56
CA GLY B 218 -15.41 -20.50 11.35
C GLY B 218 -15.38 -19.07 10.86
N SER B 219 -14.22 -18.62 10.39
CA SER B 219 -14.04 -17.30 9.78
C SER B 219 -14.46 -16.17 10.71
N THR B 220 -15.70 -15.69 10.56
CA THR B 220 -16.23 -14.67 11.46
C THR B 220 -16.23 -15.16 12.90
N GLU B 221 -16.22 -16.49 13.10
CA GLU B 221 -16.12 -17.06 14.44
C GLU B 221 -14.94 -16.51 15.24
N ILE B 222 -14.01 -15.82 14.59
CA ILE B 222 -12.95 -15.14 15.34
C ILE B 222 -13.58 -14.24 16.39
N ASP B 223 -14.81 -13.77 16.12
CA ASP B 223 -15.56 -13.06 17.14
C ASP B 223 -16.37 -14.01 18.00
N ARG B 224 -16.79 -15.15 17.45
CA ARG B 224 -17.50 -16.14 18.26
C ARG B 224 -16.52 -16.93 19.12
N LEU B 225 -16.71 -16.86 20.43
CA LEU B 225 -15.68 -17.39 21.32
C LEU B 225 -16.11 -18.72 21.93
N SER B 226 -17.35 -18.81 22.38
CA SER B 226 -17.95 -20.06 22.84
C SER B 226 -17.14 -20.71 23.95
N ASP B 227 -16.59 -19.93 24.87
CA ASP B 227 -15.90 -20.48 26.02
C ASP B 227 -16.87 -20.61 27.18
N VAL B 228 -16.80 -21.74 27.89
CA VAL B 228 -17.67 -21.98 29.03
C VAL B 228 -17.00 -21.41 30.28
N ASP B 229 -17.57 -20.31 30.78
CA ASP B 229 -17.10 -19.66 31.99
C ASP B 229 -18.11 -19.77 33.13
N THR B 230 -19.09 -20.66 33.00
CA THR B 230 -20.10 -20.87 34.03
C THR B 230 -19.69 -22.06 34.88
N THR B 231 -19.96 -21.98 36.17
CA THR B 231 -19.70 -23.13 37.02
C THR B 231 -20.68 -24.25 36.65
N PRO B 232 -20.19 -25.42 36.26
CA PRO B 232 -21.11 -26.53 36.00
C PRO B 232 -21.79 -26.98 37.28
N VAL B 233 -23.08 -27.26 37.17
CA VAL B 233 -23.85 -27.75 38.31
C VAL B 233 -24.10 -29.24 38.11
N VAL B 234 -24.12 -29.97 39.22
CA VAL B 234 -24.25 -31.42 39.18
C VAL B 234 -25.42 -31.83 40.06
N VAL B 235 -26.29 -32.69 39.53
CA VAL B 235 -27.36 -33.28 40.31
C VAL B 235 -27.51 -34.74 39.90
N ASN B 236 -27.63 -35.63 40.89
CA ASN B 236 -27.77 -37.06 40.65
C ASN B 236 -26.66 -37.57 39.74
N GLY B 237 -27.03 -38.04 38.56
CA GLY B 237 -26.05 -38.56 37.63
C GLY B 237 -25.75 -37.66 36.44
N VAL B 238 -26.17 -36.40 36.50
CA VAL B 238 -26.05 -35.51 35.36
C VAL B 238 -25.37 -34.21 35.79
N VAL B 239 -24.70 -33.57 34.82
CA VAL B 239 -24.10 -32.27 35.00
C VAL B 239 -24.56 -31.38 33.85
N PHE B 240 -24.58 -30.08 34.11
CA PHE B 240 -25.10 -29.10 33.16
C PHE B 240 -24.02 -28.09 32.81
N ALA B 241 -24.05 -27.63 31.56
CA ALA B 241 -23.02 -26.72 31.08
C ALA B 241 -23.59 -25.77 30.04
N LEU B 242 -22.94 -24.61 29.92
CA LEU B 242 -23.42 -23.52 29.07
C LEU B 242 -22.22 -22.80 28.46
N ALA B 243 -22.02 -22.98 27.16
CA ALA B 243 -21.01 -22.20 26.46
C ALA B 243 -21.52 -20.77 26.25
N TYR B 244 -20.60 -19.89 25.85
CA TYR B 244 -20.97 -18.49 25.71
C TYR B 244 -21.89 -18.27 24.50
N ASN B 245 -21.71 -19.04 23.44
CA ASN B 245 -22.47 -18.81 22.22
C ASN B 245 -23.64 -19.75 22.04
N GLY B 246 -23.87 -20.67 22.97
CA GLY B 246 -25.05 -21.49 22.91
C GLY B 246 -24.76 -22.92 23.33
N ASN B 247 -25.68 -23.80 22.97
CA ASN B 247 -25.58 -25.24 23.21
C ASN B 247 -25.54 -25.57 24.71
N LEU B 248 -26.64 -25.25 25.39
CA LEU B 248 -26.86 -25.80 26.71
C LEU B 248 -26.80 -27.32 26.65
N THR B 249 -26.10 -27.91 27.61
CA THR B 249 -25.92 -29.35 27.59
C THR B 249 -26.18 -29.94 28.97
N ALA B 250 -26.87 -31.07 28.99
CA ALA B 250 -27.01 -31.90 30.18
C ALA B 250 -26.44 -33.26 29.82
N LEU B 251 -25.34 -33.63 30.48
CA LEU B 251 -24.57 -34.80 30.09
C LEU B 251 -24.18 -35.62 31.32
N ASP B 252 -23.98 -36.91 31.09
CA ASP B 252 -23.87 -37.88 32.17
C ASP B 252 -22.62 -37.63 33.00
N LEU B 253 -22.73 -37.89 34.30
CA LEU B 253 -21.59 -37.74 35.21
C LEU B 253 -20.48 -38.73 34.88
N ARG B 254 -20.85 -39.98 34.59
CA ARG B 254 -19.86 -41.04 34.44
C ARG B 254 -18.94 -40.78 33.26
N SER B 255 -19.51 -40.33 32.14
CA SER B 255 -18.73 -40.09 30.94
C SER B 255 -19.41 -39.00 30.12
N GLY B 256 -18.67 -38.46 29.16
CA GLY B 256 -19.18 -37.37 28.36
C GLY B 256 -20.26 -37.79 27.38
N GLN B 257 -21.34 -38.37 27.90
CA GLN B 257 -22.47 -38.79 27.10
C GLN B 257 -23.56 -37.74 27.24
N ILE B 258 -23.84 -37.04 26.14
CA ILE B 258 -24.82 -35.96 26.15
C ILE B 258 -26.20 -36.57 26.36
N MET B 259 -26.79 -36.35 27.53
CA MET B 259 -28.14 -36.83 27.77
C MET B 259 -29.15 -36.03 26.96
N TRP B 260 -29.04 -34.70 26.98
CA TRP B 260 -29.88 -33.88 26.11
C TRP B 260 -29.29 -32.48 26.00
N LYS B 261 -29.38 -31.91 24.80
CA LYS B 261 -28.81 -30.60 24.50
C LYS B 261 -29.87 -29.69 23.90
N ARG B 262 -29.65 -28.40 24.03
CA ARG B 262 -30.46 -27.39 23.37
C ARG B 262 -29.56 -26.31 22.81
N GLU B 263 -30.04 -25.64 21.76
CA GLU B 263 -29.23 -24.66 21.05
C GLU B 263 -29.09 -23.35 21.82
N LEU B 264 -30.08 -23.00 22.65
CA LEU B 264 -30.19 -21.63 23.15
C LEU B 264 -28.91 -21.17 23.85
N GLY B 265 -28.44 -21.96 24.81
CA GLY B 265 -27.24 -21.66 25.56
C GLY B 265 -27.00 -20.20 25.85
N SER B 266 -25.78 -19.73 25.62
CA SER B 266 -25.44 -18.31 25.63
C SER B 266 -25.72 -17.68 27.00
N VAL B 267 -25.04 -18.20 28.01
CA VAL B 267 -25.32 -17.84 29.40
C VAL B 267 -23.99 -17.63 30.12
N ASN B 268 -24.03 -16.84 31.19
CA ASN B 268 -22.90 -16.68 32.09
C ASN B 268 -23.19 -17.08 33.54
N ASP B 269 -24.46 -17.23 33.93
CA ASP B 269 -24.83 -17.69 35.27
C ASP B 269 -26.20 -18.35 35.21
N PHE B 270 -26.38 -19.45 35.96
CA PHE B 270 -27.66 -20.12 35.98
C PHE B 270 -27.81 -20.85 37.30
N ILE B 271 -29.05 -21.21 37.63
CA ILE B 271 -29.33 -22.01 38.82
C ILE B 271 -30.33 -23.10 38.45
N VAL B 272 -30.31 -24.17 39.23
CA VAL B 272 -31.22 -25.30 39.05
C VAL B 272 -31.78 -25.68 40.41
N ASP B 273 -33.09 -25.87 40.47
CA ASP B 273 -33.80 -26.29 41.67
C ASP B 273 -35.25 -26.54 41.32
N GLY B 274 -35.91 -27.36 42.13
CA GLY B 274 -37.33 -27.63 41.96
C GLY B 274 -37.68 -28.19 40.59
N ASN B 275 -36.88 -29.13 40.10
CA ASN B 275 -37.13 -29.83 38.83
C ASN B 275 -37.07 -28.90 37.62
N ARG B 276 -36.57 -27.68 37.79
CA ARG B 276 -36.51 -26.70 36.72
C ARG B 276 -35.16 -25.98 36.75
N ILE B 277 -34.86 -25.29 35.65
CA ILE B 277 -33.62 -24.53 35.49
C ILE B 277 -33.98 -23.09 35.20
N TYR B 278 -33.41 -22.16 35.97
CA TYR B 278 -33.63 -20.73 35.77
C TYR B 278 -32.32 -20.09 35.36
N LEU B 279 -32.31 -19.43 34.21
CA LEU B 279 -31.08 -18.86 33.68
C LEU B 279 -31.37 -17.53 33.01
N VAL B 280 -30.30 -16.86 32.59
CA VAL B 280 -30.39 -15.63 31.81
C VAL B 280 -29.52 -15.80 30.57
N ASP B 281 -30.06 -15.43 29.42
CA ASP B 281 -29.31 -15.52 28.18
C ASP B 281 -28.23 -14.44 28.14
N GLN B 282 -27.36 -14.53 27.13
CA GLN B 282 -26.36 -13.49 26.93
C GLN B 282 -27.01 -12.15 26.58
N ASN B 283 -28.25 -12.18 26.09
CA ASN B 283 -29.01 -10.98 25.84
C ASN B 283 -29.93 -10.63 27.00
N ASP B 284 -29.63 -11.12 28.20
CA ASP B 284 -30.35 -10.76 29.42
C ASP B 284 -31.81 -11.22 29.39
N ARG B 285 -32.12 -12.23 28.59
CA ARG B 285 -33.48 -12.76 28.51
C ARG B 285 -33.62 -13.87 29.55
N VAL B 286 -34.10 -13.50 30.74
CA VAL B 286 -34.32 -14.49 31.79
C VAL B 286 -35.34 -15.51 31.32
N MET B 287 -35.11 -16.77 31.65
CA MET B 287 -35.85 -17.86 31.04
C MET B 287 -35.83 -19.07 31.96
N ALA B 288 -36.86 -19.91 31.85
CA ALA B 288 -36.99 -21.11 32.65
C ALA B 288 -37.17 -22.32 31.74
N LEU B 289 -36.56 -23.44 32.13
CA LEU B 289 -36.58 -24.66 31.35
C LEU B 289 -36.90 -25.84 32.27
N THR B 290 -37.35 -26.93 31.65
CA THR B 290 -37.60 -28.17 32.36
C THR B 290 -36.41 -29.11 32.18
N ILE B 291 -35.89 -29.62 33.30
CA ILE B 291 -34.72 -30.49 33.24
C ILE B 291 -35.02 -31.84 32.63
N ASP B 292 -36.29 -32.16 32.40
CA ASP B 292 -36.65 -33.48 31.86
C ASP B 292 -36.08 -33.67 30.46
N GLY B 293 -36.37 -32.73 29.56
CA GLY B 293 -35.86 -32.81 28.21
C GLY B 293 -35.48 -31.48 27.61
N GLY B 294 -35.64 -30.41 28.38
CA GLY B 294 -35.33 -29.08 27.87
C GLY B 294 -36.51 -28.38 27.24
N VAL B 295 -37.65 -28.43 27.92
CA VAL B 295 -38.87 -27.77 27.44
C VAL B 295 -38.99 -26.42 28.13
N THR B 296 -39.36 -25.40 27.36
CA THR B 296 -39.44 -24.04 27.88
C THR B 296 -40.75 -23.84 28.62
N LEU B 297 -40.67 -23.66 29.94
CA LEU B 297 -41.87 -23.29 30.69
C LEU B 297 -42.29 -21.86 30.37
N TRP B 298 -41.35 -20.92 30.42
CA TRP B 298 -41.66 -19.52 30.17
C TRP B 298 -40.37 -18.73 30.00
N THR B 299 -40.54 -17.52 29.48
CA THR B 299 -39.45 -16.56 29.33
C THR B 299 -39.95 -15.19 29.77
N GLN B 300 -39.01 -14.27 29.94
CA GLN B 300 -39.37 -12.89 30.28
C GLN B 300 -38.41 -11.97 29.52
N SER B 301 -38.85 -11.51 28.35
CA SER B 301 -38.01 -10.75 27.44
C SER B 301 -38.17 -9.25 27.61
N ASP B 302 -38.49 -8.79 28.82
CA ASP B 302 -38.56 -7.36 29.06
C ASP B 302 -37.18 -6.73 29.16
N LEU B 303 -36.16 -7.52 29.50
CA LEU B 303 -34.82 -7.01 29.76
C LEU B 303 -33.90 -7.44 28.62
N LEU B 304 -33.46 -6.48 27.81
CA LEU B 304 -32.54 -6.73 26.72
C LEU B 304 -31.38 -5.75 26.80
N HIS B 305 -30.16 -6.26 26.65
CA HIS B 305 -28.95 -5.46 26.65
C HIS B 305 -28.83 -4.60 27.91
N ARG B 306 -29.35 -5.10 29.03
CA ARG B 306 -29.33 -4.35 30.28
C ARG B 306 -28.18 -4.75 31.19
N LEU B 307 -27.34 -5.69 30.77
CA LEU B 307 -26.14 -6.09 31.52
C LEU B 307 -26.53 -6.62 32.91
N LEU B 308 -27.28 -7.71 32.92
CA LEU B 308 -27.80 -8.27 34.16
C LEU B 308 -26.69 -8.97 34.95
N THR B 309 -27.09 -9.59 36.06
CA THR B 309 -26.18 -10.37 36.87
C THR B 309 -26.75 -11.76 37.11
N SER B 310 -26.12 -12.54 37.98
CA SER B 310 -26.61 -13.88 38.26
C SER B 310 -27.97 -13.81 38.94
N PRO B 311 -28.90 -14.71 38.59
CA PRO B 311 -30.18 -14.76 39.30
C PRO B 311 -30.06 -15.62 40.55
N VAL B 312 -30.65 -15.15 41.65
CA VAL B 312 -30.57 -15.87 42.92
C VAL B 312 -31.97 -16.13 43.44
N LEU B 313 -32.17 -17.31 44.01
CA LEU B 313 -33.46 -17.66 44.59
C LEU B 313 -33.61 -17.03 45.98
N TYR B 314 -34.80 -16.50 46.25
CA TYR B 314 -35.08 -15.91 47.56
C TYR B 314 -36.59 -15.85 47.73
N ASN B 315 -37.11 -16.60 48.69
CA ASN B 315 -38.55 -16.67 48.95
C ASN B 315 -39.33 -17.04 47.69
N GLY B 316 -38.79 -17.98 46.92
CA GLY B 316 -39.43 -18.38 45.69
C GLY B 316 -39.45 -17.31 44.61
N ASN B 317 -38.56 -16.33 44.70
CA ASN B 317 -38.48 -15.24 43.74
C ASN B 317 -37.07 -15.16 43.20
N LEU B 318 -36.95 -14.87 41.91
CA LEU B 318 -35.65 -14.71 41.26
C LEU B 318 -35.21 -13.26 41.37
N VAL B 319 -34.15 -13.01 42.13
CA VAL B 319 -33.60 -11.69 42.31
C VAL B 319 -32.48 -11.49 41.29
N VAL B 320 -32.53 -10.38 40.55
CA VAL B 320 -31.51 -10.04 39.57
C VAL B 320 -31.18 -8.56 39.71
N GLY B 321 -30.07 -8.16 39.08
CA GLY B 321 -29.66 -6.78 39.09
C GLY B 321 -29.41 -6.25 37.69
N ASP B 322 -28.82 -5.07 37.59
CA ASP B 322 -28.47 -4.49 36.29
C ASP B 322 -27.39 -3.44 36.51
N SER B 323 -26.93 -2.85 35.41
CA SER B 323 -25.90 -1.82 35.48
C SER B 323 -26.45 -0.49 35.96
N GLU B 324 -27.75 -0.24 35.81
CA GLU B 324 -28.35 1.00 36.28
C GLU B 324 -28.67 0.96 37.76
N GLY B 325 -28.45 -0.17 38.43
CA GLY B 325 -28.61 -0.27 39.86
C GLY B 325 -29.94 -0.83 40.31
N TYR B 326 -30.96 -0.84 39.45
CA TYR B 326 -32.28 -1.28 39.87
C TYR B 326 -32.26 -2.78 40.11
N LEU B 327 -32.63 -3.17 41.32
CA LEU B 327 -32.76 -4.58 41.69
C LEU B 327 -34.17 -5.03 41.33
N HIS B 328 -34.27 -6.15 40.62
CA HIS B 328 -35.55 -6.66 40.13
C HIS B 328 -35.88 -7.98 40.80
N TRP B 329 -37.15 -8.15 41.15
CA TRP B 329 -37.70 -9.42 41.61
C TRP B 329 -38.60 -9.99 40.52
N ILE B 330 -38.41 -11.26 40.20
CA ILE B 330 -39.20 -11.95 39.19
C ILE B 330 -39.95 -13.08 39.88
N ASN B 331 -41.26 -13.14 39.65
CA ASN B 331 -42.04 -14.25 40.18
C ASN B 331 -41.70 -15.53 39.44
N VAL B 332 -41.45 -16.59 40.19
CA VAL B 332 -41.08 -17.87 39.59
C VAL B 332 -42.21 -18.50 38.79
N GLU B 333 -43.41 -17.95 38.89
CA GLU B 333 -44.57 -18.47 38.15
C GLU B 333 -44.79 -17.59 36.93
N ASP B 334 -44.16 -17.96 35.81
CA ASP B 334 -44.35 -17.41 34.48
C ASP B 334 -43.88 -15.97 34.33
N GLY B 335 -43.38 -15.34 35.40
CA GLY B 335 -42.71 -14.07 35.26
C GLY B 335 -43.58 -12.83 35.38
N ARG B 336 -43.31 -12.01 36.40
CA ARG B 336 -43.97 -10.72 36.56
C ARG B 336 -43.15 -9.89 37.53
N PHE B 337 -43.03 -8.59 37.24
CA PHE B 337 -42.18 -7.70 38.01
C PHE B 337 -42.81 -7.47 39.38
N VAL B 338 -42.35 -8.20 40.39
CA VAL B 338 -42.88 -8.05 41.73
C VAL B 338 -42.51 -6.67 42.29
N ALA B 339 -41.25 -6.26 42.12
CA ALA B 339 -40.82 -4.98 42.64
C ALA B 339 -39.56 -4.53 41.90
N GLN B 340 -39.31 -3.23 41.97
CA GLN B 340 -38.08 -2.63 41.46
C GLN B 340 -37.53 -1.70 42.51
N GLN B 341 -36.27 -1.92 42.90
CA GLN B 341 -35.64 -1.13 43.96
C GLN B 341 -34.48 -0.33 43.41
N LYS B 342 -34.49 0.97 43.67
CA LYS B 342 -33.40 1.86 43.27
C LYS B 342 -32.30 1.80 44.35
N VAL B 343 -31.69 0.63 44.45
CA VAL B 343 -30.79 0.35 45.56
C VAL B 343 -29.56 1.25 45.51
N ASP B 344 -28.95 1.41 44.33
CA ASP B 344 -27.76 2.23 44.22
C ASP B 344 -27.65 2.76 42.80
N SER B 345 -26.96 3.89 42.67
CA SER B 345 -26.65 4.45 41.36
C SER B 345 -25.31 3.98 40.81
N SER B 346 -24.49 3.31 41.62
CA SER B 346 -23.22 2.80 41.13
C SER B 346 -23.43 1.70 40.10
N GLY B 347 -24.34 0.78 40.35
CA GLY B 347 -24.57 -0.34 39.46
C GLY B 347 -24.27 -1.67 40.12
N PHE B 348 -24.84 -2.74 39.58
CA PHE B 348 -24.63 -4.09 40.11
C PHE B 348 -23.98 -4.93 39.03
N GLN B 349 -22.80 -5.49 39.33
CA GLN B 349 -22.05 -6.25 38.35
C GLN B 349 -21.70 -7.63 38.89
N THR B 350 -21.42 -7.71 40.18
CA THR B 350 -21.06 -8.98 40.78
C THR B 350 -22.32 -9.81 41.07
N GLU B 351 -22.12 -11.10 41.27
CA GLU B 351 -23.24 -11.98 41.53
C GLU B 351 -23.75 -11.79 42.95
N PRO B 352 -25.07 -11.65 43.15
CA PRO B 352 -25.61 -11.60 44.50
C PRO B 352 -25.46 -12.94 45.21
N VAL B 353 -25.41 -12.89 46.54
CA VAL B 353 -25.31 -14.09 47.35
C VAL B 353 -26.59 -14.21 48.18
N ALA B 354 -27.12 -15.42 48.27
CA ALA B 354 -28.34 -15.68 49.02
C ALA B 354 -28.17 -16.95 49.83
N ALA B 355 -28.30 -16.84 51.15
CA ALA B 355 -28.21 -17.98 52.04
C ALA B 355 -28.78 -17.59 53.39
N ASP B 356 -29.17 -18.59 54.18
CA ASP B 356 -29.71 -18.39 55.52
C ASP B 356 -30.90 -17.43 55.49
N GLY B 357 -31.70 -17.52 54.43
CA GLY B 357 -32.82 -16.62 54.27
C GLY B 357 -32.42 -15.16 54.25
N LYS B 358 -31.32 -14.83 53.57
CA LYS B 358 -30.81 -13.47 53.58
C LYS B 358 -29.90 -13.30 52.37
N LEU B 359 -29.96 -12.12 51.76
CA LEU B 359 -29.17 -11.88 50.54
C LEU B 359 -28.28 -10.66 50.75
N LEU B 360 -27.20 -10.63 49.97
CA LEU B 360 -26.26 -9.52 49.94
C LEU B 360 -25.85 -9.26 48.50
N ILE B 361 -25.69 -7.98 48.14
CA ILE B 361 -25.22 -7.61 46.81
C ILE B 361 -24.18 -6.52 46.97
N GLN B 362 -22.99 -6.74 46.43
CA GLN B 362 -21.91 -5.74 46.52
C GLN B 362 -21.93 -4.91 45.24
N ALA B 363 -22.11 -3.60 45.40
CA ALA B 363 -22.11 -2.70 44.26
C ALA B 363 -20.71 -2.60 43.67
N LYS B 364 -20.62 -2.00 42.48
CA LYS B 364 -19.33 -1.81 41.83
C LYS B 364 -18.44 -0.89 42.64
N ASP B 365 -19.02 0.19 43.18
CA ASP B 365 -18.32 1.08 44.09
C ASP B 365 -19.04 1.31 45.41
N GLY B 366 -20.37 1.17 45.44
CA GLY B 366 -21.10 1.34 46.68
C GLY B 366 -20.86 0.24 47.69
N THR B 367 -20.16 -0.82 47.31
CA THR B 367 -19.79 -1.93 48.20
C THR B 367 -21.01 -2.67 48.73
N VAL B 368 -20.79 -3.55 49.70
CA VAL B 368 -21.81 -4.51 50.10
C VAL B 368 -23.06 -3.82 50.60
N TYR B 369 -24.21 -4.26 50.09
CA TYR B 369 -25.52 -3.75 50.45
C TYR B 369 -26.36 -4.93 50.92
N SER B 370 -26.98 -4.77 52.07
CA SER B 370 -27.84 -5.79 52.68
C SER B 370 -29.29 -5.42 52.36
N ILE B 371 -29.99 -6.29 51.65
CA ILE B 371 -31.34 -6.02 51.20
C ILE B 371 -32.32 -6.90 51.97
N THR B 372 -33.40 -6.28 52.44
CA THR B 372 -34.46 -6.98 53.17
C THR B 372 -35.69 -7.11 52.27
N ARG B 373 -36.59 -8.02 52.63
CA ARG B 373 -37.80 -8.23 51.85
C ARG B 373 -38.95 -7.39 52.39
N ARG C 6 -5.91 18.09 -42.97
CA ARG C 6 -6.90 18.41 -41.94
C ARG C 6 -6.30 18.25 -40.54
N TYR C 7 -6.87 18.97 -39.58
CA TYR C 7 -6.36 18.92 -38.21
C TYR C 7 -6.48 17.50 -37.65
N LYS C 8 -7.68 16.92 -37.73
CA LYS C 8 -7.85 15.52 -37.40
C LYS C 8 -7.35 14.64 -38.53
N ARG C 9 -7.50 13.32 -38.34
CA ARG C 9 -7.06 12.33 -39.33
C ARG C 9 -5.57 12.47 -39.58
N GLN C 10 -4.84 12.92 -38.55
CA GLN C 10 -3.48 13.38 -38.74
C GLN C 10 -2.62 12.88 -37.58
N VAL C 11 -1.38 12.50 -37.91
CA VAL C 11 -0.45 12.06 -36.87
C VAL C 11 -0.06 13.27 -36.02
N SER C 12 -0.08 13.08 -34.70
CA SER C 12 0.17 14.20 -33.79
C SER C 12 1.59 14.73 -33.93
N GLY C 13 2.57 13.84 -34.05
CA GLY C 13 3.95 14.28 -34.11
C GLY C 13 4.28 14.94 -35.44
N ASP C 14 5.52 15.43 -35.54
CA ASP C 14 5.98 16.06 -36.77
C ASP C 14 6.50 14.99 -37.74
N GLU C 15 7.14 15.43 -38.82
CA GLU C 15 7.66 14.53 -39.85
C GLU C 15 9.15 14.30 -39.71
N ALA C 16 9.76 14.69 -38.59
CA ALA C 16 11.20 14.64 -38.45
C ALA C 16 11.76 13.22 -38.42
N TYR C 17 10.90 12.21 -38.24
CA TYR C 17 11.38 10.83 -38.18
C TYR C 17 11.54 10.20 -39.55
N LEU C 18 11.25 10.93 -40.63
CA LEU C 18 11.45 10.42 -41.98
C LEU C 18 12.83 10.76 -42.54
N GLU C 19 13.66 11.47 -41.78
CA GLU C 19 15.01 11.82 -42.21
C GLU C 19 16.07 11.02 -41.46
N ALA C 20 15.73 9.82 -41.00
CA ALA C 20 16.71 8.97 -40.33
C ALA C 20 17.72 8.44 -41.35
N ALA C 21 18.97 8.38 -40.94
CA ALA C 21 20.02 7.89 -41.81
C ALA C 21 19.80 6.41 -42.08
N PRO C 22 19.86 5.97 -43.35
CA PRO C 22 19.69 4.55 -43.64
C PRO C 22 20.78 3.72 -42.98
N LEU C 23 20.39 2.53 -42.52
CA LEU C 23 21.31 1.67 -41.78
C LEU C 23 22.16 0.86 -42.76
N ALA C 24 23.48 1.03 -42.67
CA ALA C 24 24.43 0.31 -43.52
C ALA C 24 25.28 -0.59 -42.65
N GLU C 25 25.28 -1.89 -42.97
CA GLU C 25 26.06 -2.85 -42.20
C GLU C 25 27.54 -2.60 -42.39
N LEU C 26 28.27 -2.39 -41.30
CA LEU C 26 29.71 -2.22 -41.39
C LEU C 26 30.37 -3.54 -41.79
N HIS C 27 31.42 -3.44 -42.58
CA HIS C 27 32.09 -4.62 -43.12
C HIS C 27 33.23 -5.04 -42.20
N ALA C 28 33.43 -6.35 -42.09
CA ALA C 28 34.52 -6.88 -41.28
C ALA C 28 35.85 -6.70 -42.01
N PRO C 29 36.94 -6.50 -41.25
CA PRO C 29 38.27 -6.45 -41.88
C PRO C 29 38.73 -7.81 -42.33
N ALA C 30 39.95 -7.89 -42.86
CA ALA C 30 40.48 -9.15 -43.37
C ALA C 30 40.95 -10.02 -42.21
N GLY C 31 40.43 -11.25 -42.16
CA GLY C 31 40.88 -12.23 -41.18
C GLY C 31 40.59 -11.90 -39.73
N MET C 32 39.43 -11.33 -39.43
CA MET C 32 39.05 -11.07 -38.05
C MET C 32 37.54 -10.92 -37.96
N ILE C 33 36.96 -11.50 -36.93
CA ILE C 33 35.52 -11.59 -36.77
C ILE C 33 35.06 -10.57 -35.73
N LEU C 34 34.05 -9.76 -36.10
CA LEU C 34 33.37 -8.76 -35.27
C LEU C 34 32.52 -9.45 -34.21
N PRO C 35 32.16 -8.74 -33.15
CA PRO C 35 31.24 -9.33 -32.15
C PRO C 35 29.93 -9.74 -32.81
N VAL C 36 29.40 -10.87 -32.34
CA VAL C 36 28.23 -11.49 -32.98
C VAL C 36 27.03 -10.57 -32.88
N THR C 37 26.13 -10.67 -33.86
CA THR C 37 24.95 -9.82 -33.91
C THR C 37 23.87 -10.31 -32.94
N SER C 38 24.19 -10.29 -31.64
CA SER C 38 23.19 -10.61 -30.63
C SER C 38 22.10 -9.55 -30.53
N GLY C 39 22.08 -8.62 -31.47
CA GLY C 39 21.21 -7.46 -31.44
C GLY C 39 19.79 -7.75 -31.85
N ASP C 40 19.02 -8.30 -30.91
CA ASP C 40 17.58 -8.55 -31.10
C ASP C 40 16.86 -7.33 -31.64
N TYR C 41 17.46 -6.15 -31.53
CA TYR C 41 16.93 -4.96 -32.16
C TYR C 41 17.13 -5.05 -33.66
N ALA C 42 16.45 -6.01 -34.30
CA ALA C 42 16.62 -6.26 -35.72
C ALA C 42 15.38 -5.80 -36.48
N ILE C 43 15.61 -5.22 -37.66
CA ILE C 43 14.56 -4.64 -38.47
C ILE C 43 14.28 -5.60 -39.63
N PRO C 44 13.12 -6.26 -39.65
CA PRO C 44 12.77 -7.06 -40.83
C PRO C 44 12.54 -6.16 -42.04
N VAL C 45 12.86 -6.69 -43.21
CA VAL C 45 12.75 -5.92 -44.45
C VAL C 45 11.34 -6.10 -45.01
N THR C 46 10.75 -5.00 -45.47
CA THR C 46 9.39 -4.99 -45.97
C THR C 46 9.28 -4.00 -47.12
N ASN C 47 8.37 -4.28 -48.05
CA ASN C 47 8.17 -3.42 -49.20
C ASN C 47 7.59 -2.07 -48.79
N GLY C 48 7.54 -1.15 -49.76
CA GLY C 48 6.94 0.14 -49.54
C GLY C 48 5.46 0.14 -49.84
N SER C 49 5.03 1.04 -50.73
CA SER C 49 3.63 1.15 -51.14
C SER C 49 2.71 1.39 -49.96
N GLY C 50 3.21 2.06 -48.93
CA GLY C 50 2.41 2.37 -47.76
C GLY C 50 2.58 3.82 -47.35
N ALA C 51 1.46 4.51 -47.09
CA ALA C 51 1.52 5.91 -46.72
C ALA C 51 2.35 6.08 -45.45
N VAL C 52 3.23 7.09 -45.46
CA VAL C 52 4.11 7.37 -44.34
C VAL C 52 3.95 8.83 -43.94
N GLY C 53 4.38 9.11 -42.71
CA GLY C 53 4.31 10.48 -42.22
C GLY C 53 2.88 10.97 -42.17
N LYS C 54 2.67 12.18 -42.69
CA LYS C 54 1.35 12.80 -42.61
C LYS C 54 0.35 12.15 -43.55
N ALA C 55 0.81 11.51 -44.63
CA ALA C 55 -0.11 10.94 -45.62
C ALA C 55 -0.93 9.79 -45.05
N LEU C 56 -0.49 9.16 -43.97
CA LEU C 56 -1.25 8.08 -43.35
C LEU C 56 -2.39 8.67 -42.53
N ASP C 57 -3.47 7.90 -42.42
CA ASP C 57 -4.64 8.30 -41.66
C ASP C 57 -4.82 7.41 -40.44
N ILE C 58 -5.15 8.03 -39.31
CA ILE C 58 -5.43 7.32 -38.07
C ILE C 58 -6.92 7.50 -37.78
N ARG C 59 -7.71 6.49 -38.12
CA ARG C 59 -9.16 6.54 -38.02
C ARG C 59 -9.65 5.19 -37.53
N PRO C 60 -10.50 5.17 -36.50
CA PRO C 60 -10.99 3.89 -35.96
C PRO C 60 -11.64 3.06 -37.04
N PRO C 61 -11.13 1.86 -37.31
CA PRO C 61 -11.71 1.01 -38.37
C PRO C 61 -13.20 0.78 -38.16
N ALA C 62 -13.99 1.21 -39.14
CA ALA C 62 -15.43 1.11 -39.00
C ALA C 62 -15.87 -0.35 -38.92
N GLN C 63 -16.82 -0.61 -38.03
CA GLN C 63 -17.43 -1.92 -37.92
C GLN C 63 -18.94 -1.78 -38.05
N PRO C 64 -19.59 -2.69 -38.79
CA PRO C 64 -21.06 -2.63 -38.90
C PRO C 64 -21.71 -2.73 -37.52
N LEU C 65 -22.68 -1.86 -37.28
CA LEU C 65 -23.22 -1.70 -35.94
C LEU C 65 -24.31 -2.72 -35.63
N ALA C 66 -25.01 -2.52 -34.51
CA ALA C 66 -25.99 -3.48 -34.04
C ALA C 66 -27.35 -3.23 -34.69
N LEU C 67 -28.11 -4.31 -34.86
CA LEU C 67 -29.47 -4.24 -35.41
C LEU C 67 -30.24 -5.38 -34.76
N VAL C 68 -31.34 -5.85 -35.39
CA VAL C 68 -32.16 -6.92 -34.83
C VAL C 68 -31.29 -8.03 -34.24
N SER C 69 -31.71 -8.51 -33.06
CA SER C 69 -30.90 -9.42 -32.26
C SER C 69 -30.53 -10.67 -33.03
N GLY C 70 -29.30 -11.14 -32.82
CA GLY C 70 -28.81 -12.31 -33.53
C GLY C 70 -28.38 -12.06 -34.95
N ALA C 71 -28.16 -10.80 -35.33
CA ALA C 71 -27.71 -10.46 -36.67
C ALA C 71 -26.18 -10.40 -36.67
N ARG C 72 -25.58 -11.45 -37.21
CA ARG C 72 -24.12 -11.54 -37.26
C ARG C 72 -23.57 -10.73 -38.42
N THR C 73 -22.71 -9.76 -38.11
CA THR C 73 -22.06 -8.97 -39.16
C THR C 73 -20.88 -9.75 -39.73
N GLN C 74 -20.43 -9.35 -40.92
CA GLN C 74 -19.34 -10.05 -41.60
C GLN C 74 -18.58 -9.06 -42.47
N PHE C 75 -17.25 -9.07 -42.32
CA PHE C 75 -16.37 -8.20 -43.09
C PHE C 75 -15.98 -8.82 -44.42
N THR C 76 -15.72 -7.95 -45.40
CA THR C 76 -15.11 -8.33 -46.66
C THR C 76 -14.25 -7.15 -47.11
N GLY C 77 -13.24 -7.45 -47.93
CA GLY C 77 -12.29 -6.41 -48.34
C GLY C 77 -12.96 -5.25 -49.04
N ASP C 78 -13.94 -5.56 -49.90
CA ASP C 78 -14.70 -4.53 -50.60
C ASP C 78 -16.19 -4.60 -50.30
N THR C 79 -16.69 -5.74 -49.85
CA THR C 79 -18.11 -5.98 -49.63
C THR C 79 -18.36 -6.04 -48.12
N ALA C 80 -19.62 -6.25 -47.74
CA ALA C 80 -19.99 -6.49 -46.34
C ALA C 80 -21.19 -7.40 -46.33
N SER C 81 -21.28 -8.23 -45.28
CA SER C 81 -22.34 -9.23 -45.20
C SER C 81 -23.01 -9.15 -43.82
N LEU C 82 -24.21 -9.71 -43.74
CA LEU C 82 -24.98 -9.66 -42.49
C LEU C 82 -26.02 -10.75 -42.49
N LEU C 83 -25.89 -11.70 -41.57
CA LEU C 83 -26.98 -12.63 -41.31
C LEU C 83 -28.06 -11.92 -40.50
N VAL C 84 -29.30 -12.41 -40.63
CA VAL C 84 -30.44 -11.85 -39.90
C VAL C 84 -31.22 -12.99 -39.28
N GLU C 85 -32.31 -12.65 -38.61
CA GLU C 85 -33.19 -13.65 -38.02
C GLU C 85 -34.65 -13.34 -38.32
N THR C 91 -40.10 -10.88 -44.97
CA THR C 91 -40.12 -9.76 -45.90
C THR C 91 -38.88 -8.88 -45.74
N LEU C 92 -37.73 -9.54 -45.59
CA LEU C 92 -36.49 -8.80 -45.37
C LEU C 92 -36.13 -7.93 -46.56
N TRP C 93 -36.25 -8.46 -47.78
CA TRP C 93 -36.02 -7.63 -48.96
C TRP C 93 -37.02 -6.49 -49.10
N PRO C 94 -38.32 -6.68 -48.90
CA PRO C 94 -39.20 -5.50 -48.85
C PRO C 94 -38.79 -4.49 -47.79
N GLN C 95 -38.31 -4.94 -46.63
CA GLN C 95 -37.84 -4.00 -45.61
C GLN C 95 -36.63 -3.22 -46.11
N VAL C 96 -35.70 -3.90 -46.78
CA VAL C 96 -34.50 -3.23 -47.30
C VAL C 96 -34.89 -2.22 -48.38
N VAL C 97 -35.77 -2.62 -49.29
CA VAL C 97 -36.28 -1.67 -50.28
C VAL C 97 -36.92 -0.48 -49.59
N SER C 98 -37.68 -0.75 -48.51
CA SER C 98 -38.35 0.33 -47.79
CA SER C 98 -38.35 0.33 -47.79
C SER C 98 -37.36 1.31 -47.20
N VAL C 99 -36.28 0.81 -46.59
CA VAL C 99 -35.32 1.72 -45.96
C VAL C 99 -34.55 2.52 -47.01
N LEU C 100 -34.24 1.88 -48.16
CA LEU C 100 -33.60 2.63 -49.24
C LEU C 100 -34.52 3.72 -49.78
N GLN C 101 -35.82 3.44 -49.92
CA GLN C 101 -36.74 4.51 -50.33
C GLN C 101 -36.84 5.59 -49.27
N ALA C 102 -36.80 5.19 -47.99
CA ALA C 102 -36.87 6.17 -46.90
C ALA C 102 -35.68 7.11 -46.95
N LYS C 103 -34.50 6.60 -47.28
CA LYS C 103 -33.34 7.47 -47.46
C LYS C 103 -33.33 8.17 -48.81
N ASN C 104 -34.36 7.96 -49.63
CA ASN C 104 -34.56 8.60 -50.93
C ASN C 104 -33.48 8.25 -51.95
N TYR C 105 -32.77 7.14 -51.79
CA TYR C 105 -31.75 6.74 -52.75
C TYR C 105 -32.41 6.16 -54.00
N THR C 106 -32.18 6.80 -55.15
CA THR C 106 -32.85 6.44 -56.38
C THR C 106 -32.48 5.03 -56.83
N ILE C 107 -33.48 4.26 -57.23
CA ILE C 107 -33.31 2.88 -57.66
C ILE C 107 -33.15 2.87 -59.17
N THR C 108 -31.91 2.65 -59.62
CA THR C 108 -31.65 2.54 -61.06
C THR C 108 -32.12 1.19 -61.60
N GLN C 109 -31.85 0.12 -60.85
CA GLN C 109 -32.17 -1.24 -61.27
C GLN C 109 -32.81 -1.99 -60.11
N ARG C 110 -33.79 -2.84 -60.42
CA ARG C 110 -34.53 -3.55 -59.38
C ARG C 110 -35.09 -4.85 -59.93
N ASP C 111 -34.70 -5.97 -59.32
CA ASP C 111 -35.28 -7.29 -59.59
C ASP C 111 -35.73 -7.87 -58.25
N ASP C 112 -37.01 -7.68 -57.92
CA ASP C 112 -37.53 -8.23 -56.66
C ASP C 112 -37.50 -9.75 -56.66
N ALA C 113 -37.71 -10.36 -57.83
CA ALA C 113 -37.68 -11.82 -57.94
C ALA C 113 -36.30 -12.36 -57.59
N GLY C 114 -35.25 -11.72 -58.09
CA GLY C 114 -33.90 -12.12 -57.75
C GLY C 114 -33.42 -11.53 -56.44
N GLN C 115 -34.23 -10.63 -55.88
CA GLN C 115 -33.90 -9.94 -54.62
C GLN C 115 -32.55 -9.25 -54.70
N THR C 116 -32.32 -8.58 -55.83
CA THR C 116 -31.08 -7.84 -56.06
C THR C 116 -31.42 -6.50 -56.70
N LEU C 117 -30.74 -5.46 -56.24
CA LEU C 117 -31.06 -4.10 -56.65
C LEU C 117 -29.77 -3.32 -56.82
N THR C 118 -29.84 -2.25 -57.62
CA THR C 118 -28.74 -1.31 -57.78
C THR C 118 -29.28 0.10 -57.60
N THR C 119 -28.59 0.88 -56.78
CA THR C 119 -29.03 2.22 -56.41
C THR C 119 -28.39 3.27 -57.31
N ASP C 120 -28.63 4.53 -56.95
CA ASP C 120 -28.02 5.68 -57.61
C ASP C 120 -26.75 6.08 -56.86
N TRP C 121 -26.12 7.18 -57.29
CA TRP C 121 -24.98 7.70 -56.56
C TRP C 121 -25.44 8.24 -55.21
N VAL C 122 -24.76 7.83 -54.15
CA VAL C 122 -25.07 8.23 -52.79
C VAL C 122 -23.89 9.01 -52.23
N GLN C 123 -24.18 10.14 -51.58
CA GLN C 123 -23.12 11.02 -51.12
C GLN C 123 -22.84 10.82 -49.64
N TRP C 124 -21.56 10.73 -49.30
CA TRP C 124 -21.11 10.57 -47.93
C TRP C 124 -20.10 11.67 -47.64
N ASN C 125 -20.51 12.65 -46.84
CA ASN C 125 -19.61 13.69 -46.38
C ASN C 125 -19.43 13.58 -44.87
N ARG C 126 -18.17 13.60 -44.42
CA ARG C 126 -17.86 13.46 -43.01
C ARG C 126 -16.89 14.56 -42.59
N LEU C 127 -17.45 15.74 -42.31
CA LEU C 127 -16.74 16.86 -41.69
C LEU C 127 -15.31 17.07 -42.19
N ASP C 128 -15.09 16.94 -43.51
CA ASP C 128 -13.81 17.27 -44.11
C ASP C 128 -13.99 17.69 -45.56
N GLU C 129 -13.17 18.64 -45.99
CA GLU C 129 -13.38 19.31 -47.28
C GLU C 129 -12.69 18.54 -48.41
N ASP C 130 -13.26 18.64 -49.61
CA ASP C 130 -12.88 17.96 -50.84
C ASP C 130 -13.05 16.44 -50.78
N GLU C 131 -13.63 15.91 -49.72
CA GLU C 131 -13.87 14.48 -49.63
C GLU C 131 -15.33 14.13 -49.35
N GLN C 132 -16.27 14.80 -50.03
CA GLN C 132 -17.68 14.41 -49.98
C GLN C 132 -17.83 13.16 -50.84
N TYR C 133 -17.61 12.01 -50.20
CA TYR C 133 -17.52 10.75 -50.91
C TYR C 133 -18.82 10.41 -51.63
N ARG C 134 -18.70 9.90 -52.84
CA ARG C 134 -19.81 9.41 -53.63
C ARG C 134 -19.62 7.93 -53.90
N GLY C 135 -20.72 7.18 -53.93
CA GLY C 135 -20.61 5.74 -54.01
C GLY C 135 -21.53 5.03 -54.98
N ARG C 136 -21.00 4.02 -55.65
CA ARG C 136 -21.74 3.07 -56.46
C ARG C 136 -21.82 1.74 -55.72
N TYR C 137 -23.03 1.41 -55.25
CA TYR C 137 -23.26 0.30 -54.33
C TYR C 137 -24.27 -0.66 -54.94
N GLN C 138 -23.97 -1.96 -54.90
CA GLN C 138 -24.88 -2.97 -55.41
C GLN C 138 -25.46 -3.83 -54.29
N ILE C 139 -26.62 -3.43 -53.77
CA ILE C 139 -27.25 -4.15 -52.66
C ILE C 139 -27.85 -5.46 -53.16
N SER C 140 -27.80 -6.49 -52.31
CA SER C 140 -28.38 -7.78 -52.60
C SER C 140 -28.63 -8.55 -51.31
N VAL C 141 -29.55 -9.52 -51.36
CA VAL C 141 -29.81 -10.43 -50.25
C VAL C 141 -29.93 -11.85 -50.80
N LYS C 142 -29.40 -12.81 -50.08
CA LYS C 142 -29.62 -14.22 -50.38
C LYS C 142 -29.66 -14.99 -49.07
N PRO C 143 -30.47 -16.04 -48.98
CA PRO C 143 -30.57 -16.80 -47.73
C PRO C 143 -29.30 -17.58 -47.42
N GLN C 144 -29.10 -17.94 -46.16
CA GLN C 144 -27.93 -18.71 -45.75
C GLN C 144 -28.26 -19.60 -44.56
N GLY C 145 -28.23 -20.90 -44.75
CA GLY C 145 -28.59 -21.82 -43.68
C GLY C 145 -30.08 -21.72 -43.36
N TYR C 146 -30.38 -21.54 -42.08
CA TYR C 146 -31.75 -21.41 -41.61
C TYR C 146 -32.23 -19.97 -41.59
N GLN C 147 -31.40 -19.02 -42.03
CA GLN C 147 -31.74 -17.61 -41.99
C GLN C 147 -31.36 -16.95 -43.32
N GLN C 148 -31.43 -15.62 -43.33
CA GLN C 148 -31.17 -14.82 -44.53
C GLN C 148 -29.93 -13.96 -44.32
N ALA C 149 -29.21 -13.69 -45.41
CA ALA C 149 -27.96 -12.94 -45.35
C ALA C 149 -28.02 -11.75 -46.30
N VAL C 150 -27.66 -10.57 -45.80
CA VAL C 150 -27.72 -9.32 -46.55
C VAL C 150 -26.29 -8.92 -46.90
N THR C 151 -26.06 -8.64 -48.18
CA THR C 151 -24.73 -8.28 -48.69
C THR C 151 -24.78 -6.88 -49.28
N VAL C 152 -23.86 -6.03 -48.82
CA VAL C 152 -23.68 -4.69 -49.37
C VAL C 152 -22.37 -4.68 -50.14
N LYS C 153 -22.45 -4.53 -51.46
CA LYS C 153 -21.30 -4.59 -52.34
C LYS C 153 -21.03 -3.20 -52.89
N LEU C 154 -19.81 -2.71 -52.68
CA LEU C 154 -19.41 -1.39 -53.19
C LEU C 154 -18.79 -1.60 -54.56
N LEU C 155 -19.47 -1.07 -55.58
CA LEU C 155 -18.93 -1.12 -56.94
C LEU C 155 -17.84 -0.07 -57.10
N ASN C 156 -18.19 1.20 -56.94
CA ASN C 156 -17.27 2.30 -57.19
C ASN C 156 -17.26 3.28 -56.01
N LEU C 157 -16.15 4.02 -55.92
CA LEU C 157 -15.99 5.08 -54.92
C LEU C 157 -15.33 6.25 -55.61
N GLU C 158 -15.78 7.47 -55.32
CA GLU C 158 -15.27 8.69 -55.92
C GLU C 158 -14.99 9.74 -54.86
N GLN C 159 -13.93 10.53 -55.08
CA GLN C 159 -13.57 11.63 -54.21
C GLN C 159 -13.55 12.91 -55.02
N ALA C 160 -14.53 13.80 -54.76
CA ALA C 160 -14.66 15.06 -55.46
C ALA C 160 -14.70 14.84 -56.98
N GLY C 161 -15.40 13.80 -57.42
CA GLY C 161 -15.45 13.45 -58.82
C GLY C 161 -14.29 12.60 -59.31
N LYS C 162 -13.33 12.26 -58.44
CA LYS C 162 -12.21 11.43 -58.83
C LYS C 162 -12.35 10.04 -58.23
N PRO C 163 -12.48 9.00 -59.05
CA PRO C 163 -12.47 7.63 -58.50
C PRO C 163 -11.16 7.32 -57.80
N VAL C 164 -11.25 6.60 -56.68
CA VAL C 164 -10.09 6.24 -55.88
C VAL C 164 -10.20 4.75 -55.59
N ALA C 165 -9.05 4.13 -55.25
CA ALA C 165 -9.03 2.69 -55.06
C ALA C 165 -8.24 2.24 -53.83
N ASP C 166 -8.18 3.05 -52.78
CA ASP C 166 -7.56 2.60 -51.54
C ASP C 166 -8.52 1.74 -50.74
N ALA C 167 -8.02 0.60 -50.25
CA ALA C 167 -8.89 -0.40 -49.65
C ALA C 167 -9.64 0.14 -48.43
N ALA C 168 -8.96 0.97 -47.62
CA ALA C 168 -9.57 1.47 -46.40
C ALA C 168 -10.84 2.26 -46.67
N SER C 169 -10.83 3.10 -47.71
CA SER C 169 -11.99 3.93 -48.02
C SER C 169 -13.17 3.06 -48.45
N MET C 170 -12.92 2.07 -49.31
CA MET C 170 -13.99 1.16 -49.71
C MET C 170 -14.55 0.41 -48.50
N GLN C 171 -13.68 -0.04 -47.60
CA GLN C 171 -14.14 -0.70 -46.39
C GLN C 171 -15.05 0.21 -45.57
N ARG C 172 -14.58 1.43 -45.29
CA ARG C 172 -15.34 2.34 -44.43
C ARG C 172 -16.67 2.72 -45.06
N TYR C 173 -16.69 2.97 -46.36
CA TYR C 173 -17.90 3.43 -47.01
C TYR C 173 -18.79 2.30 -47.50
N SER C 174 -18.36 1.05 -47.35
CA SER C 174 -19.30 -0.05 -47.38
C SER C 174 -19.93 -0.26 -46.01
N THR C 175 -19.11 -0.13 -44.96
CA THR C 175 -19.62 -0.28 -43.60
C THR C 175 -20.63 0.81 -43.26
N GLU C 176 -20.41 2.03 -43.74
CA GLU C 176 -21.36 3.11 -43.48
C GLU C 176 -22.72 2.83 -44.11
N MET C 177 -22.73 2.36 -45.35
CA MET C 177 -24.00 2.04 -46.00
C MET C 177 -24.67 0.87 -45.29
N MET C 178 -23.91 -0.16 -44.97
CA MET C 178 -24.43 -1.28 -44.20
C MET C 178 -25.06 -0.79 -42.90
N ASN C 179 -24.44 0.20 -42.26
CA ASN C 179 -24.98 0.76 -41.03
C ASN C 179 -26.28 1.52 -41.31
N VAL C 180 -26.37 2.16 -42.47
CA VAL C 180 -27.61 2.84 -42.85
C VAL C 180 -28.75 1.83 -42.94
N ILE C 181 -28.52 0.70 -43.63
CA ILE C 181 -29.56 -0.33 -43.64
C ILE C 181 -29.86 -0.83 -42.22
N SER C 182 -28.81 -1.10 -41.44
CA SER C 182 -29.01 -1.73 -40.13
C SER C 182 -29.83 -0.82 -39.21
N ALA C 183 -29.50 0.47 -39.18
CA ALA C 183 -30.30 1.40 -38.39
C ALA C 183 -31.69 1.57 -38.97
N GLY C 184 -31.80 1.62 -40.30
CA GLY C 184 -33.11 1.69 -40.92
C GLY C 184 -33.93 0.44 -40.68
N LEU C 185 -33.28 -0.72 -40.63
CA LEU C 185 -33.99 -1.97 -40.35
C LEU C 185 -34.59 -1.95 -38.97
N ASP C 186 -33.87 -1.40 -37.99
CA ASP C 186 -34.39 -1.31 -36.63
C ASP C 186 -35.61 -0.39 -36.58
N LYS C 187 -35.69 0.56 -37.49
CA LYS C 187 -36.86 1.44 -37.61
C LYS C 187 -37.94 0.75 -38.43
N SER C 188 -38.69 -0.11 -37.75
CA SER C 188 -39.75 -0.88 -38.39
C SER C 188 -40.92 -1.11 -37.43
N GLU D 7 -23.19 11.71 -16.77
CA GLU D 7 -23.61 13.11 -16.78
C GLU D 7 -24.70 13.35 -17.83
N VAL D 8 -24.50 12.82 -19.03
CA VAL D 8 -25.48 12.95 -20.11
C VAL D 8 -26.75 12.21 -19.71
N PRO D 9 -27.92 12.68 -20.13
CA PRO D 9 -29.17 12.00 -19.75
C PRO D 9 -29.25 10.61 -20.35
N ASP D 10 -29.91 9.71 -19.61
CA ASP D 10 -30.11 8.35 -20.10
C ASP D 10 -30.90 8.36 -21.40
N ASN D 11 -30.42 7.60 -22.38
CA ASN D 11 -31.00 7.57 -23.70
C ASN D 11 -30.69 6.22 -24.33
N PRO D 12 -31.50 5.77 -25.29
CA PRO D 12 -31.16 4.55 -26.01
C PRO D 12 -29.87 4.72 -26.80
N PRO D 13 -29.11 3.64 -26.99
CA PRO D 13 -27.71 3.80 -27.41
C PRO D 13 -27.53 4.42 -28.78
N ASN D 14 -28.50 4.29 -29.68
CA ASN D 14 -28.26 4.65 -31.08
C ASN D 14 -28.02 6.16 -31.24
N GLU D 15 -28.89 7.00 -30.66
CA GLU D 15 -28.70 8.43 -30.90
C GLU D 15 -27.55 9.00 -30.08
N ILE D 16 -27.27 8.44 -28.90
CA ILE D 16 -26.13 8.90 -28.14
C ILE D 16 -24.83 8.54 -28.84
N TYR D 17 -24.78 7.35 -29.46
CA TYR D 17 -23.65 7.00 -30.30
C TYR D 17 -23.55 7.95 -31.49
N ALA D 18 -24.70 8.29 -32.09
CA ALA D 18 -24.68 9.19 -33.24
C ALA D 18 -24.12 10.55 -32.87
N THR D 19 -24.55 11.10 -31.73
CA THR D 19 -24.05 12.41 -31.34
C THR D 19 -22.60 12.36 -30.88
N ALA D 20 -22.16 11.25 -30.29
CA ALA D 20 -20.74 11.08 -29.99
C ALA D 20 -19.92 11.05 -31.28
N GLN D 21 -20.41 10.34 -32.29
CA GLN D 21 -19.73 10.31 -33.58
C GLN D 21 -19.68 11.70 -34.21
N GLN D 22 -20.77 12.45 -34.10
CA GLN D 22 -20.78 13.81 -34.62
C GLN D 22 -19.76 14.68 -33.91
N LYS D 23 -19.68 14.55 -32.58
CA LYS D 23 -18.69 15.31 -31.81
C LYS D 23 -17.27 14.96 -32.23
N LEU D 24 -17.00 13.67 -32.45
CA LEU D 24 -15.70 13.27 -32.98
C LEU D 24 -15.47 13.87 -34.36
N GLN D 25 -16.50 13.91 -35.19
CA GLN D 25 -16.38 14.49 -36.52
C GLN D 25 -15.96 15.95 -36.44
N ASP D 26 -16.59 16.71 -35.55
CA ASP D 26 -16.22 18.12 -35.40
C ASP D 26 -14.81 18.27 -34.86
N GLY D 27 -14.35 17.31 -34.06
CA GLY D 27 -13.05 17.40 -33.43
C GLY D 27 -13.07 17.82 -31.98
N ASN D 28 -14.26 18.04 -31.40
CA ASN D 28 -14.38 18.41 -30.00
C ASN D 28 -14.16 17.15 -29.17
N TRP D 29 -12.88 16.78 -29.04
CA TRP D 29 -12.53 15.52 -28.37
C TRP D 29 -12.91 15.54 -26.90
N ARG D 30 -12.71 16.68 -26.23
CA ARG D 30 -13.00 16.74 -24.79
C ARG D 30 -14.46 16.42 -24.52
N GLN D 31 -15.38 17.00 -25.30
CA GLN D 31 -16.78 16.66 -25.16
C GLN D 31 -17.06 15.22 -25.57
N ALA D 32 -16.45 14.78 -26.67
CA ALA D 32 -16.77 13.46 -27.23
C ALA D 32 -16.38 12.33 -26.29
N ILE D 33 -15.31 12.49 -25.52
CA ILE D 33 -14.91 11.47 -24.57
C ILE D 33 -16.03 11.21 -23.57
N THR D 34 -16.74 12.26 -23.14
CA THR D 34 -17.81 12.10 -22.18
C THR D 34 -18.90 11.18 -22.72
N GLN D 35 -19.40 11.48 -23.92
CA GLN D 35 -20.46 10.64 -24.51
C GLN D 35 -19.96 9.23 -24.75
N LEU D 36 -18.73 9.08 -25.25
CA LEU D 36 -18.22 7.74 -25.53
C LEU D 36 -18.10 6.92 -24.26
N GLU D 37 -17.57 7.52 -23.19
CA GLU D 37 -17.43 6.82 -21.92
C GLU D 37 -18.78 6.47 -21.33
N ALA D 38 -19.75 7.39 -21.41
CA ALA D 38 -21.09 7.08 -20.92
C ALA D 38 -21.71 5.92 -21.69
N LEU D 39 -21.55 5.93 -23.02
CA LEU D 39 -22.10 4.86 -23.83
C LEU D 39 -21.44 3.52 -23.49
N ASP D 40 -20.13 3.53 -23.28
CA ASP D 40 -19.44 2.29 -22.91
C ASP D 40 -19.90 1.80 -21.55
N ASN D 41 -20.08 2.71 -20.59
CA ASN D 41 -20.48 2.32 -19.24
C ASN D 41 -21.89 1.74 -19.23
N ARG D 42 -22.84 2.44 -19.84
CA ARG D 42 -24.25 2.03 -19.71
C ARG D 42 -24.54 0.72 -20.43
N TYR D 43 -23.75 0.39 -21.44
CA TYR D 43 -23.92 -0.85 -22.21
C TYR D 43 -22.56 -1.50 -22.37
N PRO D 44 -22.03 -2.13 -21.32
CA PRO D 44 -20.66 -2.68 -21.39
C PRO D 44 -20.46 -3.71 -22.48
N PHE D 45 -21.48 -4.53 -22.77
CA PHE D 45 -21.37 -5.60 -23.76
C PHE D 45 -22.47 -5.49 -24.79
N GLY D 46 -22.66 -4.28 -25.33
CA GLY D 46 -23.60 -4.07 -26.38
C GLY D 46 -23.10 -4.63 -27.70
N PRO D 47 -23.92 -4.48 -28.75
CA PRO D 47 -23.54 -5.05 -30.05
C PRO D 47 -22.30 -4.43 -30.66
N TYR D 48 -21.94 -3.20 -30.27
CA TYR D 48 -20.83 -2.49 -30.90
C TYR D 48 -19.94 -1.83 -29.86
N SER D 49 -19.64 -2.55 -28.79
CA SER D 49 -18.70 -2.02 -27.79
C SER D 49 -17.29 -1.91 -28.37
N GLN D 50 -16.95 -2.73 -29.36
CA GLN D 50 -15.64 -2.65 -29.98
C GLN D 50 -15.45 -1.30 -30.69
N GLN D 51 -16.50 -0.83 -31.38
CA GLN D 51 -16.43 0.50 -32.00
C GLN D 51 -16.22 1.57 -30.95
N VAL D 52 -16.90 1.45 -29.80
CA VAL D 52 -16.74 2.42 -28.73
C VAL D 52 -15.31 2.41 -28.21
N GLN D 53 -14.73 1.21 -28.03
CA GLN D 53 -13.36 1.13 -27.57
C GLN D 53 -12.39 1.77 -28.54
N LEU D 54 -12.58 1.51 -29.84
CA LEU D 54 -11.67 2.08 -30.85
C LEU D 54 -11.79 3.59 -30.88
N ASP D 55 -13.02 4.11 -30.87
CA ASP D 55 -13.20 5.56 -30.86
C ASP D 55 -12.62 6.18 -29.60
N LEU D 56 -12.75 5.50 -28.47
CA LEU D 56 -12.19 6.02 -27.23
C LEU D 56 -10.67 6.07 -27.29
N ILE D 57 -10.04 5.04 -27.86
CA ILE D 57 -8.59 5.05 -28.03
C ILE D 57 -8.18 6.23 -28.91
N TYR D 58 -8.89 6.43 -30.02
CA TYR D 58 -8.57 7.52 -30.92
C TYR D 58 -8.71 8.87 -30.23
N ALA D 59 -9.80 9.07 -29.49
CA ALA D 59 -10.03 10.33 -28.81
C ALA D 59 -8.99 10.57 -27.73
N TYR D 60 -8.66 9.54 -26.94
CA TYR D 60 -7.64 9.69 -25.90
C TYR D 60 -6.29 10.06 -26.51
N TYR D 61 -5.91 9.41 -27.61
CA TYR D 61 -4.65 9.75 -28.24
C TYR D 61 -4.65 11.17 -28.78
N LYS D 62 -5.74 11.60 -29.41
CA LYS D 62 -5.78 12.95 -29.96
C LYS D 62 -5.84 14.00 -28.86
N ASN D 63 -6.44 13.67 -27.71
CA ASN D 63 -6.62 14.62 -26.63
C ASN D 63 -5.40 14.73 -25.71
N ALA D 64 -4.28 14.11 -26.08
CA ALA D 64 -3.06 14.16 -25.27
C ALA D 64 -3.32 13.67 -23.86
N ASP D 65 -4.05 12.56 -23.76
CA ASP D 65 -4.40 11.97 -22.47
C ASP D 65 -3.82 10.56 -22.42
N LEU D 66 -2.54 10.46 -22.74
CA LEU D 66 -1.92 9.18 -23.11
C LEU D 66 -2.08 8.05 -22.11
N PRO D 67 -1.92 8.23 -20.79
CA PRO D 67 -2.02 7.06 -19.89
C PRO D 67 -3.33 6.31 -20.00
N LEU D 68 -4.45 7.02 -20.11
CA LEU D 68 -5.74 6.34 -20.26
C LEU D 68 -5.82 5.62 -21.60
N ALA D 69 -5.26 6.22 -22.66
CA ALA D 69 -5.21 5.54 -23.94
C ALA D 69 -4.43 4.24 -23.84
N GLN D 70 -3.30 4.27 -23.13
CA GLN D 70 -2.51 3.06 -22.96
C GLN D 70 -3.28 2.00 -22.19
N ALA D 71 -3.98 2.41 -21.13
CA ALA D 71 -4.77 1.46 -20.37
C ALA D 71 -5.85 0.82 -21.24
N ALA D 72 -6.55 1.63 -22.03
CA ALA D 72 -7.58 1.10 -22.91
C ALA D 72 -7.00 0.17 -23.96
N ILE D 73 -5.82 0.52 -24.49
CA ILE D 73 -5.18 -0.31 -25.51
C ILE D 73 -4.82 -1.67 -24.92
N ASP D 74 -4.23 -1.67 -23.73
CA ASP D 74 -3.89 -2.94 -23.09
C ASP D 74 -5.14 -3.77 -22.80
N ARG D 75 -6.20 -3.11 -22.34
CA ARG D 75 -7.44 -3.83 -22.05
C ARG D 75 -7.99 -4.48 -23.31
N PHE D 76 -8.03 -3.73 -24.41
CA PHE D 76 -8.55 -4.24 -25.66
C PHE D 76 -7.70 -5.40 -26.18
N ILE D 77 -6.38 -5.28 -26.06
CA ILE D 77 -5.50 -6.38 -26.47
C ILE D 77 -5.77 -7.62 -25.63
N ARG D 78 -5.94 -7.43 -24.32
CA ARG D 78 -6.13 -8.57 -23.43
C ARG D 78 -7.43 -9.30 -23.72
N LEU D 79 -8.55 -8.58 -23.77
CA LEU D 79 -9.85 -9.25 -23.85
C LEU D 79 -10.33 -9.46 -25.28
N ASN D 80 -9.57 -9.00 -26.28
CA ASN D 80 -9.83 -9.35 -27.69
C ASN D 80 -8.52 -9.79 -28.33
N PRO D 81 -8.00 -10.95 -27.96
CA PRO D 81 -6.73 -11.40 -28.55
C PRO D 81 -6.77 -11.53 -30.05
N THR D 82 -7.91 -11.93 -30.61
CA THR D 82 -8.08 -12.08 -32.04
C THR D 82 -9.18 -11.13 -32.51
N HIS D 83 -8.87 -10.32 -33.52
CA HIS D 83 -9.81 -9.34 -34.04
C HIS D 83 -9.31 -8.96 -35.42
N PRO D 84 -10.21 -8.67 -36.38
CA PRO D 84 -9.74 -8.37 -37.74
C PRO D 84 -8.86 -7.13 -37.85
N ASN D 85 -8.90 -6.23 -36.88
CA ASN D 85 -8.14 -4.98 -36.95
C ASN D 85 -7.36 -4.74 -35.66
N ILE D 86 -6.66 -5.76 -35.17
CA ILE D 86 -5.84 -5.59 -33.98
C ILE D 86 -4.53 -4.89 -34.31
N ASP D 87 -4.10 -4.95 -35.57
CA ASP D 87 -2.88 -4.25 -35.97
C ASP D 87 -3.01 -2.75 -35.79
N TYR D 88 -4.21 -2.21 -35.99
CA TYR D 88 -4.44 -0.79 -35.74
C TYR D 88 -4.15 -0.46 -34.28
N VAL D 89 -4.62 -1.29 -33.36
CA VAL D 89 -4.39 -1.06 -31.94
C VAL D 89 -2.91 -1.19 -31.61
N MET D 90 -2.23 -2.16 -32.19
CA MET D 90 -0.79 -2.31 -31.94
C MET D 90 -0.03 -1.08 -32.42
N TYR D 91 -0.33 -0.61 -33.64
CA TYR D 91 0.34 0.57 -34.17
C TYR D 91 0.05 1.79 -33.30
N MET D 92 -1.20 1.95 -32.86
CA MET D 92 -1.52 3.08 -31.99
C MET D 92 -0.82 2.99 -30.65
N ARG D 93 -0.63 1.79 -30.11
CA ARG D 93 0.13 1.65 -28.87
C ARG D 93 1.57 2.09 -29.06
N GLY D 94 2.19 1.66 -30.15
CA GLY D 94 3.54 2.11 -30.44
C GLY D 94 3.62 3.61 -30.62
N LEU D 95 2.65 4.18 -31.32
CA LEU D 95 2.62 5.63 -31.54
C LEU D 95 2.43 6.36 -30.22
N THR D 96 1.59 5.83 -29.34
CA THR D 96 1.39 6.44 -28.02
C THR D 96 2.68 6.45 -27.23
N ASN D 97 3.41 5.33 -27.22
CA ASN D 97 4.68 5.30 -26.50
C ASN D 97 5.67 6.30 -27.09
N MET D 98 5.80 6.32 -28.41
CA MET D 98 6.76 7.21 -29.05
C MET D 98 6.42 8.68 -28.77
N ALA D 99 5.14 9.02 -28.81
CA ALA D 99 4.74 10.38 -28.47
C ALA D 99 5.02 10.69 -27.01
N LEU D 100 4.77 9.71 -26.12
CA LEU D 100 5.04 9.91 -24.71
C LEU D 100 6.51 10.18 -24.45
N ASP D 101 7.39 9.69 -25.33
CA ASP D 101 8.82 9.95 -25.16
C ASP D 101 9.12 11.45 -25.19
N ASP D 102 8.52 12.17 -26.13
CA ASP D 102 8.78 13.60 -26.31
C ASP D 102 7.71 14.40 -25.55
N SER D 103 8.05 14.80 -24.33
CA SER D 103 7.17 15.66 -23.51
C SER D 103 8.05 16.74 -22.87
N ALA D 104 8.24 17.84 -23.60
CA ALA D 104 9.02 18.97 -23.10
C ALA D 104 8.82 20.15 -24.05
N LEU D 105 9.19 21.32 -23.57
CA LEU D 105 9.22 22.53 -24.38
C LEU D 105 10.42 22.57 -25.33
N GLN D 106 11.39 21.67 -25.14
CA GLN D 106 12.62 21.70 -25.92
C GLN D 106 12.39 21.60 -27.42
N GLY D 107 11.26 21.02 -27.84
CA GLY D 107 10.97 20.96 -29.27
C GLY D 107 10.91 22.33 -29.91
N PHE D 108 10.60 23.37 -29.12
CA PHE D 108 10.65 24.73 -29.65
C PHE D 108 12.06 25.11 -30.05
N PHE D 109 13.05 24.78 -29.24
CA PHE D 109 14.43 25.17 -29.50
C PHE D 109 15.21 24.13 -30.29
N GLY D 110 14.57 23.02 -30.67
CA GLY D 110 15.27 21.97 -31.39
C GLY D 110 16.37 21.32 -30.59
N VAL D 111 16.21 21.22 -29.27
CA VAL D 111 17.22 20.61 -28.42
C VAL D 111 17.30 19.13 -28.73
N ASP D 112 18.53 18.59 -28.73
CA ASP D 112 18.75 17.21 -29.12
C ASP D 112 18.26 16.26 -28.03
N ARG D 113 16.96 15.99 -28.02
CA ARG D 113 16.37 15.06 -27.05
C ARG D 113 16.71 13.63 -27.43
N SER D 114 17.98 13.29 -27.24
CA SER D 114 18.48 11.96 -27.54
C SER D 114 19.03 11.23 -26.33
N ASP D 115 19.66 11.93 -25.40
CA ASP D 115 20.27 11.31 -24.23
C ASP D 115 19.43 11.46 -22.97
N ARG D 116 18.13 11.74 -23.11
CA ARG D 116 17.22 11.76 -21.98
C ARG D 116 16.81 10.32 -21.66
N ASP D 117 15.78 10.16 -20.83
CA ASP D 117 15.35 8.82 -20.45
C ASP D 117 14.82 8.08 -21.67
N PRO D 118 15.39 6.94 -22.03
CA PRO D 118 14.99 6.24 -23.28
C PRO D 118 13.98 5.11 -23.13
N GLN D 119 13.49 4.82 -21.92
CA GLN D 119 12.67 3.62 -21.74
C GLN D 119 11.41 3.67 -22.59
N HIS D 120 10.85 4.87 -22.78
CA HIS D 120 9.70 5.01 -23.67
C HIS D 120 10.07 4.66 -25.10
N ALA D 121 11.27 5.05 -25.53
CA ALA D 121 11.73 4.68 -26.86
C ALA D 121 11.88 3.17 -26.99
N ARG D 122 12.41 2.52 -25.95
CA ARG D 122 12.52 1.06 -25.97
C ARG D 122 11.16 0.39 -26.07
N ALA D 123 10.18 0.87 -25.30
CA ALA D 123 8.85 0.28 -25.36
C ALA D 123 8.22 0.50 -26.74
N ALA D 124 8.41 1.68 -27.32
CA ALA D 124 7.88 1.93 -28.65
C ALA D 124 8.53 1.03 -29.68
N PHE D 125 9.84 0.83 -29.57
CA PHE D 125 10.52 -0.11 -30.47
C PHE D 125 9.95 -1.51 -30.32
N SER D 126 9.71 -1.94 -29.08
CA SER D 126 9.14 -3.27 -28.88
C SER D 126 7.76 -3.39 -29.52
N ASP D 127 6.91 -2.39 -29.33
CA ASP D 127 5.57 -2.45 -29.91
C ASP D 127 5.62 -2.48 -31.43
N PHE D 128 6.44 -1.61 -32.02
CA PHE D 128 6.52 -1.57 -33.48
C PHE D 128 7.10 -2.86 -34.04
N SER D 129 8.11 -3.41 -33.38
CA SER D 129 8.69 -4.67 -33.85
C SER D 129 7.70 -5.81 -33.74
N LYS D 130 6.91 -5.84 -32.67
CA LYS D 130 5.87 -6.86 -32.56
C LYS D 130 4.85 -6.71 -33.68
N LEU D 131 4.47 -5.47 -34.00
CA LEU D 131 3.53 -5.25 -35.10
C LEU D 131 4.11 -5.73 -36.42
N VAL D 132 5.35 -5.35 -36.72
CA VAL D 132 5.95 -5.70 -38.00
C VAL D 132 6.13 -7.22 -38.12
N ARG D 133 6.62 -7.86 -37.07
CA ARG D 133 6.79 -9.31 -37.12
C ARG D 133 5.45 -10.03 -37.18
N GLY D 134 4.41 -9.46 -36.60
CA GLY D 134 3.11 -10.09 -36.57
C GLY D 134 2.37 -10.09 -37.89
N TYR D 135 2.09 -8.90 -38.42
CA TYR D 135 1.22 -8.74 -39.59
C TYR D 135 1.96 -7.90 -40.63
N PRO D 136 2.86 -8.52 -41.39
CA PRO D 136 3.63 -7.78 -42.40
C PRO D 136 2.88 -7.47 -43.68
N ASN D 137 1.57 -7.67 -43.71
CA ASN D 137 0.76 -7.40 -44.90
C ASN D 137 -0.21 -6.24 -44.68
N SER D 138 -0.01 -5.46 -43.63
CA SER D 138 -0.90 -4.36 -43.30
C SER D 138 -0.37 -3.05 -43.88
N GLN D 139 -1.21 -2.01 -43.78
CA GLN D 139 -0.89 -0.70 -44.32
C GLN D 139 -0.13 0.18 -43.32
N TYR D 140 0.08 -0.29 -42.10
CA TYR D 140 0.84 0.43 -41.10
C TYR D 140 2.29 -0.01 -41.04
N THR D 141 2.72 -0.91 -41.92
CA THR D 141 4.03 -1.53 -41.78
C THR D 141 5.17 -0.61 -42.21
N THR D 142 4.97 0.19 -43.26
CA THR D 142 6.05 1.04 -43.74
C THR D 142 6.38 2.14 -42.74
N ASP D 143 5.35 2.80 -42.22
CA ASP D 143 5.57 3.82 -41.19
C ASP D 143 6.18 3.19 -39.94
N ALA D 144 5.75 1.99 -39.59
CA ALA D 144 6.35 1.31 -38.45
C ALA D 144 7.83 1.03 -38.68
N THR D 145 8.20 0.64 -39.91
CA THR D 145 9.60 0.40 -40.20
C THR D 145 10.43 1.69 -40.10
N LYS D 146 9.90 2.79 -40.63
CA LYS D 146 10.61 4.06 -40.50
C LYS D 146 10.78 4.45 -39.03
N ARG D 147 9.73 4.30 -38.24
CA ARG D 147 9.81 4.62 -36.82
C ARG D 147 10.81 3.71 -36.11
N LEU D 148 10.85 2.44 -36.50
CA LEU D 148 11.82 1.53 -35.90
C LEU D 148 13.25 1.97 -36.20
N VAL D 149 13.52 2.39 -37.44
CA VAL D 149 14.84 2.87 -37.79
C VAL D 149 15.20 4.08 -36.93
N PHE D 150 14.26 5.02 -36.81
CA PHE D 150 14.52 6.22 -36.02
C PHE D 150 14.80 5.88 -34.55
N LEU D 151 14.01 4.97 -33.99
CA LEU D 151 14.19 4.60 -32.59
C LEU D 151 15.53 3.91 -32.36
N LYS D 152 15.93 3.03 -33.28
CA LYS D 152 17.23 2.38 -33.15
C LYS D 152 18.36 3.41 -33.17
N ASP D 153 18.27 4.38 -34.09
CA ASP D 153 19.29 5.42 -34.13
C ASP D 153 19.30 6.23 -32.83
N ARG D 154 18.12 6.52 -32.28
CA ARG D 154 18.03 7.30 -31.05
C ARG D 154 18.69 6.57 -29.88
N LEU D 155 18.41 5.27 -29.74
CA LEU D 155 19.04 4.50 -28.67
C LEU D 155 20.56 4.45 -28.84
N ALA D 156 21.02 4.25 -30.09
CA ALA D 156 22.45 4.26 -30.32
C ALA D 156 23.07 5.60 -29.93
N LYS D 157 22.38 6.69 -30.24
CA LYS D 157 22.88 8.01 -29.86
C LYS D 157 22.97 8.16 -28.35
N TYR D 158 21.99 7.65 -27.62
CA TYR D 158 22.04 7.71 -26.16
C TYR D 158 23.27 6.96 -25.63
N GLU D 159 23.49 5.75 -26.13
CA GLU D 159 24.65 4.98 -25.68
C GLU D 159 25.94 5.71 -26.00
N TYR D 160 26.04 6.30 -27.20
CA TYR D 160 27.23 7.04 -27.56
C TYR D 160 27.43 8.24 -26.63
N SER D 161 26.34 8.90 -26.23
CA SER D 161 26.47 10.02 -25.31
C SER D 161 27.04 9.58 -23.96
N VAL D 162 26.56 8.45 -23.44
CA VAL D 162 27.12 7.93 -22.19
C VAL D 162 28.61 7.62 -22.35
N ALA D 163 28.96 6.98 -23.46
CA ALA D 163 30.38 6.66 -23.70
C ALA D 163 31.21 7.93 -23.77
N GLU D 164 30.68 8.98 -24.40
CA GLU D 164 31.40 10.24 -24.52
C GLU D 164 31.62 10.88 -23.15
N TYR D 165 30.60 10.82 -22.29
CA TYR D 165 30.80 11.39 -20.96
C TYR D 165 31.89 10.65 -20.20
N TYR D 166 31.84 9.32 -20.20
CA TYR D 166 32.90 8.58 -19.52
C TYR D 166 34.27 8.82 -20.15
N THR D 167 34.32 9.07 -21.47
CA THR D 167 35.58 9.47 -22.08
C THR D 167 36.08 10.77 -21.48
N GLU D 168 35.18 11.74 -21.31
CA GLU D 168 35.59 13.01 -20.74
C GLU D 168 36.05 12.86 -19.30
N ARG D 169 35.35 12.03 -18.52
CA ARG D 169 35.70 11.83 -17.12
C ARG D 169 37.07 11.19 -16.96
N GLY D 170 37.30 10.08 -17.65
CA GLY D 170 38.57 9.37 -17.53
C GLY D 170 38.42 7.91 -17.14
N ALA D 171 37.20 7.39 -17.22
CA ALA D 171 36.92 5.99 -16.91
C ALA D 171 37.00 5.19 -18.20
N TRP D 172 38.18 4.63 -18.47
CA TRP D 172 38.42 4.00 -19.76
C TRP D 172 37.72 2.65 -19.89
N VAL D 173 37.69 1.87 -18.81
CA VAL D 173 37.08 0.55 -18.88
C VAL D 173 35.58 0.65 -19.14
N ALA D 174 34.92 1.63 -18.51
CA ALA D 174 33.52 1.85 -18.79
C ALA D 174 33.30 2.26 -20.24
N VAL D 175 34.20 3.07 -20.79
CA VAL D 175 34.11 3.45 -22.20
C VAL D 175 34.21 2.22 -23.08
N VAL D 176 35.16 1.34 -22.79
CA VAL D 176 35.33 0.13 -23.59
C VAL D 176 34.07 -0.73 -23.51
N ASN D 177 33.52 -0.90 -22.31
CA ASN D 177 32.33 -1.72 -22.15
C ASN D 177 31.15 -1.14 -22.91
N ARG D 178 30.96 0.18 -22.83
CA ARG D 178 29.85 0.81 -23.53
C ARG D 178 30.00 0.67 -25.05
N VAL D 179 31.20 0.89 -25.57
CA VAL D 179 31.39 0.77 -27.01
C VAL D 179 31.20 -0.67 -27.46
N GLU D 180 31.63 -1.64 -26.65
CA GLU D 180 31.38 -3.03 -26.98
C GLU D 180 29.89 -3.32 -26.99
N GLY D 181 29.14 -2.75 -26.04
CA GLY D 181 27.70 -2.92 -26.05
C GLY D 181 27.04 -2.36 -27.29
N MET D 182 27.45 -1.16 -27.71
CA MET D 182 26.91 -0.60 -28.95
C MET D 182 27.29 -1.47 -30.15
N LEU D 183 28.52 -1.96 -30.19
CA LEU D 183 28.96 -2.79 -31.31
C LEU D 183 28.21 -4.11 -31.34
N ARG D 184 27.75 -4.59 -30.19
CA ARG D 184 27.03 -5.86 -30.14
C ARG D 184 25.54 -5.69 -30.41
N ASP D 185 24.96 -4.55 -30.02
CA ASP D 185 23.52 -4.36 -30.14
C ASP D 185 23.11 -3.42 -31.26
N TYR D 186 23.95 -2.46 -31.62
CA TYR D 186 23.66 -1.48 -32.67
C TYR D 186 24.79 -1.50 -33.69
N PRO D 187 24.90 -2.57 -34.48
CA PRO D 187 26.04 -2.68 -35.39
C PRO D 187 25.94 -1.77 -36.60
N ASP D 188 24.77 -1.69 -37.22
CA ASP D 188 24.62 -1.03 -38.51
C ASP D 188 24.30 0.45 -38.39
N THR D 189 24.17 0.98 -37.18
CA THR D 189 23.85 2.40 -37.01
C THR D 189 25.07 3.27 -37.31
N GLN D 190 24.88 4.58 -37.20
CA GLN D 190 25.96 5.53 -37.42
C GLN D 190 26.65 5.92 -36.11
N ALA D 191 25.91 5.87 -35.00
CA ALA D 191 26.50 6.24 -33.71
C ALA D 191 27.65 5.30 -33.34
N THR D 192 27.55 4.02 -33.69
CA THR D 192 28.65 3.11 -33.41
C THR D 192 29.90 3.48 -34.21
N ARG D 193 29.72 3.88 -35.47
CA ARG D 193 30.85 4.34 -36.26
C ARG D 193 31.45 5.61 -35.67
N ASP D 194 30.59 6.48 -35.13
CA ASP D 194 31.10 7.69 -34.48
C ASP D 194 31.86 7.36 -33.20
N ALA D 195 31.41 6.33 -32.47
CA ALA D 195 31.95 6.02 -31.16
C ALA D 195 33.17 5.11 -31.18
N LEU D 196 33.42 4.42 -32.29
CA LEU D 196 34.62 3.58 -32.37
C LEU D 196 35.92 4.31 -32.04
N PRO D 197 36.16 5.55 -32.50
CA PRO D 197 37.38 6.25 -32.06
C PRO D 197 37.50 6.39 -30.56
N LEU D 198 36.38 6.50 -29.84
CA LEU D 198 36.44 6.55 -28.38
C LEU D 198 37.03 5.26 -27.81
N MET D 199 36.61 4.11 -28.36
CA MET D 199 37.19 2.85 -27.91
C MET D 199 38.67 2.77 -28.24
N GLU D 200 39.06 3.23 -29.44
CA GLU D 200 40.48 3.24 -29.78
C GLU D 200 41.27 4.11 -28.81
N ASN D 201 40.75 5.30 -28.49
CA ASN D 201 41.44 6.19 -27.57
C ASN D 201 41.52 5.58 -26.18
N ALA D 202 40.48 4.87 -25.75
CA ALA D 202 40.52 4.21 -24.45
C ALA D 202 41.63 3.17 -24.41
N TYR D 203 41.72 2.33 -25.44
CA TYR D 203 42.80 1.35 -25.48
C TYR D 203 44.17 2.02 -25.51
N ARG D 204 44.30 3.11 -26.28
CA ARG D 204 45.60 3.79 -26.36
C ARG D 204 45.99 4.38 -25.01
N GLN D 205 45.05 5.02 -24.32
CA GLN D 205 45.32 5.59 -23.00
C GLN D 205 45.59 4.53 -21.95
N MET D 206 45.04 3.32 -22.12
CA MET D 206 45.19 2.29 -21.11
C MET D 206 46.33 1.32 -21.42
N GLN D 207 47.18 1.66 -22.41
CA GLN D 207 48.39 0.90 -22.71
C GLN D 207 48.10 -0.56 -23.05
N MET D 208 47.23 -0.75 -24.03
CA MET D 208 46.90 -2.07 -24.58
C MET D 208 46.94 -2.01 -26.09
N ASN D 209 48.06 -1.51 -26.63
CA ASN D 209 48.16 -1.17 -28.05
C ASN D 209 47.71 -2.32 -28.95
N ALA D 210 48.16 -3.54 -28.63
CA ALA D 210 47.85 -4.68 -29.48
C ALA D 210 46.36 -4.81 -29.75
N GLN D 211 45.53 -4.44 -28.78
CA GLN D 211 44.09 -4.35 -29.01
C GLN D 211 43.69 -3.06 -29.70
N ALA D 212 44.51 -2.01 -29.60
CA ALA D 212 44.14 -0.72 -30.18
C ALA D 212 44.28 -0.74 -31.70
N GLU D 213 45.37 -1.31 -32.23
CA GLU D 213 45.51 -1.34 -33.68
C GLU D 213 44.42 -2.16 -34.36
N LYS D 214 43.77 -3.07 -33.63
CA LYS D 214 42.69 -3.84 -34.22
C LYS D 214 41.49 -2.94 -34.56
N VAL D 215 41.03 -2.15 -33.59
CA VAL D 215 39.94 -1.24 -33.88
C VAL D 215 40.40 -0.14 -34.81
N ALA D 216 41.69 0.21 -34.78
CA ALA D 216 42.21 1.14 -35.77
C ALA D 216 42.04 0.60 -37.18
N LYS D 217 42.35 -0.68 -37.37
CA LYS D 217 42.15 -1.32 -38.68
C LYS D 217 40.67 -1.36 -39.03
N ILE D 218 39.81 -1.62 -38.04
CA ILE D 218 38.37 -1.68 -38.28
C ILE D 218 37.86 -0.34 -38.79
N ILE D 219 38.30 0.76 -38.16
CA ILE D 219 37.80 2.06 -38.60
C ILE D 219 38.50 2.53 -39.88
N ALA D 220 39.73 2.09 -40.12
CA ALA D 220 40.44 2.51 -41.33
C ALA D 220 39.86 1.83 -42.56
N ALA D 221 39.59 0.52 -42.47
CA ALA D 221 39.01 -0.19 -43.61
C ALA D 221 37.62 0.35 -43.95
N ASN D 222 36.91 0.89 -42.96
CA ASN D 222 35.55 1.39 -43.16
C ASN D 222 35.46 2.91 -43.06
N SER D 223 36.57 3.61 -43.29
CA SER D 223 36.54 5.07 -43.24
C SER D 223 35.66 5.63 -44.34
N SER D 224 35.76 5.07 -45.55
CA SER D 224 34.95 5.50 -46.68
C SER D 224 35.05 7.00 -46.95
N ARG E 6 46.23 19.69 -8.73
CA ARG E 6 46.43 21.09 -8.37
C ARG E 6 45.56 21.47 -7.17
N VAL E 7 44.72 22.49 -7.35
CA VAL E 7 43.86 22.97 -6.29
C VAL E 7 42.41 22.54 -6.46
N VAL E 8 41.94 22.36 -7.70
CA VAL E 8 40.58 21.91 -7.91
C VAL E 8 40.47 20.45 -7.50
N TYR E 9 39.45 20.14 -6.68
CA TYR E 9 39.30 18.80 -6.15
C TYR E 9 38.95 17.82 -7.26
N ARG E 10 39.53 16.62 -7.20
CA ARG E 10 39.28 15.58 -8.17
C ARG E 10 38.98 14.29 -7.42
N PRO E 11 37.83 13.66 -7.65
CA PRO E 11 37.50 12.44 -6.91
C PRO E 11 38.38 11.28 -7.31
N ASP E 12 38.54 10.34 -6.38
CA ASP E 12 39.27 9.12 -6.67
C ASP E 12 38.57 8.34 -7.79
N ILE E 13 39.37 7.77 -8.69
CA ILE E 13 38.85 7.05 -9.84
C ILE E 13 39.41 5.63 -9.81
N ASN E 14 38.52 4.64 -9.89
CA ASN E 14 38.87 3.23 -9.95
C ASN E 14 38.27 2.64 -11.21
N GLN E 15 39.06 1.86 -11.94
CA GLN E 15 38.68 1.41 -13.28
C GLN E 15 38.96 -0.07 -13.48
N GLY E 16 38.54 -0.90 -12.56
CA GLY E 16 38.58 -2.33 -12.79
C GLY E 16 38.76 -3.10 -11.50
N ASN E 17 38.60 -4.41 -11.61
CA ASN E 17 38.77 -5.29 -10.45
C ASN E 17 40.20 -5.20 -9.94
N TYR E 18 40.35 -5.06 -8.62
CA TYR E 18 41.68 -5.00 -8.03
C TYR E 18 42.10 -6.39 -7.63
N LEU E 19 43.28 -6.80 -8.06
CA LEU E 19 43.80 -8.13 -7.86
C LEU E 19 45.01 -8.08 -6.93
N THR E 20 45.07 -9.02 -6.01
CA THR E 20 46.13 -9.09 -5.02
C THR E 20 47.06 -10.26 -5.31
N ALA E 21 48.32 -10.09 -4.93
CA ALA E 21 49.33 -11.12 -5.18
C ALA E 21 48.96 -12.46 -4.57
N ASN E 22 48.19 -12.46 -3.49
CA ASN E 22 47.73 -13.71 -2.89
C ASN E 22 46.98 -14.55 -3.90
N ASP E 23 46.05 -13.95 -4.63
CA ASP E 23 45.29 -14.68 -5.64
C ASP E 23 46.03 -14.80 -6.96
N VAL E 24 47.06 -13.98 -7.18
CA VAL E 24 47.89 -14.14 -8.37
C VAL E 24 48.74 -15.39 -8.26
N SER E 25 49.30 -15.64 -7.07
CA SER E 25 50.27 -16.72 -6.90
C SER E 25 49.67 -18.10 -7.16
N LYS E 26 48.35 -18.21 -7.09
CA LYS E 26 47.69 -19.51 -7.26
C LYS E 26 47.29 -19.78 -8.71
N ILE E 27 47.67 -18.90 -9.65
CA ILE E 27 47.34 -19.08 -11.06
C ILE E 27 48.56 -19.68 -11.74
N ARG E 28 48.40 -20.90 -12.27
CA ARG E 28 49.45 -21.60 -12.99
C ARG E 28 48.88 -22.16 -14.28
N VAL E 29 49.63 -21.99 -15.38
CA VAL E 29 49.17 -22.39 -16.70
C VAL E 29 48.70 -23.83 -16.68
N GLY E 30 47.43 -24.07 -17.02
CA GLY E 30 46.91 -25.42 -17.01
C GLY E 30 45.50 -25.55 -16.46
N MET E 31 44.88 -24.44 -16.06
CA MET E 31 43.50 -24.51 -15.59
C MET E 31 42.54 -24.16 -16.72
N THR E 32 41.25 -24.37 -16.46
CA THR E 32 40.20 -24.05 -17.40
C THR E 32 39.54 -22.73 -17.01
N GLN E 33 38.52 -22.33 -17.78
CA GLN E 33 37.85 -21.06 -17.55
C GLN E 33 37.22 -21.00 -16.17
N GLN E 34 36.54 -22.07 -15.77
CA GLN E 34 35.81 -22.06 -14.50
C GLN E 34 36.76 -21.87 -13.33
N GLN E 35 37.92 -22.54 -13.36
CA GLN E 35 38.84 -22.48 -12.23
C GLN E 35 39.40 -21.07 -12.05
N VAL E 36 39.87 -20.46 -13.14
CA VAL E 36 40.43 -19.12 -13.03
C VAL E 36 39.34 -18.10 -12.70
N ALA E 37 38.13 -18.29 -13.23
CA ALA E 37 37.04 -17.40 -12.91
C ALA E 37 36.70 -17.46 -11.43
N TYR E 38 36.73 -18.65 -10.85
CA TYR E 38 36.53 -18.78 -9.40
C TYR E 38 37.68 -18.12 -8.64
N ALA E 39 38.92 -18.38 -9.09
CA ALA E 39 40.08 -17.92 -8.32
C ALA E 39 40.19 -16.41 -8.29
N LEU E 40 40.01 -15.75 -9.43
CA LEU E 40 40.23 -14.31 -9.53
C LEU E 40 38.94 -13.50 -9.58
N GLY E 41 37.96 -13.94 -10.35
CA GLY E 41 36.72 -13.22 -10.53
C GLY E 41 36.44 -12.95 -12.00
N THR E 42 35.19 -12.57 -12.24
CA THR E 42 34.75 -12.34 -13.61
C THR E 42 35.54 -11.19 -14.23
N PRO E 43 36.13 -11.37 -15.40
CA PRO E 43 36.89 -10.30 -16.02
C PRO E 43 35.97 -9.24 -16.62
N LEU E 44 36.20 -7.98 -16.24
CA LEU E 44 35.39 -6.90 -16.78
C LEU E 44 35.62 -6.73 -18.28
N MET E 45 36.87 -6.89 -18.73
CA MET E 45 37.24 -6.67 -20.11
C MET E 45 37.62 -7.99 -20.77
N SER E 46 36.95 -8.31 -21.87
CA SER E 46 37.25 -9.49 -22.67
C SER E 46 37.34 -9.06 -24.12
N ASP E 47 38.21 -9.72 -24.88
CA ASP E 47 38.39 -9.36 -26.27
C ASP E 47 37.17 -9.81 -27.05
N PRO E 48 36.45 -8.91 -27.71
CA PRO E 48 35.30 -9.30 -28.53
C PRO E 48 35.62 -9.64 -29.97
N PHE E 49 36.90 -9.73 -30.33
CA PHE E 49 37.32 -9.94 -31.71
C PHE E 49 38.08 -11.25 -31.81
N GLY E 50 37.57 -12.19 -32.59
CA GLY E 50 38.26 -13.43 -32.85
C GLY E 50 38.59 -14.25 -31.62
N THR E 51 39.87 -14.30 -31.28
CA THR E 51 40.32 -15.13 -30.17
C THR E 51 39.78 -14.62 -28.84
N ASN E 52 39.63 -15.54 -27.88
CA ASN E 52 39.11 -15.21 -26.55
C ASN E 52 40.28 -14.90 -25.63
N THR E 53 40.41 -13.62 -25.28
CA THR E 53 41.44 -13.15 -24.38
C THR E 53 40.80 -12.43 -23.20
N TRP E 54 41.29 -12.68 -22.00
CA TRP E 54 40.78 -12.05 -20.79
C TRP E 54 41.78 -11.03 -20.28
N PHE E 55 41.30 -9.82 -20.00
CA PHE E 55 42.15 -8.74 -19.50
C PHE E 55 41.71 -8.39 -18.09
N TYR E 56 42.60 -8.58 -17.12
CA TYR E 56 42.38 -8.15 -15.75
C TYR E 56 43.16 -6.86 -15.58
N VAL E 57 42.48 -5.73 -15.65
CA VAL E 57 43.09 -4.42 -15.53
C VAL E 57 42.75 -3.87 -14.16
N PHE E 58 43.75 -3.35 -13.45
CA PHE E 58 43.55 -2.76 -12.14
C PHE E 58 44.27 -1.41 -12.16
N ARG E 59 43.50 -0.33 -12.24
CA ARG E 59 44.05 1.01 -12.39
C ARG E 59 43.40 1.93 -11.37
N GLN E 60 44.22 2.67 -10.64
CA GLN E 60 43.75 3.64 -9.66
C GLN E 60 44.26 5.02 -10.03
N GLN E 61 43.63 6.04 -9.45
CA GLN E 61 44.02 7.42 -9.70
C GLN E 61 43.56 8.28 -8.52
N PRO E 62 44.43 8.53 -7.55
CA PRO E 62 44.01 9.33 -6.37
C PRO E 62 43.66 10.77 -6.71
N GLY E 63 44.08 11.27 -7.87
CA GLY E 63 43.78 12.63 -8.27
C GLY E 63 44.96 13.55 -8.05
N HIS E 64 45.70 13.81 -9.12
CA HIS E 64 46.96 14.56 -9.09
C HIS E 64 48.09 13.78 -8.43
N GLU E 65 48.06 12.45 -8.52
CA GLU E 65 49.23 11.63 -8.22
C GLU E 65 49.46 10.63 -9.35
N GLY E 66 50.36 9.69 -9.14
CA GLY E 66 50.64 8.70 -10.16
C GLY E 66 49.44 7.78 -10.37
N VAL E 67 49.18 7.45 -11.63
CA VAL E 67 48.06 6.59 -12.01
C VAL E 67 48.57 5.15 -11.99
N THR E 68 48.48 4.53 -10.82
CA THR E 68 48.94 3.16 -10.65
C THR E 68 48.14 2.22 -11.55
N GLN E 69 48.84 1.34 -12.26
CA GLN E 69 48.20 0.41 -13.17
C GLN E 69 48.87 -0.95 -13.05
N GLN E 70 48.08 -2.00 -13.26
CA GLN E 70 48.56 -3.38 -13.22
C GLN E 70 47.68 -4.20 -14.15
N THR E 71 48.26 -4.73 -15.21
CA THR E 71 47.48 -5.48 -16.20
C THR E 71 47.90 -6.95 -16.19
N LEU E 72 46.93 -7.82 -16.47
CA LEU E 72 47.15 -9.25 -16.47
C LEU E 72 46.34 -9.85 -17.61
N THR E 73 47.01 -10.27 -18.67
CA THR E 73 46.35 -10.80 -19.85
C THR E 73 46.46 -12.32 -19.85
N LEU E 74 45.32 -12.99 -19.99
CA LEU E 74 45.24 -14.44 -20.08
C LEU E 74 44.76 -14.78 -21.48
N THR E 75 45.54 -15.59 -22.18
CA THR E 75 45.18 -16.04 -23.53
C THR E 75 44.73 -17.49 -23.45
N PHE E 76 43.46 -17.71 -23.76
CA PHE E 76 42.84 -19.03 -23.80
C PHE E 76 42.79 -19.54 -25.22
N ASN E 77 42.91 -20.85 -25.38
CA ASN E 77 42.74 -21.45 -26.69
C ASN E 77 41.26 -21.58 -27.01
N SER E 78 40.94 -22.01 -28.22
CA SER E 78 39.54 -22.19 -28.60
C SER E 78 39.03 -23.54 -28.14
N SER E 79 39.31 -23.88 -26.87
CA SER E 79 38.77 -25.10 -26.27
C SER E 79 38.27 -24.90 -24.85
N GLY E 80 38.51 -23.76 -24.22
CA GLY E 80 38.12 -23.55 -22.84
C GLY E 80 39.23 -23.73 -21.82
N VAL E 81 40.47 -23.90 -22.24
CA VAL E 81 41.59 -24.10 -21.34
C VAL E 81 42.60 -22.96 -21.53
N LEU E 82 43.39 -22.71 -20.50
CA LEU E 82 44.30 -21.57 -20.49
C LEU E 82 45.61 -21.94 -21.16
N THR E 83 46.15 -21.00 -21.94
CA THR E 83 47.40 -21.22 -22.66
C THR E 83 48.51 -20.26 -22.24
N ASN E 84 48.26 -18.95 -22.24
CA ASN E 84 49.32 -17.97 -22.05
C ASN E 84 48.98 -17.00 -20.92
N ILE E 85 50.02 -16.59 -20.19
CA ILE E 85 49.90 -15.63 -19.09
C ILE E 85 50.85 -14.48 -19.37
N ASP E 86 50.40 -13.24 -19.08
CA ASP E 86 51.27 -12.07 -19.17
C ASP E 86 50.88 -11.10 -18.07
N ASN E 87 51.73 -10.96 -17.06
CA ASN E 87 51.48 -10.10 -15.91
C ASN E 87 52.43 -8.90 -15.99
N LYS E 88 51.88 -7.73 -16.30
CA LYS E 88 52.67 -6.52 -16.46
C LYS E 88 52.35 -5.55 -15.33
N PRO E 89 53.34 -5.16 -14.51
CA PRO E 89 53.12 -4.09 -13.53
C PRO E 89 52.93 -2.71 -14.13
N ALA E 90 52.91 -2.61 -15.46
CA ALA E 90 52.53 -1.39 -16.20
C ALA E 90 53.52 -0.27 -15.84
N LEU E 91 53.05 0.96 -15.72
CA LEU E 91 53.90 2.13 -15.45
C LEU E 91 55.01 2.26 -16.50
N SER E 92 54.65 2.04 -17.76
CA SER E 92 55.58 2.20 -18.88
C SER E 92 55.71 3.70 -19.18
N GLY E 93 56.45 4.38 -18.31
CA GLY E 93 56.61 5.81 -18.44
C GLY E 93 55.55 6.59 -17.69
N ASN E 94 54.52 7.04 -18.41
CA ASN E 94 53.44 7.80 -17.80
C ASN E 94 52.45 6.87 -17.08
N VAL F 47 -33.02 -31.22 -21.86
CA VAL F 47 -34.22 -31.52 -21.09
C VAL F 47 -33.94 -31.24 -19.61
N ASP F 48 -32.70 -31.49 -19.20
CA ASP F 48 -32.32 -31.43 -17.81
C ASP F 48 -32.15 -29.98 -17.34
N CYS F 49 -32.15 -29.82 -16.01
CA CYS F 49 -31.98 -28.51 -15.38
C CYS F 49 -30.93 -28.61 -14.29
N VAL F 50 -30.79 -27.60 -13.45
CA VAL F 50 -29.93 -27.66 -12.27
C VAL F 50 -30.80 -27.39 -11.04
N ALA F 51 -30.66 -28.23 -10.02
CA ALA F 51 -31.47 -28.08 -8.82
C ALA F 51 -30.84 -27.07 -7.86
N ALA F 52 -29.53 -27.15 -7.68
CA ALA F 52 -28.82 -26.20 -6.82
C ALA F 52 -27.38 -26.09 -7.31
N VAL F 53 -26.76 -24.96 -6.97
CA VAL F 53 -25.36 -24.70 -7.29
C VAL F 53 -24.60 -24.54 -5.99
N VAL F 54 -23.43 -25.19 -5.91
CA VAL F 54 -22.62 -25.19 -4.70
C VAL F 54 -21.21 -24.75 -5.10
N ASN F 55 -20.79 -23.58 -4.61
CA ASN F 55 -19.44 -23.08 -4.79
C ASN F 55 -19.01 -23.12 -6.25
N ASN F 56 -18.26 -24.16 -6.62
CA ASN F 56 -17.81 -24.36 -7.99
C ASN F 56 -18.70 -25.34 -8.75
N GLY F 57 -18.93 -26.53 -8.19
CA GLY F 57 -19.73 -27.53 -8.85
C GLY F 57 -21.20 -27.21 -8.81
N VAL F 58 -21.99 -28.13 -9.35
CA VAL F 58 -23.43 -27.96 -9.45
C VAL F 58 -24.09 -29.33 -9.41
N VAL F 59 -25.29 -29.38 -8.82
CA VAL F 59 -26.10 -30.59 -8.79
C VAL F 59 -27.33 -30.35 -9.67
N LEU F 60 -27.63 -31.31 -10.53
CA LEU F 60 -28.65 -31.15 -11.55
C LEU F 60 -29.77 -32.17 -11.33
N GLU F 61 -30.84 -32.01 -12.12
CA GLU F 61 -32.01 -32.87 -11.96
C GLU F 61 -31.72 -34.33 -12.27
N SER F 62 -30.64 -34.61 -13.00
CA SER F 62 -30.30 -36.01 -13.31
C SER F 62 -30.09 -36.81 -12.04
N ASP F 63 -29.31 -36.26 -11.10
CA ASP F 63 -29.00 -36.99 -9.88
C ASP F 63 -30.23 -37.17 -9.00
N VAL F 64 -31.05 -36.13 -8.86
CA VAL F 64 -32.23 -36.25 -8.00
C VAL F 64 -33.24 -37.21 -8.62
N ASP F 65 -33.37 -37.21 -9.94
CA ASP F 65 -34.23 -38.19 -10.59
C ASP F 65 -33.68 -39.61 -10.43
N GLY F 66 -32.36 -39.77 -10.54
CA GLY F 66 -31.78 -41.10 -10.40
C GLY F 66 -31.90 -41.65 -9.00
N LEU F 67 -31.80 -40.80 -7.98
CA LEU F 67 -31.93 -41.27 -6.61
C LEU F 67 -33.36 -41.22 -6.10
N MET F 68 -34.29 -40.63 -6.86
CA MET F 68 -35.69 -40.56 -6.48
C MET F 68 -36.57 -41.51 -7.27
N GLN F 69 -36.56 -41.43 -8.60
CA GLN F 69 -37.34 -42.36 -9.41
C GLN F 69 -36.81 -43.78 -9.31
N SER F 70 -35.48 -43.95 -9.36
CA SER F 70 -34.87 -45.26 -9.34
C SER F 70 -34.62 -45.79 -7.93
N VAL F 71 -34.63 -44.94 -6.91
CA VAL F 71 -34.56 -45.44 -5.54
C VAL F 71 -35.70 -44.86 -4.73
N LYS F 72 -36.86 -45.51 -4.77
CA LYS F 72 -37.93 -45.34 -3.80
C LYS F 72 -38.88 -46.51 -3.85
N LEU F 73 -38.72 -47.48 -2.95
CA LEU F 73 -39.62 -48.63 -2.83
C LEU F 73 -39.74 -49.43 -4.12
N ASN F 74 -38.96 -49.08 -5.14
CA ASN F 74 -39.01 -49.75 -6.45
C ASN F 74 -37.90 -50.79 -6.56
N ALA F 75 -38.04 -51.84 -5.75
CA ALA F 75 -37.04 -52.90 -5.61
C ALA F 75 -35.70 -52.37 -5.10
N ALA F 76 -35.67 -51.13 -4.62
CA ALA F 76 -34.49 -50.54 -4.02
C ALA F 76 -34.63 -50.71 -2.50
N GLN F 77 -34.35 -51.93 -2.04
CA GLN F 77 -34.46 -52.39 -0.66
C GLN F 77 -35.91 -52.50 -0.18
N ALA F 78 -36.88 -52.09 -0.99
CA ALA F 78 -38.31 -52.22 -0.67
C ALA F 78 -38.62 -51.70 0.72
N ARG F 79 -38.74 -52.61 1.69
CA ARG F 79 -38.93 -52.33 3.11
C ARG F 79 -40.35 -51.83 3.40
N GLN F 80 -41.13 -51.59 2.35
CA GLN F 80 -42.53 -51.18 2.48
C GLN F 80 -42.69 -49.96 3.39
N GLN F 81 -41.68 -49.09 3.43
CA GLN F 81 -41.70 -47.91 4.28
C GLN F 81 -40.98 -46.77 3.55
N LEU F 82 -41.71 -45.70 3.27
CA LEU F 82 -41.17 -44.53 2.59
C LEU F 82 -42.12 -43.36 2.83
N PRO F 83 -41.61 -42.22 3.26
CA PRO F 83 -42.47 -41.06 3.51
C PRO F 83 -42.94 -40.43 2.20
N ASP F 84 -43.64 -39.31 2.32
CA ASP F 84 -44.15 -38.61 1.15
C ASP F 84 -43.01 -38.12 0.28
N ASP F 85 -43.25 -38.10 -1.04
CA ASP F 85 -42.20 -37.70 -1.98
C ASP F 85 -41.71 -36.28 -1.72
N ALA F 86 -42.64 -35.35 -1.43
CA ALA F 86 -42.24 -33.99 -1.11
C ALA F 86 -41.44 -33.94 0.18
N THR F 87 -41.83 -34.74 1.17
CA THR F 87 -41.11 -34.73 2.45
C THR F 87 -39.68 -35.25 2.31
N LEU F 88 -39.49 -36.32 1.54
CA LEU F 88 -38.16 -36.88 1.37
C LEU F 88 -37.34 -36.16 0.31
N ARG F 89 -37.97 -35.34 -0.53
CA ARG F 89 -37.23 -34.60 -1.54
C ARG F 89 -36.23 -33.65 -0.91
N HIS F 90 -36.62 -32.98 0.18
CA HIS F 90 -35.72 -32.05 0.85
C HIS F 90 -34.49 -32.79 1.38
N GLN F 91 -34.69 -33.92 2.05
CA GLN F 91 -33.56 -34.64 2.62
C GLN F 91 -32.69 -35.27 1.53
N ILE F 92 -33.29 -35.71 0.42
CA ILE F 92 -32.47 -36.27 -0.65
C ILE F 92 -31.65 -35.18 -1.32
N MET F 93 -32.21 -33.98 -1.46
CA MET F 93 -31.44 -32.87 -2.00
C MET F 93 -30.31 -32.49 -1.04
N GLU F 94 -30.58 -32.50 0.26
CA GLU F 94 -29.51 -32.26 1.23
C GLU F 94 -28.40 -33.29 1.09
N ARG F 95 -28.77 -34.56 0.92
CA ARG F 95 -27.75 -35.60 0.75
C ARG F 95 -26.91 -35.38 -0.49
N LEU F 96 -27.56 -35.06 -1.61
CA LEU F 96 -26.81 -34.83 -2.85
C LEU F 96 -25.87 -33.64 -2.73
N ILE F 97 -26.37 -32.52 -2.19
CA ILE F 97 -25.54 -31.33 -2.10
C ILE F 97 -24.40 -31.55 -1.11
N MET F 98 -24.64 -32.29 -0.04
CA MET F 98 -23.56 -32.54 0.91
C MET F 98 -22.52 -33.49 0.33
N ASP F 99 -22.96 -34.47 -0.45
CA ASP F 99 -22.00 -35.30 -1.16
C ASP F 99 -21.14 -34.45 -2.09
N GLN F 100 -21.77 -33.53 -2.80
CA GLN F 100 -20.99 -32.64 -3.67
C GLN F 100 -19.98 -31.84 -2.86
N ILE F 101 -20.42 -31.25 -1.73
CA ILE F 101 -19.54 -30.42 -0.91
C ILE F 101 -18.34 -31.22 -0.43
N ILE F 102 -18.59 -32.46 0.02
CA ILE F 102 -17.49 -33.32 0.43
C ILE F 102 -16.57 -33.60 -0.75
N LEU F 103 -17.14 -33.70 -1.95
CA LEU F 103 -16.32 -33.95 -3.13
C LEU F 103 -15.35 -32.80 -3.39
N GLN F 104 -15.84 -31.55 -3.36
CA GLN F 104 -14.89 -30.45 -3.55
C GLN F 104 -13.93 -30.33 -2.37
N MET F 105 -14.39 -30.61 -1.15
CA MET F 105 -13.49 -30.57 -0.01
C MET F 105 -12.33 -31.55 -0.18
N GLY F 106 -12.64 -32.76 -0.66
CA GLY F 106 -11.58 -33.70 -0.97
C GLY F 106 -10.70 -33.26 -2.12
N GLN F 107 -11.32 -32.68 -3.16
CA GLN F 107 -10.55 -32.20 -4.30
C GLN F 107 -9.58 -31.10 -3.90
N LYS F 108 -9.89 -30.36 -2.83
CA LYS F 108 -8.93 -29.39 -2.30
C LYS F 108 -7.63 -30.08 -1.90
N MET F 109 -7.73 -31.24 -1.24
CA MET F 109 -6.57 -32.06 -1.00
C MET F 109 -6.18 -32.90 -2.22
N GLY F 110 -7.09 -33.08 -3.16
CA GLY F 110 -6.79 -33.82 -4.38
C GLY F 110 -6.45 -35.28 -4.15
N VAL F 111 -7.22 -35.97 -3.31
CA VAL F 111 -6.97 -37.38 -3.02
C VAL F 111 -7.47 -38.21 -4.19
N LYS F 112 -6.65 -39.15 -4.65
CA LYS F 112 -6.94 -39.97 -5.82
C LYS F 112 -7.03 -41.43 -5.41
N ILE F 113 -7.99 -42.15 -5.98
CA ILE F 113 -8.16 -43.59 -5.77
C ILE F 113 -8.06 -44.30 -7.12
N SER F 114 -7.26 -45.36 -7.16
CA SER F 114 -6.99 -46.05 -8.41
C SER F 114 -7.99 -47.17 -8.65
N ASP F 115 -7.98 -47.69 -9.88
CA ASP F 115 -9.01 -48.63 -10.33
C ASP F 115 -8.98 -49.96 -9.59
N GLU F 116 -7.81 -50.39 -9.10
CA GLU F 116 -7.76 -51.63 -8.35
C GLU F 116 -8.60 -51.56 -7.09
N GLN F 117 -8.58 -50.41 -6.40
CA GLN F 117 -9.44 -50.23 -5.24
C GLN F 117 -10.91 -50.30 -5.61
N LEU F 118 -11.27 -49.73 -6.77
CA LEU F 118 -12.65 -49.83 -7.24
C LEU F 118 -13.05 -51.29 -7.50
N ASP F 119 -12.17 -52.06 -8.11
CA ASP F 119 -12.49 -53.46 -8.38
C ASP F 119 -12.58 -54.26 -7.09
N GLN F 120 -11.72 -53.96 -6.11
CA GLN F 120 -11.85 -54.61 -4.81
C GLN F 120 -13.15 -54.24 -4.12
N ALA F 121 -13.58 -52.98 -4.26
CA ALA F 121 -14.88 -52.58 -3.73
C ALA F 121 -16.01 -53.33 -4.42
N ILE F 122 -15.88 -53.55 -5.73
CA ILE F 122 -16.88 -54.34 -6.45
C ILE F 122 -16.90 -55.77 -5.93
N ALA F 123 -15.73 -56.33 -5.66
CA ALA F 123 -15.67 -57.67 -5.09
C ALA F 123 -16.32 -57.72 -3.71
N ASN F 124 -16.09 -56.68 -2.90
CA ASN F 124 -16.72 -56.61 -1.58
C ASN F 124 -18.23 -56.53 -1.72
N ILE F 125 -18.72 -55.76 -2.69
CA ILE F 125 -20.16 -55.68 -2.94
C ILE F 125 -20.70 -57.04 -3.34
N ALA F 126 -19.97 -57.76 -4.19
CA ALA F 126 -20.38 -59.10 -4.60
C ALA F 126 -20.48 -60.04 -3.41
N LYS F 127 -19.48 -59.99 -2.52
CA LYS F 127 -19.50 -60.86 -1.34
C LYS F 127 -20.65 -60.50 -0.39
N GLN F 128 -20.86 -59.20 -0.16
CA GLN F 128 -21.89 -58.78 0.79
C GLN F 128 -23.29 -58.92 0.22
N ASN F 129 -23.43 -59.05 -1.10
CA ASN F 129 -24.71 -59.30 -1.74
C ASN F 129 -24.92 -60.79 -2.01
N ASN F 130 -23.98 -61.64 -1.60
CA ASN F 130 -24.05 -63.06 -1.93
C ASN F 130 -24.44 -63.21 -3.39
N MET F 131 -23.77 -62.48 -4.27
CA MET F 131 -24.22 -62.30 -5.64
C MET F 131 -22.97 -62.00 -6.45
N THR F 132 -22.42 -63.01 -7.13
CA THR F 132 -21.05 -62.93 -7.64
C THR F 132 -20.88 -61.79 -8.62
N LEU F 133 -19.62 -61.39 -8.84
CA LEU F 133 -19.31 -60.10 -9.46
C LEU F 133 -19.85 -59.98 -10.88
N ASP F 134 -19.75 -61.04 -11.68
CA ASP F 134 -20.24 -60.96 -13.06
C ASP F 134 -21.76 -60.87 -13.11
N GLN F 135 -22.43 -61.74 -12.36
CA GLN F 135 -23.88 -61.70 -12.35
C GLN F 135 -24.40 -60.49 -11.57
N MET F 136 -23.63 -60.01 -10.58
CA MET F 136 -23.96 -58.72 -9.97
C MET F 136 -23.85 -57.59 -10.97
N ARG F 137 -22.83 -57.62 -11.83
CA ARG F 137 -22.68 -56.61 -12.86
C ARG F 137 -23.86 -56.63 -13.82
N SER F 138 -24.32 -57.84 -14.20
CA SER F 138 -25.51 -57.94 -15.03
C SER F 138 -26.75 -57.40 -14.31
N ARG F 139 -26.87 -57.69 -13.01
CA ARG F 139 -27.95 -57.16 -12.20
C ARG F 139 -27.96 -55.63 -12.26
N LEU F 140 -26.79 -55.02 -12.04
CA LEU F 140 -26.69 -53.57 -12.12
C LEU F 140 -27.03 -53.07 -13.52
N ALA F 141 -26.55 -53.75 -14.56
CA ALA F 141 -26.75 -53.29 -15.92
C ALA F 141 -28.22 -53.25 -16.29
N TYR F 142 -28.98 -54.29 -15.93
CA TYR F 142 -30.39 -54.29 -16.31
C TYR F 142 -31.25 -53.56 -15.28
N ASP F 143 -30.72 -53.31 -14.08
CA ASP F 143 -31.47 -52.54 -13.10
C ASP F 143 -31.49 -51.05 -13.44
N GLY F 144 -30.48 -50.58 -14.16
CA GLY F 144 -30.42 -49.18 -14.55
C GLY F 144 -29.04 -48.57 -14.46
N LEU F 145 -28.22 -49.06 -13.54
CA LEU F 145 -26.87 -48.54 -13.34
C LEU F 145 -25.90 -49.34 -14.21
N ASN F 146 -25.49 -48.76 -15.33
CA ASN F 146 -24.59 -49.43 -16.25
C ASN F 146 -23.15 -49.35 -15.71
N TYR F 147 -22.18 -49.75 -16.54
CA TYR F 147 -20.82 -49.92 -16.05
C TYR F 147 -20.18 -48.58 -15.68
N ASN F 148 -20.28 -47.58 -16.56
CA ASN F 148 -19.61 -46.32 -16.31
C ASN F 148 -20.24 -45.57 -15.14
N THR F 149 -21.58 -45.57 -15.05
CA THR F 149 -22.23 -44.90 -13.92
C THR F 149 -21.86 -45.57 -12.62
N TYR F 150 -21.83 -46.90 -12.59
CA TYR F 150 -21.42 -47.62 -11.39
C TYR F 150 -19.98 -47.31 -11.02
N ARG F 151 -19.09 -47.27 -12.01
CA ARG F 151 -17.69 -46.94 -11.74
C ARG F 151 -17.57 -45.56 -11.12
N ASN F 152 -18.24 -44.56 -11.71
CA ASN F 152 -18.16 -43.21 -11.18
C ASN F 152 -18.78 -43.12 -9.80
N GLN F 153 -19.92 -43.79 -9.58
CA GLN F 153 -20.58 -43.75 -8.29
C GLN F 153 -19.71 -44.37 -7.20
N ILE F 154 -19.06 -45.50 -7.51
CA ILE F 154 -18.21 -46.14 -6.52
C ILE F 154 -16.97 -45.30 -6.25
N ARG F 155 -16.40 -44.70 -7.30
CA ARG F 155 -15.27 -43.79 -7.10
C ARG F 155 -15.65 -42.65 -6.16
N LYS F 156 -16.81 -42.05 -6.40
CA LYS F 156 -17.25 -40.92 -5.57
C LYS F 156 -17.52 -41.34 -4.14
N GLU F 157 -18.21 -42.47 -3.94
CA GLU F 157 -18.52 -42.88 -2.58
C GLU F 157 -17.25 -43.28 -1.82
N MET F 158 -16.32 -43.98 -2.48
CA MET F 158 -15.06 -44.30 -1.83
C MET F 158 -14.29 -43.04 -1.45
N ILE F 159 -14.23 -42.05 -2.36
CA ILE F 159 -13.43 -40.87 -2.06
C ILE F 159 -14.06 -40.04 -0.96
N ILE F 160 -15.40 -39.93 -0.95
CA ILE F 160 -16.04 -39.16 0.12
C ILE F 160 -15.91 -39.88 1.45
N SER F 161 -16.01 -41.21 1.46
CA SER F 161 -15.84 -41.95 2.70
C SER F 161 -14.41 -41.80 3.23
N GLU F 162 -13.42 -41.87 2.34
CA GLU F 162 -12.03 -41.69 2.74
C GLU F 162 -11.80 -40.30 3.31
N VAL F 163 -12.35 -39.27 2.65
CA VAL F 163 -12.20 -37.90 3.13
C VAL F 163 -12.85 -37.74 4.50
N ARG F 164 -14.07 -38.25 4.65
CA ARG F 164 -14.76 -38.17 5.93
C ARG F 164 -13.95 -38.83 7.03
N ASN F 165 -13.47 -40.05 6.78
CA ASN F 165 -12.74 -40.79 7.81
C ASN F 165 -11.47 -40.05 8.21
N ASN F 166 -10.67 -39.62 7.24
CA ASN F 166 -9.43 -38.92 7.58
C ASN F 166 -9.70 -37.63 8.33
N GLU F 167 -10.64 -36.82 7.82
CA GLU F 167 -10.92 -35.53 8.42
C GLU F 167 -11.45 -35.66 9.84
N VAL F 168 -12.28 -36.67 10.11
CA VAL F 168 -12.82 -36.83 11.45
C VAL F 168 -11.77 -37.42 12.39
N ARG F 169 -11.11 -38.51 11.98
CA ARG F 169 -10.12 -39.14 12.84
C ARG F 169 -8.93 -38.25 13.13
N ARG F 170 -8.69 -37.22 12.30
CA ARG F 170 -7.59 -36.31 12.63
C ARG F 170 -7.88 -35.49 13.88
N ARG F 171 -9.15 -35.22 14.18
CA ARG F 171 -9.53 -34.36 15.29
C ARG F 171 -10.15 -35.13 16.46
N ILE F 172 -10.07 -36.44 16.47
CA ILE F 172 -10.69 -37.23 17.52
C ILE F 172 -9.68 -37.48 18.65
N THR F 173 -10.20 -37.61 19.87
CA THR F 173 -9.36 -37.88 21.03
C THR F 173 -10.06 -38.86 21.96
N ILE F 174 -9.30 -39.81 22.49
CA ILE F 174 -9.79 -40.76 23.48
C ILE F 174 -8.73 -40.90 24.56
N LEU F 175 -9.09 -40.51 25.78
CA LEU F 175 -8.17 -40.69 26.91
C LEU F 175 -8.16 -42.15 27.34
N PRO F 176 -6.98 -42.71 27.64
CA PRO F 176 -6.88 -44.10 28.11
C PRO F 176 -7.27 -44.25 29.58
N GLN F 177 -8.42 -43.67 29.95
CA GLN F 177 -8.92 -43.72 31.32
C GLN F 177 -10.30 -44.35 31.42
N GLU F 178 -11.23 -43.93 30.57
CA GLU F 178 -12.61 -44.41 30.68
C GLU F 178 -12.81 -45.82 30.15
N VAL F 179 -11.82 -46.38 29.45
CA VAL F 179 -11.93 -47.77 29.00
C VAL F 179 -12.04 -48.71 30.19
N GLU F 180 -11.21 -48.50 31.21
CA GLU F 180 -11.29 -49.32 32.41
C GLU F 180 -12.62 -49.11 33.14
N SER F 181 -13.10 -47.87 33.17
CA SER F 181 -14.37 -47.59 33.84
C SER F 181 -15.52 -48.31 33.16
N LEU F 182 -15.56 -48.28 31.82
CA LEU F 182 -16.62 -48.98 31.10
C LEU F 182 -16.45 -50.50 31.23
N ALA F 183 -15.21 -50.99 31.28
CA ALA F 183 -15.00 -52.41 31.50
C ALA F 183 -15.55 -52.84 32.86
N GLN F 184 -15.30 -52.05 33.90
CA GLN F 184 -15.83 -52.38 35.22
C GLN F 184 -17.34 -52.25 35.26
N GLN F 185 -17.91 -51.30 34.52
CA GLN F 185 -19.36 -51.22 34.39
C GLN F 185 -19.91 -52.46 33.69
N VAL F 186 -19.22 -52.93 32.66
CA VAL F 186 -19.63 -54.12 31.94
C VAL F 186 -19.24 -55.38 32.72
N GLN F 415 -12.91 -53.94 28.37
CA GLN F 415 -11.82 -54.76 28.85
C GLN F 415 -11.05 -55.39 27.68
N LYS F 416 -9.72 -55.25 27.72
CA LYS F 416 -8.79 -55.63 26.65
C LYS F 416 -9.38 -55.32 25.28
N ASP F 417 -9.67 -54.04 25.07
CA ASP F 417 -10.10 -53.46 23.79
C ASP F 417 -11.49 -53.93 23.36
N ARG F 418 -12.26 -54.56 24.25
CA ARG F 418 -13.61 -54.97 23.88
C ARG F 418 -14.55 -53.78 23.83
N ALA F 419 -14.47 -52.88 24.81
CA ALA F 419 -15.28 -51.67 24.82
C ALA F 419 -14.62 -50.50 24.11
N TYR F 420 -13.32 -50.62 23.78
CA TYR F 420 -12.63 -49.53 23.10
C TYR F 420 -13.20 -49.29 21.72
N ARG F 421 -13.52 -50.38 21.00
CA ARG F 421 -14.12 -50.24 19.67
C ARG F 421 -15.47 -49.54 19.76
N MET F 422 -16.29 -49.92 20.73
CA MET F 422 -17.59 -49.27 20.92
C MET F 422 -17.42 -47.79 21.25
N LEU F 423 -16.47 -47.47 22.12
CA LEU F 423 -16.23 -46.08 22.49
C LEU F 423 -15.78 -45.26 21.28
N MET F 424 -14.87 -45.81 20.49
CA MET F 424 -14.42 -45.10 19.29
C MET F 424 -15.54 -44.94 18.29
N ASN F 425 -16.43 -45.95 18.21
CA ASN F 425 -17.57 -45.83 17.32
C ASN F 425 -18.51 -44.73 17.77
N ARG F 426 -18.76 -44.62 19.07
CA ARG F 426 -19.61 -43.54 19.59
C ARG F 426 -19.00 -42.18 19.31
N LYS F 427 -17.70 -42.05 19.55
CA LYS F 427 -17.02 -40.78 19.29
C LYS F 427 -17.08 -40.42 17.81
N PHE F 428 -16.91 -41.42 16.94
CA PHE F 428 -17.06 -41.20 15.51
C PHE F 428 -18.46 -40.74 15.15
N SER F 429 -19.47 -41.38 15.73
CA SER F 429 -20.85 -41.03 15.43
C SER F 429 -21.15 -39.59 15.82
N GLU F 430 -20.66 -39.17 16.98
CA GLU F 430 -20.90 -37.78 17.40
C GLU F 430 -20.11 -36.80 16.55
N GLU F 431 -18.82 -37.07 16.35
CA GLU F 431 -17.94 -36.09 15.71
C GLU F 431 -18.26 -35.94 14.23
N ALA F 432 -18.62 -37.03 13.54
CA ALA F 432 -18.98 -36.93 12.13
C ALA F 432 -20.22 -36.07 11.94
N ALA F 433 -21.24 -36.27 12.78
CA ALA F 433 -22.44 -35.43 12.68
C ALA F 433 -22.13 -33.98 12.97
N SER F 434 -21.32 -33.71 14.00
CA SER F 434 -20.94 -32.34 14.30
C SER F 434 -20.21 -31.70 13.13
N TRP F 435 -19.26 -32.42 12.53
CA TRP F 435 -18.52 -31.90 11.39
C TRP F 435 -19.44 -31.66 10.20
N MET F 436 -20.40 -32.56 9.97
CA MET F 436 -21.35 -32.36 8.88
C MET F 436 -22.14 -31.08 9.07
N GLN F 437 -22.64 -30.86 10.28
CA GLN F 437 -23.38 -29.61 10.53
C GLN F 437 -22.49 -28.40 10.33
N GLU F 438 -21.25 -28.47 10.83
CA GLU F 438 -20.33 -27.34 10.72
C GLU F 438 -20.03 -26.99 9.27
N GLN F 439 -19.83 -28.00 8.43
CA GLN F 439 -19.49 -27.73 7.03
C GLN F 439 -20.73 -27.32 6.23
N ARG F 440 -21.88 -27.94 6.50
CA ARG F 440 -23.09 -27.59 5.77
C ARG F 440 -23.51 -26.16 6.06
N ALA F 441 -23.35 -25.71 7.31
CA ALA F 441 -23.78 -24.36 7.66
C ALA F 441 -23.01 -23.29 6.90
N SER F 442 -21.71 -23.53 6.65
CA SER F 442 -20.82 -22.52 6.10
C SER F 442 -20.38 -22.83 4.67
N ALA F 443 -21.29 -23.38 3.86
CA ALA F 443 -21.01 -23.68 2.46
C ALA F 443 -21.95 -22.89 1.57
N TYR F 444 -21.41 -22.23 0.56
CA TYR F 444 -22.22 -21.41 -0.33
C TYR F 444 -23.08 -22.30 -1.22
N VAL F 445 -24.40 -22.19 -1.07
CA VAL F 445 -25.35 -22.95 -1.86
C VAL F 445 -26.47 -22.03 -2.30
N LYS F 446 -26.88 -22.16 -3.57
CA LYS F 446 -28.04 -21.47 -4.11
C LYS F 446 -28.96 -22.50 -4.74
N ILE F 447 -30.13 -22.70 -4.14
CA ILE F 447 -31.06 -23.73 -4.57
C ILE F 447 -31.90 -23.15 -5.71
N LEU F 448 -31.64 -23.60 -6.93
CA LEU F 448 -32.40 -23.14 -8.08
C LEU F 448 -33.73 -23.86 -8.23
N SER F 449 -33.93 -24.96 -7.51
CA SER F 449 -35.18 -25.73 -7.53
C SER F 449 -35.44 -26.17 -8.97
N ASN F 450 -36.67 -26.03 -9.49
CA ASN F 450 -36.96 -26.43 -10.85
C ASN F 450 -37.02 -27.94 -10.96
N UNK F 453 -31.28 -39.65 8.25
CA UNK F 453 -30.24 -39.94 7.26
C UNK F 453 -30.86 -40.34 5.93
N UNK F 454 -30.09 -41.07 5.12
CA UNK F 454 -30.55 -41.52 3.81
C UNK F 454 -30.44 -43.03 3.72
N UNK F 455 -31.52 -43.68 3.29
CA UNK F 455 -31.51 -45.12 3.16
C UNK F 455 -30.72 -45.58 1.93
N UNK F 456 -30.68 -44.74 0.89
CA UNK F 456 -29.97 -45.06 -0.34
C UNK F 456 -30.47 -46.35 -0.96
N UNK F 457 -29.63 -47.00 -1.78
CA UNK F 457 -29.99 -48.27 -2.38
C UNK F 457 -29.86 -49.44 -1.41
N UNK F 458 -29.38 -49.19 -0.19
CA UNK F 458 -29.19 -50.21 0.84
C UNK F 458 -28.14 -51.23 0.42
N UNK F 459 -28.49 -52.09 -0.52
CA UNK F 459 -27.53 -53.05 -1.05
C UNK F 459 -26.63 -52.40 -2.09
N UNK F 460 -25.58 -53.12 -2.48
CA UNK F 460 -24.62 -52.67 -3.49
C UNK F 460 -23.95 -51.36 -3.09
N UNK F 461 -23.96 -51.06 -1.80
CA UNK F 461 -23.30 -49.87 -1.27
C UNK F 461 -22.15 -50.31 -0.37
N UNK F 462 -20.94 -49.85 -0.68
CA UNK F 462 -19.75 -50.22 0.05
C UNK F 462 -19.40 -49.13 1.07
N UNK F 463 -18.26 -49.28 1.71
CA UNK F 463 -17.83 -48.31 2.73
C UNK F 463 -16.82 -47.33 2.14
N UNK F 465 -10.57 32.16 -12.92
CA UNK F 465 -9.61 32.33 -14.03
C UNK F 465 -9.47 31.01 -14.80
N UNK F 466 -9.49 31.08 -16.13
CA UNK F 466 -9.34 29.86 -16.96
C UNK F 466 -7.97 29.23 -16.70
N UNK F 467 -7.88 27.90 -16.80
CA UNK F 467 -6.60 27.19 -16.56
C UNK F 467 -6.42 26.09 -17.60
N UNK F 468 -5.17 25.71 -17.89
CA UNK F 468 -4.89 24.65 -18.89
C UNK F 468 -3.63 23.88 -18.48
N UNK F 469 -3.42 22.69 -19.04
CA UNK F 469 -2.23 21.87 -18.70
C UNK F 469 -1.55 21.41 -20.00
N UNK F 471 4.33 23.49 -19.47
CA UNK F 471 3.43 22.54 -18.76
C UNK F 471 2.31 23.30 -18.06
N UNK F 472 2.51 23.65 -16.77
CA UNK F 472 1.47 24.36 -16.00
C UNK F 472 1.14 25.69 -16.68
N UNK F 473 -0.15 26.07 -16.70
CA UNK F 473 -0.55 27.36 -17.30
C UNK F 473 -1.69 27.97 -16.48
N UNK F 474 -1.59 29.25 -16.13
CA UNK F 474 -2.64 29.92 -15.32
C UNK F 474 -3.15 31.17 -16.04
N UNK F 475 -4.47 31.29 -16.19
CA UNK F 475 -5.06 32.48 -16.86
C UNK F 475 -5.91 33.25 -15.85
N UNK F 476 -5.51 34.48 -15.52
CA UNK F 476 -6.26 35.32 -14.56
C UNK F 476 -6.21 36.79 -15.00
N UNK F 477 -7.31 37.53 -14.80
CA UNK F 477 -7.35 38.96 -15.20
C UNK F 477 -6.64 39.14 -16.54
N TRP F 617 -4.83 47.20 -14.93
CA TRP F 617 -4.13 46.11 -15.66
C TRP F 617 -3.61 45.08 -14.65
N ILE F 618 -3.90 43.80 -14.88
CA ILE F 618 -3.41 42.71 -13.97
C ILE F 618 -3.22 41.43 -14.80
N ALA F 619 -3.04 41.57 -16.11
CA ALA F 619 -2.89 40.39 -16.99
C ALA F 619 -1.41 39.98 -17.06
N GLY F 620 -1.05 38.89 -16.36
CA GLY F 620 0.34 38.40 -16.40
C GLY F 620 0.40 36.89 -16.50
N VAL F 621 1.13 36.36 -17.49
CA VAL F 621 1.24 34.88 -17.68
C VAL F 621 2.04 34.29 -16.50
N GLY F 622 1.69 33.08 -16.08
CA GLY F 622 2.44 32.41 -14.99
C GLY F 622 2.78 30.98 -15.35
N TYR F 623 3.20 30.73 -16.59
CA TYR F 623 3.52 29.36 -17.05
C TYR F 623 4.76 28.83 -16.33
N CYS F 624 4.73 27.57 -15.90
CA CYS F 624 5.89 26.96 -15.27
C CYS F 624 6.36 25.77 -16.09
N PHE F 625 7.65 25.76 -16.40
CA PHE F 625 8.25 24.71 -17.21
C PHE F 625 8.13 23.35 -16.51
#